data_6JTT
#
_entry.id   6JTT
#
_cell.length_a   215.259
_cell.length_b   173.799
_cell.length_c   106.671
_cell.angle_alpha   90.000
_cell.angle_beta   119.510
_cell.angle_gamma   90.000
#
_symmetry.space_group_name_H-M   'C 1 2 1'
#
loop_
_entity.id
_entity.type
_entity.pdbx_description
1 polymer 'Mono(2-hydroxyethyl) terephthalate hydrolase'
2 non-polymer '4-(2-hydroxyethyloxycarbonyl)benzoic acid'
3 non-polymer 'CALCIUM ION'
4 non-polymer 'bis(2-hydroxyethyl) benzene-1,4-dicarboxylate'
5 water water
#
_entity_poly.entity_id   1
_entity_poly.type   'polypeptide(L)'
_entity_poly.pdbx_seq_one_letter_code
;MMITLRKLPLAVAVAAGVMSAQAMAMACAGGGSTPLPLPQQQPPQQEPPPPPVPLASRAACEALKDGNGDMVWPNAATVV
EVAAWRDAAPATASAAALPEHCEVSGAIAKRTGIDGYPYEIKFRLRMPAEWNGRFFMEGGSGTNGSLSAATGSIGGGQIA
SALSRNFATIATDGGHDNAVNDNPDALGTVAFGLDPQARLDMGYNSYDQVTQAGKAAVARFYGRAADKSYFIGCSEGGRE
GMMLSQRFPSHYDGIVAGAPGYQLPKAGISGAWTTQSLAPAAVGLDAQGVPLINKSFSDADLHLLSQAILGTCDALDGLA
DGIVDNYRACQAAFDPATAANPANGQALQCVGAKTADCLSPVQVTAIKRAMAGPVNSAGTPLYNRWAWDAGMSGLSGTTY
NQGWRSWWLGSFNSSANNAQRVSGFSARSWLVDFATPPEPMPMTQVAARMMKFDFDIDPLKIWATSGQFTQSSMDWHGAT
STDLAAFRDRGGKMILYHGMSDAAFSALDTADYYERLGAAMPGAAGFARLFLVPGMNHCSGGPGTDRFDMLTPLVAWVER
GEAPDQISAWSGTPGYFGVAARTRPLCPYPQIARYKGSGDINTEANFACAAPPLEHHHHHH
;
_entity_poly.pdbx_strand_id   A,B,C
#
# COMPACT_ATOMS: atom_id res chain seq x y z
N VAL A 53 -38.05 -24.78 -31.21
CA VAL A 53 -37.09 -23.79 -30.59
C VAL A 53 -36.76 -24.25 -29.18
N PRO A 54 -35.58 -24.89 -28.95
CA PRO A 54 -35.21 -25.38 -27.61
C PRO A 54 -35.03 -24.22 -26.61
N LEU A 55 -35.33 -24.49 -25.34
CA LEU A 55 -35.22 -23.51 -24.24
C LEU A 55 -33.75 -23.26 -23.90
N ALA A 56 -33.43 -22.12 -23.28
CA ALA A 56 -32.08 -21.82 -22.72
C ALA A 56 -31.03 -21.92 -23.83
N SER A 57 -31.41 -21.63 -25.07
CA SER A 57 -30.63 -21.81 -26.32
C SER A 57 -30.33 -20.47 -26.99
N ARG A 58 -29.39 -20.47 -27.94
CA ARG A 58 -29.04 -19.26 -28.74
C ARG A 58 -30.28 -18.79 -29.51
N ALA A 59 -31.13 -19.71 -29.95
CA ALA A 59 -32.32 -19.39 -30.76
C ALA A 59 -33.40 -18.78 -29.84
N ALA A 60 -33.55 -19.30 -28.62
CA ALA A 60 -34.54 -18.79 -27.66
C ALA A 60 -34.20 -17.33 -27.34
N CYS A 61 -32.92 -17.01 -27.27
CA CYS A 61 -32.44 -15.66 -26.92
C CYS A 61 -32.84 -14.74 -28.07
N GLU A 62 -32.36 -15.06 -29.25
CA GLU A 62 -32.54 -14.28 -30.49
C GLU A 62 -34.06 -14.01 -30.68
N ALA A 63 -34.93 -15.00 -30.43
CA ALA A 63 -36.40 -14.96 -30.57
C ALA A 63 -37.06 -13.91 -29.66
N LEU A 64 -36.36 -13.38 -28.64
CA LEU A 64 -36.94 -12.37 -27.72
C LEU A 64 -36.92 -10.98 -28.38
N LYS A 65 -36.32 -10.85 -29.57
CA LYS A 65 -35.90 -9.55 -30.17
C LYS A 65 -37.07 -8.80 -30.78
N GLY A 67 -39.73 -8.48 -32.74
CA GLY A 67 -40.43 -8.58 -34.04
C GLY A 67 -41.91 -8.92 -33.88
N ASN A 68 -42.43 -9.71 -34.83
CA ASN A 68 -43.78 -10.35 -34.86
C ASN A 68 -43.67 -11.75 -34.20
N GLY A 69 -42.52 -12.06 -33.57
CA GLY A 69 -42.31 -13.21 -32.66
C GLY A 69 -43.29 -13.19 -31.50
N ASP A 70 -43.27 -14.23 -30.68
CA ASP A 70 -44.41 -14.66 -29.83
C ASP A 70 -44.22 -14.22 -28.37
N MET A 71 -43.20 -13.40 -28.07
CA MET A 71 -42.89 -13.00 -26.66
C MET A 71 -43.95 -12.00 -26.25
N VAL A 72 -44.60 -12.23 -25.11
CA VAL A 72 -45.72 -11.39 -24.58
C VAL A 72 -45.21 -10.68 -23.31
N TRP A 73 -44.96 -9.37 -23.42
CA TRP A 73 -44.42 -8.55 -22.30
C TRP A 73 -45.61 -8.15 -21.46
N PRO A 74 -45.47 -8.09 -20.13
CA PRO A 74 -46.52 -7.55 -19.26
C PRO A 74 -46.92 -6.11 -19.66
N ASN A 75 -45.97 -5.31 -20.11
CA ASN A 75 -46.22 -3.94 -20.62
C ASN A 75 -46.08 -4.02 -22.16
N ALA A 76 -47.11 -3.63 -22.88
CA ALA A 76 -47.15 -3.67 -24.36
C ALA A 76 -46.12 -2.69 -24.93
N ALA A 77 -45.74 -1.64 -24.19
CA ALA A 77 -44.72 -0.66 -24.67
C ALA A 77 -43.28 -1.08 -24.27
N THR A 78 -42.95 -2.36 -24.38
CA THR A 78 -41.56 -2.88 -24.18
C THR A 78 -40.87 -3.03 -25.54
N VAL A 79 -39.70 -2.43 -25.74
CA VAL A 79 -38.96 -2.57 -27.03
C VAL A 79 -37.60 -3.21 -26.74
N VAL A 80 -37.36 -4.39 -27.28
CA VAL A 80 -36.04 -5.08 -27.17
C VAL A 80 -35.10 -4.56 -28.27
N GLU A 81 -34.00 -3.90 -27.86
CA GLU A 81 -32.91 -3.40 -28.74
C GLU A 81 -31.89 -4.51 -28.99
N VAL A 82 -31.56 -5.31 -27.98
CA VAL A 82 -30.42 -6.26 -28.05
C VAL A 82 -30.89 -7.57 -27.45
N ALA A 83 -30.64 -8.67 -28.16
CA ALA A 83 -30.81 -10.05 -27.66
C ALA A 83 -29.65 -10.86 -28.21
N ALA A 84 -28.56 -10.92 -27.46
CA ALA A 84 -27.25 -11.44 -27.92
C ALA A 84 -26.83 -12.59 -27.02
N TRP A 85 -26.29 -13.63 -27.63
CA TRP A 85 -25.59 -14.74 -26.96
C TRP A 85 -24.16 -14.32 -26.59
N ARG A 86 -23.77 -14.49 -25.33
CA ARG A 86 -22.41 -14.16 -24.84
C ARG A 86 -21.71 -15.46 -24.40
N ASP A 87 -20.52 -15.68 -24.94
CA ASP A 87 -19.56 -16.72 -24.49
C ASP A 87 -19.24 -16.51 -23.01
N ALA A 88 -19.04 -17.61 -22.29
CA ALA A 88 -18.45 -17.63 -20.93
C ALA A 88 -17.19 -16.74 -20.98
N ALA A 89 -17.01 -15.93 -19.95
CA ALA A 89 -15.88 -14.98 -19.89
C ALA A 89 -14.96 -15.41 -18.74
N PRO A 90 -13.64 -15.44 -18.98
CA PRO A 90 -12.69 -15.76 -17.91
C PRO A 90 -12.71 -14.78 -16.71
N ALA A 91 -12.37 -15.29 -15.51
CA ALA A 91 -12.04 -14.49 -14.31
C ALA A 91 -10.91 -13.54 -14.69
N THR A 92 -10.93 -12.33 -14.11
CA THR A 92 -9.85 -11.30 -14.21
C THR A 92 -9.40 -11.00 -12.77
N ALA A 93 -8.39 -10.16 -12.61
CA ALA A 93 -8.02 -9.59 -11.29
C ALA A 93 -9.26 -8.99 -10.58
N SER A 94 -10.20 -8.35 -11.32
CA SER A 94 -11.31 -7.55 -10.71
C SER A 94 -12.69 -8.26 -10.76
N ALA A 95 -12.87 -9.36 -11.48
CA ALA A 95 -14.22 -10.00 -11.57
C ALA A 95 -14.11 -11.52 -11.63
N ALA A 96 -15.07 -12.23 -11.04
CA ALA A 96 -15.21 -13.70 -11.20
C ALA A 96 -15.64 -14.03 -12.65
N ALA A 97 -15.34 -15.25 -13.07
CA ALA A 97 -15.74 -15.80 -14.38
C ALA A 97 -17.26 -15.63 -14.54
N LEU A 98 -17.70 -15.20 -15.71
CA LEU A 98 -19.12 -15.06 -16.10
C LEU A 98 -19.51 -16.22 -17.00
N PRO A 99 -20.62 -16.92 -16.69
CA PRO A 99 -21.10 -18.01 -17.53
C PRO A 99 -21.61 -17.57 -18.91
N GLU A 100 -21.77 -18.56 -19.78
CA GLU A 100 -22.39 -18.37 -21.10
C GLU A 100 -23.84 -17.90 -20.85
N HIS A 101 -24.29 -16.88 -21.56
CA HIS A 101 -25.63 -16.31 -21.27
C HIS A 101 -26.24 -15.51 -22.42
N CYS A 102 -27.52 -15.25 -22.28
CA CYS A 102 -28.34 -14.41 -23.18
C CYS A 102 -28.39 -13.02 -22.55
N GLU A 103 -27.92 -12.00 -23.26
CA GLU A 103 -28.02 -10.57 -22.87
C GLU A 103 -29.19 -9.95 -23.64
N VAL A 104 -30.22 -9.52 -22.92
CA VAL A 104 -31.38 -8.77 -23.48
C VAL A 104 -31.35 -7.36 -22.91
N SER A 105 -31.22 -6.34 -23.74
CA SER A 105 -31.37 -4.94 -23.30
C SER A 105 -32.50 -4.30 -24.11
N GLY A 106 -33.14 -3.30 -23.52
CA GLY A 106 -34.20 -2.52 -24.19
C GLY A 106 -34.79 -1.46 -23.28
N ALA A 107 -36.04 -1.08 -23.54
CA ALA A 107 -36.66 0.10 -22.92
C ALA A 107 -38.16 -0.10 -22.85
N ILE A 108 -38.75 0.43 -21.80
CA ILE A 108 -40.21 0.38 -21.56
C ILE A 108 -40.74 1.81 -21.53
N ALA A 109 -41.82 2.08 -22.27
CA ALA A 109 -42.66 3.29 -22.13
C ALA A 109 -41.82 4.50 -22.57
N LYS A 110 -41.16 4.38 -23.72
CA LYS A 110 -40.55 5.49 -24.49
C LYS A 110 -41.66 6.56 -24.73
N ARG A 111 -41.39 7.81 -24.33
CA ARG A 111 -42.39 8.91 -24.35
C ARG A 111 -41.62 10.24 -24.27
N THR A 112 -42.35 11.36 -24.34
CA THR A 112 -41.80 12.74 -24.25
C THR A 112 -42.33 13.34 -22.95
N GLY A 113 -41.43 13.90 -22.14
CA GLY A 113 -41.77 14.62 -20.91
C GLY A 113 -42.45 15.94 -21.20
N ILE A 114 -42.94 16.63 -20.16
CA ILE A 114 -43.62 17.95 -20.26
C ILE A 114 -42.53 19.00 -20.41
N ASP A 115 -41.27 18.58 -20.31
CA ASP A 115 -40.05 19.40 -20.45
C ASP A 115 -39.50 19.27 -21.89
N GLY A 116 -40.21 18.60 -22.80
CA GLY A 116 -39.70 18.34 -24.16
C GLY A 116 -38.58 17.29 -24.22
N TYR A 117 -38.09 16.76 -23.10
CA TYR A 117 -37.01 15.72 -23.14
C TYR A 117 -37.62 14.31 -23.37
N PRO A 118 -36.88 13.38 -24.01
CA PRO A 118 -37.30 11.97 -24.09
C PRO A 118 -37.05 11.21 -22.78
N TYR A 119 -37.91 10.23 -22.53
CA TYR A 119 -37.83 9.37 -21.31
C TYR A 119 -38.17 7.93 -21.71
N GLU A 120 -37.47 7.01 -21.05
CA GLU A 120 -37.81 5.59 -21.11
C GLU A 120 -37.21 4.94 -19.87
N ILE A 121 -37.72 3.77 -19.52
CA ILE A 121 -37.15 2.89 -18.47
C ILE A 121 -36.25 1.86 -19.14
N LYS A 122 -34.95 2.09 -19.15
CA LYS A 122 -34.02 1.10 -19.77
C LYS A 122 -33.84 -0.08 -18.82
N PHE A 123 -33.62 -1.26 -19.36
CA PHE A 123 -33.23 -2.42 -18.55
C PHE A 123 -32.17 -3.22 -19.29
N ARG A 124 -31.45 -4.02 -18.54
CA ARG A 124 -30.51 -4.99 -19.10
C ARG A 124 -30.66 -6.30 -18.31
N LEU A 125 -30.86 -7.41 -19.02
CA LEU A 125 -31.15 -8.71 -18.41
C LEU A 125 -30.12 -9.71 -18.89
N ARG A 126 -29.54 -10.52 -17.98
CA ARG A 126 -28.53 -11.55 -18.35
C ARG A 126 -29.05 -12.89 -17.86
N MET A 127 -29.25 -13.83 -18.77
CA MET A 127 -29.89 -15.13 -18.47
C MET A 127 -28.91 -16.24 -18.84
N PRO A 128 -28.22 -16.84 -17.86
CA PRO A 128 -27.24 -17.88 -18.13
C PRO A 128 -27.86 -19.09 -18.82
N ALA A 129 -27.07 -19.75 -19.66
CA ALA A 129 -27.48 -21.00 -20.33
C ALA A 129 -27.78 -22.05 -19.26
N GLU A 130 -26.95 -22.11 -18.23
CA GLU A 130 -27.08 -23.05 -17.09
C GLU A 130 -27.46 -22.21 -15.88
N TRP A 131 -28.69 -22.39 -15.41
CA TRP A 131 -29.37 -21.48 -14.47
C TRP A 131 -29.62 -22.17 -13.15
N ASN A 132 -29.48 -21.45 -12.04
CA ASN A 132 -29.73 -22.00 -10.68
C ASN A 132 -31.21 -21.80 -10.26
N GLY A 133 -32.07 -21.28 -11.16
CA GLY A 133 -33.53 -21.12 -10.93
C GLY A 133 -33.87 -19.84 -10.16
N ARG A 134 -32.89 -18.98 -9.90
CA ARG A 134 -33.09 -17.77 -9.07
C ARG A 134 -32.98 -16.53 -9.95
N PHE A 135 -33.75 -15.53 -9.58
CA PHE A 135 -33.80 -14.23 -10.28
C PHE A 135 -33.18 -13.23 -9.32
N PHE A 136 -32.47 -12.23 -9.86
CA PHE A 136 -31.71 -11.28 -9.01
C PHE A 136 -31.82 -9.90 -9.59
N MET A 137 -32.10 -8.88 -8.79
CA MET A 137 -32.05 -7.49 -9.31
C MET A 137 -31.10 -6.67 -8.45
N GLU A 138 -30.21 -5.89 -9.05
CA GLU A 138 -29.31 -4.97 -8.32
C GLU A 138 -30.00 -3.61 -8.22
N GLY A 139 -29.81 -2.93 -7.09
CA GLY A 139 -30.35 -1.56 -6.91
C GLY A 139 -29.47 -0.52 -7.59
N GLY A 140 -29.88 0.75 -7.56
CA GLY A 140 -29.14 1.86 -8.19
C GLY A 140 -28.29 2.59 -7.16
N SER A 141 -27.92 3.82 -7.49
CA SER A 141 -27.17 4.77 -6.64
C SER A 141 -27.33 6.16 -7.21
N GLY A 142 -27.05 7.16 -6.37
CA GLY A 142 -27.26 8.58 -6.66
C GLY A 142 -28.69 8.78 -7.07
N THR A 143 -28.86 9.43 -8.22
CA THR A 143 -30.17 9.71 -8.83
C THR A 143 -30.36 8.79 -10.04
N ASN A 144 -29.63 7.65 -10.06
CA ASN A 144 -29.69 6.61 -11.11
C ASN A 144 -29.38 7.29 -12.44
N GLY A 145 -30.01 6.87 -13.53
CA GLY A 145 -29.71 7.46 -14.86
C GLY A 145 -28.61 6.71 -15.60
N SER A 146 -27.99 5.70 -15.00
CA SER A 146 -26.99 4.89 -15.73
C SER A 146 -27.46 3.44 -15.78
N LEU A 147 -27.18 2.78 -16.90
CA LEU A 147 -27.46 1.34 -17.07
C LEU A 147 -26.13 0.60 -16.92
N SER A 148 -25.97 -0.11 -15.80
CA SER A 148 -24.78 -0.92 -15.48
C SER A 148 -24.70 -2.12 -16.44
N ALA A 149 -23.59 -2.83 -16.37
CA ALA A 149 -23.31 -4.11 -17.06
C ALA A 149 -24.35 -5.17 -16.66
N ALA A 150 -24.93 -5.07 -15.45
CA ALA A 150 -26.02 -5.92 -14.95
C ALA A 150 -25.55 -7.37 -14.84
N THR A 151 -24.41 -7.59 -14.19
CA THR A 151 -23.94 -8.95 -13.81
C THR A 151 -24.45 -9.26 -12.40
N GLY A 152 -25.05 -8.26 -11.75
CA GLY A 152 -25.61 -8.42 -10.39
C GLY A 152 -24.58 -8.22 -9.29
N SER A 153 -24.25 -6.96 -9.07
CA SER A 153 -23.43 -6.52 -7.92
C SER A 153 -24.11 -6.99 -6.64
N ILE A 154 -23.36 -7.47 -5.65
CA ILE A 154 -23.92 -7.88 -4.32
C ILE A 154 -23.39 -6.93 -3.26
N GLY A 155 -22.79 -5.80 -3.66
CA GLY A 155 -22.10 -4.86 -2.76
C GLY A 155 -21.12 -5.57 -1.85
N GLY A 156 -20.87 -4.96 -0.68
CA GLY A 156 -19.87 -5.42 0.32
C GLY A 156 -18.50 -5.68 -0.29
N GLY A 157 -18.09 -4.90 -1.30
CA GLY A 157 -16.83 -5.04 -2.06
C GLY A 157 -16.58 -6.46 -2.56
N GLN A 158 -17.61 -7.22 -2.95
CA GLN A 158 -17.39 -8.62 -3.37
C GLN A 158 -16.87 -8.63 -4.81
N ILE A 159 -16.00 -9.60 -5.09
CA ILE A 159 -15.46 -9.91 -6.45
C ILE A 159 -16.60 -10.55 -7.28
N ALA A 160 -17.36 -11.44 -6.66
CA ALA A 160 -18.36 -12.27 -7.36
C ALA A 160 -19.63 -11.44 -7.62
N SER A 161 -20.13 -11.54 -8.84
CA SER A 161 -21.47 -11.07 -9.28
C SER A 161 -22.49 -12.22 -9.10
N ALA A 162 -23.76 -11.89 -9.03
CA ALA A 162 -24.84 -12.90 -8.99
C ALA A 162 -24.80 -13.71 -10.29
N LEU A 163 -24.46 -13.07 -11.41
CA LEU A 163 -24.39 -13.83 -12.69
C LEU A 163 -23.27 -14.87 -12.56
N SER A 164 -22.22 -14.54 -11.81
CA SER A 164 -21.08 -15.48 -11.69
C SER A 164 -21.56 -16.72 -10.91
N ARG A 165 -22.68 -16.64 -10.20
CA ARG A 165 -23.20 -17.83 -9.47
C ARG A 165 -24.42 -18.40 -10.19
N ASN A 166 -24.63 -18.00 -11.44
CA ASN A 166 -25.64 -18.66 -12.33
C ASN A 166 -27.05 -18.20 -11.96
N PHE A 167 -27.18 -17.03 -11.33
CA PHE A 167 -28.43 -16.25 -11.25
C PHE A 167 -28.73 -15.61 -12.61
N ALA A 168 -30.01 -15.45 -12.94
CA ALA A 168 -30.49 -14.50 -13.96
C ALA A 168 -30.51 -13.11 -13.32
N THR A 169 -29.94 -12.09 -13.97
CA THR A 169 -29.64 -10.77 -13.36
C THR A 169 -30.24 -9.65 -14.21
N ILE A 170 -30.77 -8.60 -13.57
CA ILE A 170 -31.41 -7.46 -14.27
C ILE A 170 -31.05 -6.17 -13.54
N ALA A 171 -30.92 -5.09 -14.29
CA ALA A 171 -30.71 -3.73 -13.74
C ALA A 171 -31.51 -2.75 -14.60
N THR A 172 -31.81 -1.57 -14.04
CA THR A 172 -32.53 -0.49 -14.73
C THR A 172 -31.76 0.78 -14.51
N ASP A 173 -32.06 1.81 -15.29
CA ASP A 173 -31.52 3.17 -15.12
C ASP A 173 -32.49 4.02 -14.28
N GLY A 174 -33.69 3.53 -13.99
CA GLY A 174 -34.67 4.20 -13.12
C GLY A 174 -35.61 5.14 -13.89
N GLY A 175 -35.50 5.16 -15.24
CA GLY A 175 -36.48 5.85 -16.09
C GLY A 175 -35.96 7.16 -16.65
N HIS A 176 -34.68 7.47 -16.46
CA HIS A 176 -33.99 8.57 -17.19
C HIS A 176 -32.56 8.15 -17.49
N ASP A 177 -31.90 8.88 -18.39
CA ASP A 177 -30.55 8.59 -18.94
C ASP A 177 -29.66 9.83 -18.71
N ASN A 178 -28.57 9.68 -17.96
CA ASN A 178 -27.63 10.80 -17.65
C ASN A 178 -27.08 11.46 -18.92
N ALA A 179 -27.00 10.75 -20.06
CA ALA A 179 -26.47 11.25 -21.36
C ALA A 179 -27.50 12.13 -22.09
N VAL A 180 -28.80 11.93 -21.87
CA VAL A 180 -29.89 12.56 -22.70
C VAL A 180 -30.70 13.54 -21.83
N ASN A 181 -30.90 13.22 -20.54
CA ASN A 181 -31.68 13.99 -19.54
C ASN A 181 -30.70 14.81 -18.69
N ASP A 182 -29.84 15.55 -19.39
CA ASP A 182 -28.79 16.42 -18.83
C ASP A 182 -29.18 17.83 -19.28
N ASN A 183 -29.72 18.63 -18.36
CA ASN A 183 -30.30 19.96 -18.69
C ASN A 183 -29.50 21.01 -17.95
N PRO A 184 -28.76 21.86 -18.71
CA PRO A 184 -27.85 22.85 -18.09
C PRO A 184 -28.65 23.92 -17.34
N ASP A 185 -29.94 24.10 -17.67
CA ASP A 185 -30.84 25.03 -16.95
C ASP A 185 -31.60 24.34 -15.81
N ALA A 186 -31.32 23.06 -15.50
CA ALA A 186 -31.99 22.34 -14.39
C ALA A 186 -30.98 21.47 -13.61
N LEU A 187 -29.75 21.95 -13.51
CA LEU A 187 -28.67 21.41 -12.65
C LEU A 187 -28.19 20.06 -13.17
N GLY A 188 -28.22 19.83 -14.46
CA GLY A 188 -27.46 18.68 -15.00
C GLY A 188 -28.25 17.37 -14.94
N THR A 189 -27.66 16.33 -14.36
CA THR A 189 -28.19 14.95 -14.47
C THR A 189 -29.36 14.73 -13.51
N VAL A 190 -29.81 15.77 -12.79
CA VAL A 190 -30.96 15.72 -11.85
C VAL A 190 -32.20 16.26 -12.58
N ALA A 191 -32.06 16.57 -13.85
CA ALA A 191 -33.04 17.35 -14.63
C ALA A 191 -34.32 16.55 -14.84
N PHE A 192 -34.26 15.24 -14.59
CA PHE A 192 -35.44 14.35 -14.73
C PHE A 192 -36.57 14.90 -13.87
N GLY A 193 -36.24 15.53 -12.73
CA GLY A 193 -37.23 15.98 -11.75
C GLY A 193 -38.21 16.98 -12.36
N LEU A 194 -37.89 17.60 -13.49
CA LEU A 194 -38.84 18.54 -14.14
C LEU A 194 -40.02 17.77 -14.73
N ASP A 195 -39.90 16.45 -14.99
CA ASP A 195 -41.03 15.63 -15.52
C ASP A 195 -41.68 14.80 -14.39
N PRO A 196 -43.00 14.99 -14.12
CA PRO A 196 -43.69 14.27 -13.05
C PRO A 196 -43.66 12.74 -13.16
N GLN A 197 -43.91 12.18 -14.35
CA GLN A 197 -43.86 10.70 -14.57
C GLN A 197 -42.43 10.20 -14.30
N ALA A 198 -41.38 10.91 -14.72
CA ALA A 198 -39.96 10.50 -14.53
C ALA A 198 -39.65 10.44 -13.04
N ARG A 199 -40.33 11.27 -12.23
CA ARG A 199 -40.31 11.20 -10.75
C ARG A 199 -40.90 9.87 -10.24
N LEU A 200 -42.14 9.56 -10.64
CA LEU A 200 -42.82 8.29 -10.24
C LEU A 200 -41.95 7.10 -10.70
N ASP A 201 -41.36 7.15 -11.88
CA ASP A 201 -40.45 6.09 -12.38
C ASP A 201 -39.19 5.98 -11.50
N MET A 202 -38.59 7.10 -11.09
CA MET A 202 -37.40 7.08 -10.23
C MET A 202 -37.79 6.52 -8.85
N GLY A 203 -39.03 6.74 -8.42
CA GLY A 203 -39.47 6.38 -7.05
C GLY A 203 -39.84 4.92 -6.91
N TYR A 204 -40.64 4.42 -7.83
CA TYR A 204 -41.26 3.09 -7.67
C TYR A 204 -41.50 2.43 -9.02
N ASN A 205 -41.92 3.12 -10.07
CA ASN A 205 -42.53 2.44 -11.25
C ASN A 205 -41.45 1.74 -12.09
N SER A 206 -40.26 2.30 -12.24
CA SER A 206 -39.18 1.65 -13.04
C SER A 206 -38.93 0.24 -12.50
N TYR A 207 -38.80 0.11 -11.19
CA TYR A 207 -38.34 -1.14 -10.52
C TYR A 207 -39.44 -2.17 -10.74
N ASP A 208 -40.68 -1.72 -10.61
CA ASP A 208 -41.90 -2.53 -10.89
C ASP A 208 -41.87 -3.04 -12.33
N GLN A 209 -41.86 -2.15 -13.33
CA GLN A 209 -41.95 -2.55 -14.76
C GLN A 209 -40.79 -3.51 -15.09
N VAL A 210 -39.60 -3.23 -14.58
CA VAL A 210 -38.40 -4.04 -14.96
C VAL A 210 -38.47 -5.41 -14.28
N THR A 211 -38.92 -5.49 -13.03
CA THR A 211 -39.12 -6.79 -12.33
C THR A 211 -40.08 -7.67 -13.14
N GLN A 212 -41.25 -7.13 -13.53
CA GLN A 212 -42.29 -7.89 -14.25
C GLN A 212 -41.69 -8.36 -15.59
N ALA A 213 -40.98 -7.48 -16.29
CA ALA A 213 -40.47 -7.79 -17.64
C ALA A 213 -39.38 -8.85 -17.54
N GLY A 214 -38.44 -8.69 -16.62
CA GLY A 214 -37.43 -9.73 -16.39
C GLY A 214 -38.05 -11.09 -16.08
N LYS A 215 -39.04 -11.12 -15.21
CA LYS A 215 -39.61 -12.42 -14.76
C LYS A 215 -40.34 -13.05 -15.94
N ALA A 216 -41.00 -12.24 -16.75
CA ALA A 216 -41.65 -12.71 -17.98
C ALA A 216 -40.58 -13.25 -18.94
N ALA A 217 -39.48 -12.54 -19.16
CA ALA A 217 -38.37 -13.00 -20.06
C ALA A 217 -37.78 -14.32 -19.55
N VAL A 218 -37.61 -14.44 -18.24
CA VAL A 218 -37.06 -15.68 -17.63
C VAL A 218 -38.02 -16.86 -17.92
N ALA A 219 -39.32 -16.66 -17.66
CA ALA A 219 -40.37 -17.70 -17.85
C ALA A 219 -40.38 -18.18 -19.30
N ARG A 220 -40.30 -17.28 -20.26
CA ARG A 220 -40.28 -17.66 -21.70
C ARG A 220 -38.96 -18.38 -22.06
N PHE A 221 -37.79 -17.81 -21.73
CA PHE A 221 -36.45 -18.34 -22.11
C PHE A 221 -36.18 -19.73 -21.52
N TYR A 222 -36.50 -19.97 -20.25
CA TYR A 222 -36.25 -21.23 -19.49
C TYR A 222 -37.45 -22.18 -19.47
N GLY A 223 -38.63 -21.69 -19.87
CA GLY A 223 -39.89 -22.46 -19.85
C GLY A 223 -40.29 -22.82 -18.44
N ARG A 224 -39.89 -22.02 -17.46
CA ARG A 224 -40.41 -22.10 -16.06
C ARG A 224 -40.08 -20.80 -15.33
N ALA A 225 -40.79 -20.53 -14.25
CA ALA A 225 -40.67 -19.28 -13.48
C ALA A 225 -39.52 -19.47 -12.51
N ALA A 226 -38.94 -18.39 -12.04
CA ALA A 226 -37.87 -18.40 -11.03
C ALA A 226 -38.44 -18.99 -9.75
N ASP A 227 -37.77 -19.97 -9.16
CA ASP A 227 -38.12 -20.55 -7.83
C ASP A 227 -38.14 -19.41 -6.79
N LYS A 228 -37.13 -18.55 -6.77
CA LYS A 228 -37.04 -17.39 -5.84
C LYS A 228 -36.37 -16.22 -6.53
N SER A 229 -36.68 -15.04 -6.01
CA SER A 229 -36.21 -13.74 -6.54
C SER A 229 -35.51 -12.97 -5.40
N TYR A 230 -34.39 -12.34 -5.70
CA TYR A 230 -33.53 -11.64 -4.72
C TYR A 230 -33.20 -10.24 -5.26
N PHE A 231 -33.29 -9.24 -4.38
CA PHE A 231 -32.88 -7.86 -4.69
C PHE A 231 -31.79 -7.48 -3.71
N ILE A 232 -30.71 -6.85 -4.18
CA ILE A 232 -29.65 -6.26 -3.32
C ILE A 232 -29.33 -4.86 -3.80
N GLY A 233 -29.35 -3.90 -2.88
CA GLY A 233 -28.95 -2.52 -3.20
C GLY A 233 -28.41 -1.82 -1.96
N CYS A 234 -27.71 -0.71 -2.13
CA CYS A 234 -27.16 0.12 -1.03
C CYS A 234 -27.50 1.55 -1.40
N SER A 235 -27.71 2.39 -0.41
CA SER A 235 -27.93 3.83 -0.64
C SER A 235 -29.30 4.01 -1.33
N GLU A 236 -29.38 4.60 -2.51
CA GLU A 236 -30.61 4.67 -3.31
C GLU A 236 -31.10 3.24 -3.57
N GLY A 237 -30.21 2.28 -3.70
CA GLY A 237 -30.57 0.87 -3.90
C GLY A 237 -31.16 0.26 -2.64
N GLY A 238 -30.78 0.77 -1.46
CA GLY A 238 -31.36 0.35 -0.19
C GLY A 238 -32.77 0.89 -0.05
N ARG A 239 -32.98 2.13 -0.48
CA ARG A 239 -34.32 2.71 -0.51
C ARG A 239 -35.23 1.82 -1.40
N GLU A 240 -34.77 1.51 -2.62
CA GLU A 240 -35.48 0.62 -3.58
C GLU A 240 -35.85 -0.70 -2.88
N GLY A 241 -34.97 -1.33 -2.11
CA GLY A 241 -35.29 -2.62 -1.48
C GLY A 241 -36.40 -2.46 -0.44
N MET A 242 -36.39 -1.35 0.29
CA MET A 242 -37.39 -1.09 1.36
C MET A 242 -38.72 -0.74 0.71
N MET A 243 -38.67 0.07 -0.34
CA MET A 243 -39.83 0.40 -1.18
C MET A 243 -40.49 -0.91 -1.66
N LEU A 244 -39.71 -1.86 -2.20
CA LEU A 244 -40.21 -3.17 -2.70
C LEU A 244 -40.91 -3.97 -1.59
N SER A 245 -40.33 -4.06 -0.39
CA SER A 245 -40.95 -4.80 0.75
C SER A 245 -42.30 -4.14 1.11
N GLN A 246 -42.42 -2.82 0.97
CA GLN A 246 -43.58 -2.02 1.40
C GLN A 246 -44.67 -1.94 0.32
N ARG A 247 -44.33 -1.75 -0.94
CA ARG A 247 -45.27 -1.45 -2.04
C ARG A 247 -45.46 -2.67 -2.94
N PHE A 248 -44.47 -3.54 -3.08
CA PHE A 248 -44.56 -4.70 -3.99
C PHE A 248 -44.11 -5.97 -3.29
N PRO A 249 -44.78 -6.34 -2.18
CA PRO A 249 -44.28 -7.37 -1.28
C PRO A 249 -43.94 -8.71 -1.97
N SER A 250 -44.58 -9.03 -3.09
CA SER A 250 -44.43 -10.35 -3.78
C SER A 250 -43.36 -10.30 -4.89
N HIS A 251 -42.76 -9.14 -5.14
CA HIS A 251 -41.76 -8.98 -6.22
C HIS A 251 -40.48 -9.75 -5.87
N TYR A 252 -40.04 -9.73 -4.61
CA TYR A 252 -38.76 -10.34 -4.15
C TYR A 252 -38.99 -11.07 -2.85
N ASP A 253 -38.35 -12.23 -2.75
CA ASP A 253 -38.45 -13.15 -1.60
C ASP A 253 -37.37 -12.72 -0.59
N GLY A 254 -36.20 -12.36 -1.09
CA GLY A 254 -35.14 -11.82 -0.23
C GLY A 254 -34.70 -10.46 -0.71
N ILE A 255 -34.53 -9.54 0.24
CA ILE A 255 -34.05 -8.18 -0.05
C ILE A 255 -32.88 -7.91 0.87
N VAL A 256 -31.80 -7.36 0.33
CA VAL A 256 -30.70 -6.74 1.11
C VAL A 256 -30.76 -5.26 0.83
N ALA A 257 -30.93 -4.47 1.90
CA ALA A 257 -31.08 -3.01 1.81
C ALA A 257 -29.98 -2.36 2.66
N GLY A 258 -28.93 -1.90 2.00
CA GLY A 258 -27.74 -1.29 2.64
C GLY A 258 -27.91 0.21 2.71
N ALA A 259 -27.47 0.83 3.81
CA ALA A 259 -27.43 2.30 4.00
C ALA A 259 -28.63 2.92 3.27
N PRO A 260 -29.87 2.54 3.65
CA PRO A 260 -31.04 2.84 2.82
C PRO A 260 -31.54 4.29 2.95
N GLY A 261 -31.68 4.95 1.81
CA GLY A 261 -32.18 6.34 1.77
C GLY A 261 -33.69 6.34 1.90
N TYR A 262 -34.28 5.62 2.85
CA TYR A 262 -35.75 5.48 2.91
C TYR A 262 -36.40 6.86 3.13
N GLN A 263 -35.67 7.88 3.56
CA GLN A 263 -36.23 9.25 3.78
C GLN A 263 -35.47 10.21 2.89
N LEU A 264 -35.07 9.74 1.72
CA LEU A 264 -34.08 10.45 0.88
C LEU A 264 -34.49 11.90 0.68
N PRO A 265 -35.77 12.25 0.48
CA PRO A 265 -36.15 13.68 0.34
C PRO A 265 -35.84 14.61 1.52
N LYS A 266 -35.53 14.09 2.69
CA LYS A 266 -35.04 14.89 3.84
C LYS A 266 -33.52 15.09 3.84
N ALA A 267 -32.76 14.41 2.98
CA ALA A 267 -31.29 14.54 2.89
C ALA A 267 -30.92 16.01 2.64
N GLY A 268 -31.57 16.65 1.68
CA GLY A 268 -31.35 18.07 1.36
C GLY A 268 -31.60 18.99 2.55
N ILE A 269 -32.52 18.61 3.43
CA ILE A 269 -32.88 19.37 4.64
C ILE A 269 -31.73 19.19 5.65
N SER A 270 -31.30 17.96 5.90
CA SER A 270 -30.07 17.69 6.70
C SER A 270 -28.90 18.50 6.12
N GLY A 271 -28.85 18.61 4.79
CA GLY A 271 -27.71 19.17 4.05
C GLY A 271 -27.60 20.66 4.24
N ALA A 272 -28.68 21.38 3.96
CA ALA A 272 -28.91 22.79 4.34
C ALA A 272 -28.48 23.03 5.80
N TRP A 273 -28.88 22.16 6.71
CA TRP A 273 -28.64 22.32 8.15
C TRP A 273 -27.14 22.19 8.46
N THR A 274 -26.49 21.16 7.92
CA THR A 274 -25.05 20.88 8.17
C THR A 274 -24.28 22.08 7.61
N THR A 275 -24.71 22.59 6.46
CA THR A 275 -24.07 23.72 5.76
C THR A 275 -24.13 24.95 6.67
N GLN A 276 -25.34 25.43 6.95
CA GLN A 276 -25.60 26.58 7.87
C GLN A 276 -24.89 26.35 9.21
N SER A 277 -24.84 25.11 9.73
CA SER A 277 -24.20 24.79 11.04
C SER A 277 -22.69 24.97 10.94
N LEU A 278 -22.11 24.70 9.76
CA LEU A 278 -20.63 24.68 9.58
C LEU A 278 -20.12 26.05 9.09
N ALA A 279 -20.98 26.94 8.58
CA ALA A 279 -20.60 28.25 7.99
C ALA A 279 -19.85 29.12 9.01
N PRO A 280 -20.22 29.16 10.31
CA PRO A 280 -19.43 29.92 11.29
C PRO A 280 -17.95 29.50 11.45
N ALA A 281 -17.59 28.22 11.31
CA ALA A 281 -16.19 27.74 11.48
C ALA A 281 -15.47 27.79 10.13
N ALA A 282 -16.14 28.25 9.10
CA ALA A 282 -15.61 28.37 7.73
C ALA A 282 -14.59 29.50 7.71
N VAL A 283 -13.51 29.33 6.94
CA VAL A 283 -12.43 30.34 6.72
C VAL A 283 -12.38 30.67 5.22
N GLY A 284 -12.64 31.92 4.85
CA GLY A 284 -12.53 32.37 3.45
C GLY A 284 -13.85 32.21 2.74
N LEU A 285 -13.98 32.74 1.53
CA LEU A 285 -15.20 32.66 0.69
C LEU A 285 -14.87 32.01 -0.66
N ASP A 286 -15.92 31.66 -1.43
CA ASP A 286 -15.82 31.16 -2.83
C ASP A 286 -16.15 32.34 -3.75
N ALA A 287 -16.06 32.13 -5.06
CA ALA A 287 -16.34 33.13 -6.11
C ALA A 287 -17.71 33.81 -5.91
N GLN A 288 -18.72 33.14 -5.35
CA GLN A 288 -20.11 33.70 -5.21
C GLN A 288 -20.29 34.37 -3.84
N GLY A 289 -19.29 34.38 -2.97
CA GLY A 289 -19.39 35.03 -1.63
C GLY A 289 -19.93 34.12 -0.54
N VAL A 290 -20.00 32.80 -0.78
CA VAL A 290 -20.48 31.74 0.16
C VAL A 290 -19.30 31.20 0.96
N PRO A 291 -19.41 31.08 2.29
CA PRO A 291 -18.30 30.57 3.09
C PRO A 291 -17.83 29.18 2.63
N LEU A 292 -16.52 28.91 2.75
CA LEU A 292 -15.87 27.66 2.28
C LEU A 292 -15.99 26.63 3.39
N ILE A 293 -17.05 25.85 3.33
CA ILE A 293 -17.43 24.89 4.40
C ILE A 293 -16.28 23.88 4.55
N ASN A 294 -15.60 23.61 3.42
CA ASN A 294 -14.47 22.65 3.36
C ASN A 294 -13.36 23.11 4.30
N LYS A 295 -13.20 24.43 4.52
CA LYS A 295 -12.11 24.94 5.41
C LYS A 295 -12.50 24.95 6.89
N SER A 296 -13.74 24.63 7.27
CA SER A 296 -14.22 24.52 8.68
C SER A 296 -13.34 23.56 9.49
N PHE A 297 -12.91 22.46 8.88
CA PHE A 297 -12.09 21.40 9.52
C PHE A 297 -11.09 20.87 8.49
N SER A 298 -9.83 20.80 8.92
CA SER A 298 -8.70 20.21 8.19
C SER A 298 -8.78 18.70 8.41
N ASP A 299 -8.04 17.92 7.62
CA ASP A 299 -8.06 16.44 7.76
C ASP A 299 -7.50 16.11 9.15
N ALA A 300 -6.52 16.87 9.64
CA ALA A 300 -5.86 16.61 10.95
C ALA A 300 -6.85 16.88 12.09
N ASP A 301 -7.63 17.98 11.98
CA ASP A 301 -8.75 18.34 12.89
C ASP A 301 -9.74 17.16 13.02
N LEU A 302 -10.25 16.63 11.90
CA LEU A 302 -11.22 15.50 11.93
C LEU A 302 -10.56 14.31 12.59
N HIS A 303 -9.27 14.08 12.31
CA HIS A 303 -8.50 12.93 12.90
C HIS A 303 -8.49 13.05 14.43
N LEU A 304 -8.28 14.28 14.90
CA LEU A 304 -8.31 14.59 16.35
C LEU A 304 -9.71 14.27 16.92
N LEU A 305 -10.78 14.72 16.24
CA LEU A 305 -12.20 14.43 16.59
C LEU A 305 -12.37 12.91 16.73
N SER A 306 -11.95 12.17 15.72
CA SER A 306 -11.94 10.69 15.74
C SER A 306 -11.12 10.17 16.94
N GLN A 307 -9.92 10.70 17.19
CA GLN A 307 -9.06 10.19 18.31
C GLN A 307 -9.78 10.48 19.65
N ALA A 308 -10.46 11.62 19.77
CA ALA A 308 -11.19 11.94 21.02
C ALA A 308 -12.38 10.96 21.19
N ILE A 309 -13.06 10.60 20.10
CA ILE A 309 -14.22 9.66 20.18
C ILE A 309 -13.68 8.30 20.61
N LEU A 310 -12.54 7.87 20.06
CA LEU A 310 -11.94 6.58 20.48
C LEU A 310 -11.54 6.63 21.95
N GLY A 311 -10.86 7.73 22.35
CA GLY A 311 -10.54 8.05 23.76
C GLY A 311 -11.68 7.70 24.74
N THR A 312 -12.90 8.20 24.55
CA THR A 312 -14.01 7.95 25.51
C THR A 312 -14.76 6.66 25.15
N CYS A 313 -14.82 6.26 23.87
CA CYS A 313 -15.82 5.27 23.36
C CYS A 313 -15.23 3.89 23.07
N ASP A 314 -14.02 3.80 22.51
CA ASP A 314 -13.39 2.53 22.03
C ASP A 314 -13.50 1.38 23.03
N ALA A 315 -13.18 1.64 24.29
CA ALA A 315 -13.03 0.64 25.36
C ALA A 315 -14.40 0.26 25.99
N LEU A 316 -15.50 0.94 25.64
CA LEU A 316 -16.84 0.64 26.22
C LEU A 316 -17.36 -0.75 25.78
N ASP A 317 -16.71 -1.43 24.81
CA ASP A 317 -17.07 -2.80 24.33
C ASP A 317 -16.17 -3.85 25.00
N GLY A 318 -15.22 -3.40 25.85
CA GLY A 318 -14.28 -4.27 26.58
C GLY A 318 -12.97 -4.47 25.83
N LEU A 319 -12.66 -3.64 24.82
CA LEU A 319 -11.50 -3.87 23.93
C LEU A 319 -11.10 -2.58 23.19
N ALA A 320 -9.90 -2.07 23.48
CA ALA A 320 -9.28 -0.95 22.76
C ALA A 320 -8.71 -1.49 21.44
N ASP A 321 -9.35 -1.17 20.31
CA ASP A 321 -9.01 -1.73 18.97
C ASP A 321 -9.26 -0.74 17.82
N GLY A 322 -9.50 0.55 18.07
CA GLY A 322 -9.86 1.51 17.02
C GLY A 322 -11.28 1.31 16.48
N ILE A 323 -12.13 0.54 17.17
CA ILE A 323 -13.53 0.23 16.75
C ILE A 323 -14.51 0.45 17.90
N VAL A 324 -15.52 1.32 17.67
CA VAL A 324 -16.62 1.58 18.65
C VAL A 324 -17.79 0.63 18.38
N ASP A 325 -17.77 -0.55 18.99
CA ASP A 325 -18.81 -1.59 18.85
C ASP A 325 -20.06 -1.18 19.62
N ASN A 326 -19.88 -0.49 20.76
CA ASN A 326 -21.00 -0.02 21.63
C ASN A 326 -21.37 1.42 21.26
N TYR A 327 -22.00 1.59 20.09
CA TYR A 327 -22.39 2.90 19.50
C TYR A 327 -23.30 3.63 20.49
N ARG A 328 -24.20 2.92 21.19
CA ARG A 328 -25.19 3.52 22.12
C ARG A 328 -24.52 4.14 23.35
N ALA A 329 -23.70 3.37 24.08
CA ALA A 329 -22.94 3.90 25.23
C ALA A 329 -22.14 5.11 24.76
N CYS A 330 -21.62 5.06 23.54
CA CYS A 330 -20.76 6.14 22.99
C CYS A 330 -21.57 7.42 22.80
N GLN A 331 -22.81 7.35 22.34
CA GLN A 331 -23.62 8.59 22.13
C GLN A 331 -23.96 9.16 23.53
N ALA A 332 -24.19 8.33 24.54
CA ALA A 332 -24.49 8.76 25.94
C ALA A 332 -23.24 9.44 26.54
N ALA A 333 -22.03 8.95 26.23
CA ALA A 333 -20.77 9.29 26.93
C ALA A 333 -20.03 10.49 26.31
N PHE A 334 -20.21 10.81 25.03
CA PHE A 334 -19.24 11.67 24.28
C PHE A 334 -19.84 13.03 23.93
N ASP A 335 -19.14 14.07 24.37
CA ASP A 335 -19.46 15.49 24.09
C ASP A 335 -18.14 16.13 23.69
N PRO A 336 -17.99 16.64 22.46
CA PRO A 336 -16.73 17.27 22.06
C PRO A 336 -16.41 18.51 22.91
N ALA A 337 -17.42 19.17 23.51
CA ALA A 337 -17.21 20.41 24.30
C ALA A 337 -16.48 20.10 25.63
N THR A 338 -16.44 18.85 26.11
CA THR A 338 -15.88 18.54 27.45
C THR A 338 -14.98 17.30 27.44
N ALA A 339 -14.81 16.61 26.31
CA ALA A 339 -14.03 15.36 26.27
C ALA A 339 -12.53 15.68 26.18
N ALA A 340 -11.73 14.76 26.66
CA ALA A 340 -10.25 14.83 26.61
C ALA A 340 -9.73 14.38 25.24
N ASN A 341 -8.77 15.14 24.69
CA ASN A 341 -7.72 14.68 23.74
C ASN A 341 -6.76 13.72 24.45
N PRO A 342 -6.79 12.38 24.18
CA PRO A 342 -6.15 11.42 25.08
C PRO A 342 -4.63 11.33 24.90
N ALA A 343 -4.08 11.99 23.88
CA ALA A 343 -2.62 12.18 23.69
C ALA A 343 -2.05 13.05 24.83
N ASN A 344 -2.50 14.31 25.00
CA ASN A 344 -1.92 15.32 25.93
C ASN A 344 -2.72 15.44 27.24
N GLY A 345 -3.74 14.62 27.49
CA GLY A 345 -4.54 14.60 28.74
C GLY A 345 -5.48 15.80 28.92
N GLN A 346 -5.38 16.85 28.07
CA GLN A 346 -6.12 18.14 28.14
C GLN A 346 -7.49 18.06 27.43
N ALA A 347 -8.32 19.09 27.60
CA ALA A 347 -9.63 19.23 26.91
C ALA A 347 -9.41 19.21 25.39
N LEU A 348 -10.24 18.45 24.66
CA LEU A 348 -10.25 18.48 23.16
C LEU A 348 -10.52 19.91 22.70
N GLN A 349 -11.39 20.64 23.41
CA GLN A 349 -11.78 22.02 23.04
C GLN A 349 -10.70 23.00 23.54
N CYS A 350 -10.13 23.73 22.58
CA CYS A 350 -9.20 24.89 22.73
C CYS A 350 -9.66 25.83 23.85
N VAL A 351 -8.83 25.98 24.87
CA VAL A 351 -8.96 26.99 25.95
C VAL A 351 -8.54 28.38 25.42
N GLY A 352 -7.36 28.45 24.77
CA GLY A 352 -6.88 29.69 24.14
C GLY A 352 -6.98 29.64 22.62
N ALA A 353 -5.92 30.03 21.92
CA ALA A 353 -5.87 30.07 20.43
C ALA A 353 -5.77 28.63 19.91
N LYS A 354 -6.17 28.45 18.66
CA LYS A 354 -6.18 27.12 17.99
C LYS A 354 -4.73 26.58 17.88
N THR A 355 -4.51 25.32 18.24
CA THR A 355 -3.28 24.53 17.96
C THR A 355 -3.66 23.28 17.15
N ALA A 356 -2.67 22.52 16.71
CA ALA A 356 -2.86 21.18 16.10
C ALA A 356 -3.57 20.23 17.07
N ASP A 357 -3.48 20.41 18.40
CA ASP A 357 -3.87 19.37 19.39
C ASP A 357 -5.20 19.69 20.06
N CYS A 358 -5.85 20.80 19.70
CA CYS A 358 -7.25 21.11 20.12
C CYS A 358 -8.06 21.63 18.93
N LEU A 359 -9.40 21.60 19.05
CA LEU A 359 -10.43 22.22 18.15
C LEU A 359 -10.99 23.49 18.82
N SER A 360 -11.29 24.54 18.06
CA SER A 360 -11.80 25.82 18.61
C SER A 360 -13.25 25.66 19.07
N PRO A 361 -13.73 26.48 20.05
CA PRO A 361 -15.17 26.55 20.36
C PRO A 361 -16.08 26.68 19.14
N VAL A 362 -15.81 27.62 18.25
CA VAL A 362 -16.67 27.78 17.03
C VAL A 362 -16.73 26.44 16.26
N GLN A 363 -15.65 25.65 16.22
CA GLN A 363 -15.65 24.31 15.55
C GLN A 363 -16.51 23.31 16.35
N VAL A 364 -16.35 23.23 17.67
CA VAL A 364 -17.12 22.26 18.50
C VAL A 364 -18.61 22.58 18.32
N THR A 365 -19.01 23.84 18.47
CA THR A 365 -20.40 24.33 18.31
C THR A 365 -20.95 23.78 17.00
N ALA A 366 -20.21 23.99 15.91
CA ALA A 366 -20.65 23.71 14.52
C ALA A 366 -20.94 22.22 14.37
N ILE A 367 -20.00 21.37 14.79
CA ILE A 367 -20.08 19.93 14.50
C ILE A 367 -21.22 19.38 15.36
N LYS A 368 -21.32 19.82 16.61
CA LYS A 368 -22.42 19.46 17.54
C LYS A 368 -23.78 19.81 16.92
N ARG A 369 -23.93 21.00 16.34
CA ARG A 369 -25.23 21.46 15.81
C ARG A 369 -25.56 20.59 14.59
N ALA A 370 -24.54 20.32 13.77
CA ALA A 370 -24.68 19.53 12.53
C ALA A 370 -25.12 18.09 12.88
N MET A 371 -24.46 17.45 13.84
CA MET A 371 -24.77 16.05 14.24
C MET A 371 -26.13 15.94 14.96
N ALA A 372 -26.64 17.00 15.60
CA ALA A 372 -27.93 16.99 16.36
C ALA A 372 -29.09 16.85 15.34
N GLY A 373 -28.95 17.49 14.18
CA GLY A 373 -29.88 17.39 13.05
C GLY A 373 -30.84 18.56 13.02
N PRO A 374 -31.46 18.84 11.86
CA PRO A 374 -32.37 19.96 11.69
C PRO A 374 -33.63 19.97 12.55
N VAL A 375 -34.01 21.16 13.03
CA VAL A 375 -35.28 21.51 13.71
C VAL A 375 -35.87 22.74 13.02
N ASN A 376 -37.18 22.90 13.07
CA ASN A 376 -37.88 24.15 12.67
C ASN A 376 -37.94 25.09 13.90
N SER A 377 -38.59 26.24 13.80
CA SER A 377 -38.67 27.25 14.89
C SER A 377 -39.47 26.69 16.09
N ALA A 378 -40.38 25.72 15.88
CA ALA A 378 -41.07 25.01 16.99
C ALA A 378 -40.12 24.04 17.68
N GLY A 379 -38.94 23.76 17.12
CA GLY A 379 -38.02 22.72 17.63
C GLY A 379 -38.46 21.29 17.26
N THR A 380 -39.32 21.08 16.27
CA THR A 380 -39.64 19.71 15.76
C THR A 380 -38.45 19.20 14.95
N PRO A 381 -37.90 17.99 15.24
CA PRO A 381 -36.87 17.38 14.41
C PRO A 381 -37.42 17.07 13.01
N LEU A 382 -36.65 17.35 11.95
CA LEU A 382 -37.07 17.26 10.54
C LEU A 382 -36.43 16.05 9.86
N TYR A 383 -35.42 15.45 10.51
CA TYR A 383 -34.71 14.24 10.03
C TYR A 383 -34.34 13.43 11.27
N ASN A 384 -33.08 13.48 11.71
CA ASN A 384 -32.62 12.69 12.87
C ASN A 384 -31.24 13.24 13.26
N ARG A 385 -30.70 12.79 14.39
CA ARG A 385 -29.30 13.05 14.83
C ARG A 385 -28.37 11.99 14.20
N TRP A 386 -27.06 12.20 14.35
CA TRP A 386 -26.02 11.35 13.72
C TRP A 386 -25.16 10.81 14.85
N ALA A 387 -24.53 9.67 14.64
CA ALA A 387 -23.65 8.99 15.61
C ALA A 387 -22.23 9.54 15.48
N TRP A 388 -21.69 10.01 16.60
CA TRP A 388 -20.23 10.11 16.86
C TRP A 388 -19.63 8.73 16.61
N ASP A 389 -18.62 8.61 15.74
CA ASP A 389 -17.92 7.31 15.49
C ASP A 389 -16.51 7.56 14.96
N ALA A 390 -15.58 6.59 15.14
CA ALA A 390 -14.15 6.72 14.75
C ALA A 390 -14.05 6.94 13.24
N GLY A 391 -15.05 6.47 12.49
CA GLY A 391 -15.04 6.53 11.02
C GLY A 391 -15.21 7.92 10.46
N MET A 392 -15.30 8.97 11.26
CA MET A 392 -15.37 10.37 10.75
C MET A 392 -14.02 10.73 10.10
N SER A 393 -12.95 10.04 10.51
CA SER A 393 -11.60 10.12 9.88
C SER A 393 -10.97 8.72 9.92
N GLY A 394 -9.67 8.65 10.16
CA GLY A 394 -8.91 7.40 10.08
C GLY A 394 -7.65 7.63 9.28
N LEU A 395 -6.60 6.92 9.69
CA LEU A 395 -5.25 7.03 9.07
C LEU A 395 -4.79 5.66 8.54
N SER A 396 -4.49 5.56 7.25
CA SER A 396 -3.77 4.41 6.64
C SER A 396 -2.55 4.97 5.92
N GLY A 397 -1.34 4.75 6.45
CA GLY A 397 -0.09 5.38 5.96
C GLY A 397 -0.16 6.88 6.20
N THR A 398 0.06 7.70 5.17
CA THR A 398 -0.21 9.18 5.20
C THR A 398 -1.65 9.49 4.81
N THR A 399 -2.43 8.50 4.37
CA THR A 399 -3.71 8.80 3.68
C THR A 399 -4.81 8.98 4.75
N TYR A 400 -5.44 10.14 4.71
CA TYR A 400 -6.61 10.51 5.55
C TYR A 400 -7.88 10.02 4.86
N ASN A 401 -8.71 9.26 5.59
CA ASN A 401 -10.08 8.90 5.15
C ASN A 401 -10.84 10.19 4.79
N GLN A 402 -11.21 10.32 3.52
CA GLN A 402 -12.10 11.36 2.95
C GLN A 402 -13.57 10.88 2.92
N GLY A 403 -13.83 9.60 3.24
CA GLY A 403 -15.15 8.95 3.13
C GLY A 403 -16.25 9.75 3.83
N TRP A 404 -16.07 10.07 5.12
CA TRP A 404 -17.01 10.89 5.92
C TRP A 404 -17.10 12.33 5.41
N ARG A 405 -15.98 13.04 5.22
CA ARG A 405 -15.98 14.53 5.11
C ARG A 405 -16.54 15.03 3.77
N SER A 406 -16.48 14.25 2.70
CA SER A 406 -16.88 14.67 1.32
C SER A 406 -18.36 15.06 1.28
N TRP A 407 -19.17 14.48 2.17
CA TRP A 407 -20.64 14.71 2.25
C TRP A 407 -20.96 16.14 2.76
N TRP A 408 -20.55 16.53 3.97
CA TRP A 408 -20.98 17.86 4.50
C TRP A 408 -19.92 18.96 4.23
N LEU A 409 -18.62 18.64 4.36
CA LEU A 409 -17.51 19.63 4.28
C LEU A 409 -17.00 19.74 2.82
N GLY A 410 -16.60 18.61 2.26
CA GLY A 410 -15.90 18.59 0.98
C GLY A 410 -14.40 18.56 1.24
N SER A 411 -13.62 18.55 0.15
CA SER A 411 -12.13 18.52 0.12
C SER A 411 -11.55 19.80 0.74
N PHE A 412 -10.75 19.70 1.81
CA PHE A 412 -10.05 20.86 2.42
C PHE A 412 -9.30 21.65 1.34
N ASN A 413 -8.56 20.93 0.48
CA ASN A 413 -7.53 21.48 -0.44
C ASN A 413 -8.18 22.10 -1.66
N SER A 414 -8.96 23.18 -1.53
CA SER A 414 -9.76 23.70 -2.67
C SER A 414 -10.19 25.14 -2.47
N SER A 415 -10.16 25.87 -3.58
CA SER A 415 -10.61 27.27 -3.73
C SER A 415 -12.14 27.35 -3.63
N ALA A 416 -12.85 26.21 -3.78
CA ALA A 416 -14.33 26.13 -3.92
C ALA A 416 -14.93 25.09 -2.97
N ASN A 417 -16.24 25.23 -2.73
CA ASN A 417 -17.10 24.24 -2.02
C ASN A 417 -17.36 23.10 -2.99
N ASN A 418 -17.12 21.86 -2.58
CA ASN A 418 -17.41 20.65 -3.40
C ASN A 418 -18.13 19.60 -2.55
N ALA A 419 -18.71 19.97 -1.41
CA ALA A 419 -19.54 19.06 -0.58
C ALA A 419 -20.78 18.61 -1.38
N GLN A 420 -21.16 17.34 -1.21
CA GLN A 420 -22.42 16.76 -1.74
C GLN A 420 -23.61 17.62 -1.27
N ARG A 421 -23.61 18.00 0.00
CA ARG A 421 -24.78 18.67 0.64
C ARG A 421 -24.67 20.20 0.55
N VAL A 422 -23.55 20.75 0.08
CA VAL A 422 -23.39 22.22 -0.07
C VAL A 422 -23.70 22.61 -1.52
N SER A 423 -23.02 22.04 -2.51
CA SER A 423 -23.10 22.47 -3.93
C SER A 423 -23.23 21.28 -4.90
N GLY A 424 -22.94 20.06 -4.41
CA GLY A 424 -22.87 18.82 -5.18
C GLY A 424 -24.23 18.18 -5.47
N PHE A 425 -24.19 16.97 -5.99
N PHE A 425 -24.19 16.94 -5.94
CA PHE A 425 -25.33 16.21 -6.59
CA PHE A 425 -25.32 16.18 -6.56
C PHE A 425 -26.52 16.22 -5.62
C PHE A 425 -26.52 16.20 -5.61
N SER A 426 -26.26 16.06 -4.31
CA SER A 426 -27.29 15.87 -3.29
C SER A 426 -28.12 17.14 -3.12
N ALA A 427 -27.48 18.29 -3.07
CA ALA A 427 -28.19 19.58 -2.90
C ALA A 427 -28.95 19.88 -4.17
N ARG A 428 -28.41 19.49 -5.31
CA ARG A 428 -29.06 19.79 -6.61
C ARG A 428 -30.29 18.91 -6.73
N SER A 429 -30.16 17.65 -6.34
CA SER A 429 -31.25 16.65 -6.40
C SER A 429 -32.41 17.14 -5.55
N TRP A 430 -32.11 17.65 -4.36
CA TRP A 430 -33.17 18.18 -3.47
C TRP A 430 -33.97 19.25 -4.20
N LEU A 431 -33.31 20.20 -4.85
CA LEU A 431 -33.97 21.40 -5.44
C LEU A 431 -34.77 21.00 -6.66
N VAL A 432 -34.31 20.04 -7.46
CA VAL A 432 -34.96 19.75 -8.76
C VAL A 432 -35.81 18.50 -8.66
N ASP A 433 -35.41 17.52 -7.84
CA ASP A 433 -36.10 16.21 -7.77
C ASP A 433 -37.10 16.16 -6.61
N PHE A 434 -36.82 16.73 -5.44
CA PHE A 434 -37.60 16.45 -4.19
C PHE A 434 -38.49 17.65 -3.78
N ALA A 435 -38.09 18.89 -4.05
CA ALA A 435 -38.97 20.06 -3.87
C ALA A 435 -40.06 20.05 -4.96
N THR A 436 -41.31 20.24 -4.57
CA THR A 436 -42.44 20.48 -5.50
C THR A 436 -42.98 21.87 -5.22
N PRO A 437 -43.11 22.78 -6.22
CA PRO A 437 -42.60 22.56 -7.56
C PRO A 437 -41.07 22.56 -7.55
N PRO A 438 -40.46 22.01 -8.61
CA PRO A 438 -39.01 22.03 -8.73
C PRO A 438 -38.45 23.45 -8.87
N GLU A 439 -37.26 23.66 -8.32
CA GLU A 439 -36.53 24.96 -8.29
C GLU A 439 -35.26 24.80 -9.12
N PRO A 440 -35.37 24.74 -10.46
CA PRO A 440 -34.18 24.83 -11.28
C PRO A 440 -33.52 26.19 -11.02
N MET A 441 -32.18 26.22 -11.12
CA MET A 441 -31.36 27.45 -11.08
C MET A 441 -29.97 27.16 -11.64
N PRO A 442 -29.18 28.17 -12.05
CA PRO A 442 -27.78 27.94 -12.42
C PRO A 442 -27.00 27.26 -11.30
N MET A 443 -26.00 26.45 -11.65
CA MET A 443 -25.23 25.57 -10.72
C MET A 443 -24.48 26.39 -9.67
N THR A 444 -24.17 27.67 -9.94
CA THR A 444 -23.34 28.54 -9.05
C THR A 444 -24.20 29.16 -7.93
N GLN A 445 -25.53 29.19 -8.08
CA GLN A 445 -26.48 29.69 -7.04
C GLN A 445 -26.76 28.63 -5.95
N VAL A 446 -26.38 27.36 -6.15
CA VAL A 446 -26.86 26.20 -5.33
C VAL A 446 -26.36 26.34 -3.88
N ALA A 447 -25.06 26.54 -3.67
CA ALA A 447 -24.47 26.66 -2.31
C ALA A 447 -25.14 27.82 -1.56
N ALA A 448 -25.39 28.93 -2.24
CA ALA A 448 -26.05 30.13 -1.66
C ALA A 448 -27.44 29.71 -1.18
N ARG A 449 -28.13 28.92 -2.00
CA ARG A 449 -29.53 28.46 -1.74
C ARG A 449 -29.55 27.61 -0.46
N MET A 450 -28.52 26.82 -0.18
CA MET A 450 -28.45 25.99 1.06
C MET A 450 -28.14 26.91 2.24
N MET A 451 -27.41 28.01 2.01
CA MET A 451 -27.13 28.98 3.09
C MET A 451 -28.42 29.72 3.45
N LYS A 452 -29.27 30.09 2.47
CA LYS A 452 -30.49 30.91 2.75
C LYS A 452 -31.74 30.01 2.82
N PHE A 453 -31.58 28.69 2.99
CA PHE A 453 -32.66 27.69 3.18
C PHE A 453 -33.43 27.99 4.48
N ASP A 454 -34.76 27.97 4.42
CA ASP A 454 -35.67 28.28 5.55
C ASP A 454 -36.33 26.99 6.12
N PHE A 455 -36.02 26.64 7.37
CA PHE A 455 -36.46 25.37 8.01
C PHE A 455 -37.96 25.36 8.33
N ASP A 456 -38.70 26.40 8.02
CA ASP A 456 -40.15 26.49 8.27
C ASP A 456 -40.94 26.45 6.97
N ILE A 457 -40.37 26.93 5.86
CA ILE A 457 -41.01 26.99 4.51
C ILE A 457 -40.51 25.83 3.65
N ASP A 458 -39.18 25.68 3.53
CA ASP A 458 -38.55 24.83 2.49
C ASP A 458 -38.86 23.34 2.76
N PRO A 459 -38.78 22.85 4.01
CA PRO A 459 -39.15 21.47 4.31
C PRO A 459 -40.58 21.04 3.95
N LEU A 460 -41.52 21.98 3.81
CA LEU A 460 -42.94 21.69 3.48
C LEU A 460 -42.99 21.13 2.07
N LYS A 461 -41.99 21.48 1.26
CA LYS A 461 -42.03 21.21 -0.21
C LYS A 461 -41.80 19.72 -0.56
N ILE A 462 -41.31 18.90 0.37
CA ILE A 462 -41.21 17.43 0.11
C ILE A 462 -42.56 16.74 0.39
N TRP A 463 -43.50 17.42 1.07
CA TRP A 463 -44.88 16.94 1.36
C TRP A 463 -45.90 17.49 0.36
N ALA A 464 -45.53 18.43 -0.50
CA ALA A 464 -46.44 19.28 -1.31
C ALA A 464 -46.72 18.61 -2.66
N THR A 465 -47.89 18.90 -3.22
CA THR A 465 -48.26 18.60 -4.61
C THR A 465 -48.50 19.94 -5.31
N SER A 466 -48.39 20.01 -6.62
CA SER A 466 -48.48 21.29 -7.37
C SER A 466 -48.65 21.00 -8.86
N GLY A 467 -49.77 21.48 -9.42
CA GLY A 467 -50.10 21.34 -10.85
C GLY A 467 -49.96 19.90 -11.30
N GLN A 468 -49.04 19.61 -12.23
CA GLN A 468 -48.91 18.26 -12.84
C GLN A 468 -48.12 17.34 -11.90
N PHE A 469 -47.50 17.87 -10.83
CA PHE A 469 -46.77 17.08 -9.82
C PHE A 469 -47.79 16.59 -8.80
N THR A 470 -48.40 15.44 -9.10
CA THR A 470 -49.66 14.99 -8.46
C THR A 470 -49.35 14.21 -7.17
N GLN A 471 -48.09 13.81 -6.98
CA GLN A 471 -47.64 13.12 -5.77
C GLN A 471 -46.43 13.91 -5.23
N SER A 472 -46.28 14.01 -3.92
CA SER A 472 -45.13 14.64 -3.24
C SER A 472 -43.92 13.72 -3.39
N SER A 473 -42.71 14.24 -3.21
CA SER A 473 -41.49 13.40 -3.19
C SER A 473 -41.56 12.41 -2.03
N MET A 474 -42.17 12.70 -0.88
CA MET A 474 -42.25 11.66 0.18
C MET A 474 -43.25 10.54 -0.22
N ASP A 475 -44.27 10.87 -1.00
CA ASP A 475 -45.19 9.86 -1.58
C ASP A 475 -44.36 8.92 -2.45
N TRP A 476 -43.68 9.43 -3.48
CA TRP A 476 -43.13 8.55 -4.53
C TRP A 476 -41.74 7.98 -4.16
N HIS A 477 -40.92 8.67 -3.37
CA HIS A 477 -39.51 8.28 -3.10
C HIS A 477 -39.37 7.72 -1.69
N GLY A 478 -40.06 8.30 -0.72
CA GLY A 478 -40.02 7.81 0.67
C GLY A 478 -40.51 6.37 0.77
N ALA A 479 -39.94 5.64 1.70
CA ALA A 479 -40.27 4.24 2.01
C ALA A 479 -40.26 4.07 3.52
N THR A 480 -41.26 4.67 4.17
CA THR A 480 -41.33 4.86 5.65
C THR A 480 -42.34 3.89 6.27
N SER A 481 -43.00 3.07 5.46
CA SER A 481 -44.09 2.21 5.95
C SER A 481 -43.47 1.07 6.75
N THR A 482 -43.99 0.84 7.97
CA THR A 482 -43.76 -0.36 8.78
C THR A 482 -44.81 -1.44 8.53
N ASP A 483 -45.66 -1.36 7.50
CA ASP A 483 -46.62 -2.45 7.21
C ASP A 483 -45.97 -3.42 6.24
N LEU A 484 -45.24 -4.37 6.80
CA LEU A 484 -44.46 -5.44 6.12
C LEU A 484 -45.10 -6.82 6.38
N ALA A 485 -46.33 -6.86 6.88
CA ALA A 485 -47.02 -8.11 7.24
C ALA A 485 -47.14 -9.01 6.01
N ALA A 486 -47.50 -8.44 4.84
CA ALA A 486 -47.72 -9.26 3.64
C ALA A 486 -46.39 -9.83 3.16
N PHE A 487 -45.31 -9.04 3.26
CA PHE A 487 -43.94 -9.50 2.92
C PHE A 487 -43.57 -10.66 3.85
N ARG A 488 -43.70 -10.41 5.15
CA ARG A 488 -43.34 -11.41 6.20
C ARG A 488 -44.08 -12.70 5.92
N ASP A 489 -45.39 -12.59 5.68
CA ASP A 489 -46.36 -13.72 5.78
C ASP A 489 -46.33 -14.55 4.47
N ARG A 490 -45.72 -14.05 3.40
CA ARG A 490 -45.41 -14.92 2.22
C ARG A 490 -43.97 -15.49 2.32
N GLY A 491 -43.22 -15.27 3.42
CA GLY A 491 -41.86 -15.84 3.60
C GLY A 491 -40.71 -14.92 3.17
N GLY A 492 -41.00 -13.65 2.91
CA GLY A 492 -39.98 -12.62 2.67
C GLY A 492 -39.05 -12.44 3.86
N LYS A 493 -37.78 -12.20 3.55
CA LYS A 493 -36.68 -11.96 4.50
C LYS A 493 -35.95 -10.69 4.05
N MET A 494 -35.64 -9.82 5.00
CA MET A 494 -34.90 -8.58 4.71
C MET A 494 -33.67 -8.44 5.63
N ILE A 495 -32.51 -8.28 5.02
CA ILE A 495 -31.24 -7.95 5.73
C ILE A 495 -30.98 -6.47 5.46
N LEU A 496 -31.03 -5.64 6.50
CA LEU A 496 -30.60 -4.22 6.44
C LEU A 496 -29.19 -4.15 7.01
N TYR A 497 -28.32 -3.34 6.42
CA TYR A 497 -27.01 -3.00 7.02
C TYR A 497 -26.72 -1.51 6.83
N HIS A 498 -25.83 -0.97 7.64
CA HIS A 498 -25.60 0.50 7.66
C HIS A 498 -24.26 0.80 8.35
N GLY A 499 -23.42 1.58 7.67
CA GLY A 499 -22.16 2.03 8.27
C GLY A 499 -22.45 3.10 9.28
N MET A 500 -21.98 2.93 10.51
CA MET A 500 -22.13 3.95 11.57
C MET A 500 -21.56 5.29 11.13
N SER A 501 -20.57 5.34 10.24
CA SER A 501 -19.91 6.62 9.86
C SER A 501 -20.30 7.05 8.46
N ASP A 502 -21.49 6.67 8.03
CA ASP A 502 -22.18 7.18 6.82
C ASP A 502 -22.65 8.63 7.06
N ALA A 503 -22.31 9.55 6.18
CA ALA A 503 -22.75 10.96 6.27
C ALA A 503 -23.80 11.23 5.20
N ALA A 504 -24.10 10.26 4.36
CA ALA A 504 -25.25 10.33 3.44
C ALA A 504 -26.54 10.17 4.26
N PHE A 505 -26.67 9.09 5.01
CA PHE A 505 -27.92 8.76 5.76
C PHE A 505 -27.50 8.25 7.13
N SER A 506 -28.20 8.69 8.18
CA SER A 506 -27.85 8.39 9.58
C SER A 506 -28.16 6.91 9.91
N ALA A 507 -27.14 6.12 10.24
CA ALA A 507 -27.33 4.74 10.74
C ALA A 507 -28.39 4.77 11.84
N LEU A 508 -28.41 5.81 12.67
CA LEU A 508 -29.38 5.88 13.79
C LEU A 508 -30.81 6.12 13.23
N ASP A 509 -30.97 6.76 12.07
CA ASP A 509 -32.30 6.87 11.43
C ASP A 509 -32.75 5.48 10.94
N THR A 510 -31.84 4.67 10.41
CA THR A 510 -32.18 3.29 10.01
C THR A 510 -32.60 2.53 11.27
N ALA A 511 -31.87 2.66 12.36
CA ALA A 511 -32.16 1.95 13.62
C ALA A 511 -33.55 2.34 14.15
N ASP A 512 -33.92 3.61 14.09
CA ASP A 512 -35.26 4.09 14.57
C ASP A 512 -36.36 3.46 13.72
N TYR A 513 -36.17 3.38 12.40
CA TYR A 513 -37.11 2.64 11.51
C TYR A 513 -37.28 1.21 12.06
N TYR A 514 -36.16 0.57 12.39
CA TYR A 514 -36.15 -0.85 12.78
C TYR A 514 -36.84 -0.97 14.13
N GLU A 515 -36.59 -0.04 15.07
CA GLU A 515 -37.33 0.01 16.38
C GLU A 515 -38.84 0.11 16.08
N ARG A 516 -39.24 0.98 15.15
CA ARG A 516 -40.65 1.24 14.82
C ARG A 516 -41.24 -0.01 14.15
N LEU A 517 -40.44 -0.77 13.39
CA LEU A 517 -40.87 -2.05 12.77
C LEU A 517 -41.13 -3.12 13.85
N GLY A 518 -40.25 -3.21 14.86
CA GLY A 518 -40.37 -4.16 16.00
C GLY A 518 -41.59 -3.87 16.83
N ALA A 519 -41.94 -2.60 16.97
CA ALA A 519 -43.11 -2.16 17.75
C ALA A 519 -44.40 -2.50 16.95
N ALA A 520 -44.47 -2.19 15.65
CA ALA A 520 -45.66 -2.43 14.78
C ALA A 520 -45.84 -3.92 14.53
N MET A 521 -44.76 -4.71 14.53
CA MET A 521 -44.75 -6.14 14.17
C MET A 521 -43.90 -6.92 15.15
N PRO A 522 -44.39 -7.17 16.39
CA PRO A 522 -43.56 -7.86 17.39
C PRO A 522 -43.10 -9.21 16.83
N GLY A 523 -41.86 -9.62 17.15
CA GLY A 523 -41.22 -10.81 16.56
C GLY A 523 -40.50 -10.53 15.25
N ALA A 524 -40.32 -9.25 14.88
CA ALA A 524 -39.80 -8.78 13.57
C ALA A 524 -38.50 -9.47 13.16
N ALA A 525 -37.64 -9.86 14.11
CA ALA A 525 -36.32 -10.52 13.90
C ALA A 525 -36.50 -11.87 13.19
N GLY A 526 -37.70 -12.45 13.19
CA GLY A 526 -37.99 -13.68 12.43
C GLY A 526 -37.95 -13.48 10.91
N PHE A 527 -37.97 -12.24 10.41
CA PHE A 527 -38.00 -11.96 8.95
C PHE A 527 -37.12 -10.74 8.59
N ALA A 528 -36.80 -9.87 9.53
CA ALA A 528 -36.00 -8.66 9.22
C ALA A 528 -34.97 -8.41 10.33
N ARG A 529 -33.71 -8.28 9.94
CA ARG A 529 -32.60 -7.99 10.87
C ARG A 529 -31.71 -6.90 10.32
N LEU A 530 -31.22 -6.07 11.23
CA LEU A 530 -30.37 -4.88 10.96
C LEU A 530 -28.93 -5.12 11.48
N PHE A 531 -27.95 -4.95 10.61
CA PHE A 531 -26.51 -5.11 10.94
C PHE A 531 -25.86 -3.74 10.83
N LEU A 532 -25.63 -3.11 11.96
CA LEU A 532 -24.87 -1.84 11.95
C LEU A 532 -23.38 -2.20 11.98
N VAL A 533 -22.59 -1.42 11.24
CA VAL A 533 -21.14 -1.64 11.01
C VAL A 533 -20.38 -0.42 11.51
N PRO A 534 -19.79 -0.58 12.70
CA PRO A 534 -18.93 0.44 13.29
C PRO A 534 -17.75 0.81 12.38
N GLY A 535 -17.46 2.08 12.25
CA GLY A 535 -16.33 2.57 11.44
C GLY A 535 -16.67 2.78 9.97
N MET A 536 -17.67 2.08 9.45
CA MET A 536 -17.87 1.99 7.97
C MET A 536 -18.50 3.31 7.48
N ASN A 537 -18.11 3.79 6.31
CA ASN A 537 -18.67 5.02 5.69
C ASN A 537 -19.94 4.65 4.88
N HIS A 538 -20.18 5.34 3.77
CA HIS A 538 -21.36 5.18 2.92
C HIS A 538 -21.22 3.92 2.07
N CYS A 539 -21.85 2.80 2.45
CA CYS A 539 -21.90 1.54 1.63
C CYS A 539 -20.56 0.81 1.62
N SER A 540 -19.45 1.52 1.79
CA SER A 540 -18.09 0.94 1.85
C SER A 540 -17.11 1.93 2.51
N GLY A 541 -15.85 1.52 2.69
CA GLY A 541 -14.78 2.41 3.15
C GLY A 541 -14.68 2.48 4.67
N GLY A 542 -13.59 3.09 5.15
CA GLY A 542 -13.43 3.61 6.51
C GLY A 542 -12.90 2.55 7.43
N PRO A 543 -12.48 2.92 8.66
CA PRO A 543 -11.96 1.97 9.64
C PRO A 543 -12.98 1.00 10.22
N GLY A 544 -13.48 0.07 9.39
CA GLY A 544 -14.29 -1.05 9.89
C GLY A 544 -14.30 -2.25 8.96
N THR A 545 -14.97 -3.32 9.40
CA THR A 545 -15.22 -4.51 8.58
C THR A 545 -16.32 -4.18 7.56
N ASP A 546 -15.98 -3.50 6.46
CA ASP A 546 -16.91 -2.98 5.41
C ASP A 546 -17.20 -4.03 4.30
N ARG A 547 -16.64 -5.24 4.38
CA ARG A 547 -16.73 -6.24 3.31
C ARG A 547 -17.37 -7.48 3.87
N PHE A 548 -18.27 -8.08 3.09
CA PHE A 548 -19.16 -9.20 3.49
C PHE A 548 -19.92 -9.69 2.24
N ASP A 549 -20.33 -10.94 2.29
CA ASP A 549 -21.21 -11.62 1.30
C ASP A 549 -22.61 -11.62 1.92
N MET A 550 -23.44 -10.63 1.59
CA MET A 550 -24.85 -10.61 2.07
C MET A 550 -25.68 -11.65 1.32
N LEU A 551 -25.30 -12.06 0.10
CA LEU A 551 -26.18 -12.93 -0.73
C LEU A 551 -26.33 -14.31 -0.10
N THR A 552 -25.25 -14.97 0.30
CA THR A 552 -25.30 -16.35 0.85
C THR A 552 -26.27 -16.42 2.02
N PRO A 553 -26.13 -15.59 3.09
CA PRO A 553 -27.08 -15.63 4.21
C PRO A 553 -28.53 -15.22 3.83
N LEU A 554 -28.73 -14.37 2.83
CA LEU A 554 -30.08 -14.06 2.33
C LEU A 554 -30.71 -15.32 1.72
N VAL A 555 -29.98 -16.01 0.87
CA VAL A 555 -30.48 -17.25 0.24
C VAL A 555 -30.81 -18.28 1.35
N ALA A 556 -29.99 -18.37 2.39
CA ALA A 556 -30.13 -19.40 3.46
C ALA A 556 -31.40 -19.09 4.25
N TRP A 557 -31.65 -17.81 4.49
CA TRP A 557 -32.80 -17.36 5.28
C TRP A 557 -34.10 -17.70 4.53
N VAL A 558 -34.14 -17.36 3.25
CA VAL A 558 -35.38 -17.45 2.44
C VAL A 558 -35.67 -18.93 2.20
N GLU A 559 -34.64 -19.71 1.86
CA GLU A 559 -34.85 -21.07 1.33
C GLU A 559 -34.85 -22.09 2.48
N ARG A 560 -34.03 -21.90 3.51
CA ARG A 560 -33.78 -22.90 4.60
C ARG A 560 -34.45 -22.41 5.89
N GLY A 561 -34.89 -21.15 6.01
CA GLY A 561 -35.41 -20.58 7.28
C GLY A 561 -34.28 -20.35 8.31
N GLU A 562 -33.02 -20.23 7.88
CA GLU A 562 -31.87 -20.06 8.79
C GLU A 562 -31.56 -18.55 8.87
N ALA A 563 -31.92 -17.96 9.99
CA ALA A 563 -31.76 -16.52 10.27
C ALA A 563 -30.27 -16.27 10.49
N PRO A 564 -29.69 -15.15 10.03
CA PRO A 564 -28.32 -14.82 10.37
C PRO A 564 -28.22 -14.29 11.81
N ASP A 565 -27.69 -15.14 12.70
CA ASP A 565 -27.31 -14.77 14.09
C ASP A 565 -26.02 -13.94 14.05
N GLN A 566 -25.26 -14.03 12.95
CA GLN A 566 -24.02 -13.27 12.66
C GLN A 566 -23.72 -13.30 11.16
N ILE A 567 -23.01 -12.32 10.65
CA ILE A 567 -22.46 -12.31 9.27
C ILE A 567 -20.99 -11.93 9.35
N SER A 568 -20.09 -12.79 8.85
CA SER A 568 -18.63 -12.53 8.80
C SER A 568 -18.39 -11.27 7.98
N ALA A 569 -17.63 -10.31 8.49
CA ALA A 569 -17.15 -9.17 7.68
C ALA A 569 -15.63 -9.07 7.80
N TRP A 570 -15.00 -8.30 6.93
CA TRP A 570 -13.55 -8.09 7.04
C TRP A 570 -13.27 -6.69 6.53
N SER A 571 -12.14 -6.09 6.93
CA SER A 571 -11.83 -4.69 6.54
C SER A 571 -11.22 -4.66 5.14
N GLY A 572 -11.66 -3.73 4.31
CA GLY A 572 -11.06 -3.45 2.99
C GLY A 572 -9.78 -2.64 3.14
N THR A 573 -9.59 -1.96 4.27
CA THR A 573 -8.38 -1.13 4.52
C THR A 573 -7.89 -1.39 5.94
N PRO A 574 -7.37 -2.62 6.20
CA PRO A 574 -6.91 -2.99 7.54
C PRO A 574 -5.67 -2.17 7.94
N GLY A 575 -5.10 -1.44 6.97
CA GLY A 575 -4.19 -0.31 7.20
C GLY A 575 -4.61 0.55 8.38
N TYR A 576 -5.90 0.83 8.51
CA TYR A 576 -6.48 1.70 9.58
C TYR A 576 -6.10 1.18 10.98
N PHE A 577 -5.96 -0.14 11.17
CA PHE A 577 -5.59 -0.75 12.48
C PHE A 577 -4.13 -1.24 12.48
N GLY A 578 -3.31 -0.83 11.50
CA GLY A 578 -1.99 -1.42 11.17
C GLY A 578 -1.91 -2.95 11.28
N VAL A 579 -2.72 -3.71 10.50
CA VAL A 579 -2.56 -5.18 10.36
C VAL A 579 -2.80 -5.54 8.89
N ALA A 580 -2.51 -6.79 8.51
CA ALA A 580 -2.70 -7.27 7.11
C ALA A 580 -4.18 -7.63 6.91
N ALA A 581 -4.86 -8.10 7.95
CA ALA A 581 -6.25 -8.60 7.89
C ALA A 581 -6.95 -8.34 9.23
N ARG A 582 -8.22 -7.90 9.21
CA ARG A 582 -9.15 -7.97 10.37
C ARG A 582 -10.55 -8.46 9.96
N THR A 583 -11.00 -9.56 10.57
CA THR A 583 -12.30 -10.23 10.38
C THR A 583 -13.05 -10.23 11.73
N ARG A 584 -14.36 -9.90 11.70
CA ARG A 584 -15.26 -9.67 12.86
C ARG A 584 -16.68 -10.05 12.50
N PRO A 585 -17.50 -10.56 13.45
CA PRO A 585 -18.90 -10.82 13.20
C PRO A 585 -19.64 -9.48 13.16
N LEU A 586 -20.50 -9.29 12.15
CA LEU A 586 -21.62 -8.31 12.21
C LEU A 586 -22.72 -8.96 13.02
N CYS A 587 -23.40 -8.18 13.84
CA CYS A 587 -24.37 -8.68 14.83
C CYS A 587 -25.73 -8.07 14.56
N PRO A 588 -26.81 -8.84 14.76
CA PRO A 588 -28.16 -8.34 14.60
C PRO A 588 -28.52 -7.33 15.69
N TYR A 589 -28.94 -6.14 15.30
CA TYR A 589 -29.45 -5.10 16.20
C TYR A 589 -30.41 -5.74 17.20
N PRO A 590 -30.30 -5.46 18.53
CA PRO A 590 -29.36 -4.48 19.09
C PRO A 590 -28.00 -5.02 19.58
N GLN A 591 -27.67 -6.25 19.17
CA GLN A 591 -26.43 -6.94 19.60
C GLN A 591 -25.19 -6.28 18.99
N ILE A 592 -24.04 -6.49 19.64
CA ILE A 592 -22.72 -5.93 19.19
C ILE A 592 -21.66 -7.03 19.29
N ALA A 593 -20.51 -6.77 18.69
CA ALA A 593 -19.34 -7.69 18.76
C ALA A 593 -18.69 -7.53 20.14
N ARG A 594 -18.55 -8.62 20.90
CA ARG A 594 -17.82 -8.66 22.20
C ARG A 594 -16.66 -9.66 22.12
N TYR A 595 -15.39 -9.21 22.26
CA TYR A 595 -14.17 -10.05 22.45
C TYR A 595 -14.34 -11.11 23.56
N LYS A 596 -13.95 -12.37 23.33
CA LYS A 596 -14.26 -13.48 24.28
C LYS A 596 -13.42 -13.39 25.57
N GLY A 597 -12.24 -12.75 25.55
CA GLY A 597 -11.33 -12.66 26.71
C GLY A 597 -9.88 -13.00 26.36
N SER A 598 -9.67 -13.97 25.46
CA SER A 598 -8.36 -14.33 24.87
C SER A 598 -8.46 -14.51 23.35
N GLY A 599 -7.34 -14.36 22.65
CA GLY A 599 -7.14 -14.70 21.23
C GLY A 599 -6.69 -13.50 20.39
N ASP A 600 -6.30 -13.72 19.13
CA ASP A 600 -5.92 -12.63 18.19
C ASP A 600 -7.14 -11.73 18.01
N ILE A 601 -6.94 -10.40 18.08
CA ILE A 601 -8.05 -9.41 18.14
C ILE A 601 -8.58 -9.19 16.72
N ASN A 602 -7.87 -9.68 15.71
CA ASN A 602 -8.23 -9.50 14.29
C ASN A 602 -8.87 -10.78 13.75
N THR A 603 -9.26 -11.71 14.62
CA THR A 603 -9.85 -13.01 14.22
C THR A 603 -11.28 -13.12 14.79
N GLU A 604 -12.22 -13.43 13.89
CA GLU A 604 -13.67 -13.44 14.13
C GLU A 604 -14.03 -14.51 15.16
N ALA A 605 -13.27 -15.62 15.26
CA ALA A 605 -13.62 -16.77 16.14
C ALA A 605 -13.50 -16.34 17.63
N ASN A 606 -12.76 -15.26 17.91
CA ASN A 606 -12.55 -14.70 19.27
C ASN A 606 -13.60 -13.63 19.59
N PHE A 607 -14.72 -13.61 18.86
CA PHE A 607 -15.82 -12.63 19.06
C PHE A 607 -17.16 -13.35 19.07
N ALA A 608 -18.03 -12.90 19.95
CA ALA A 608 -19.43 -13.35 20.05
C ALA A 608 -20.31 -12.12 19.84
N CYS A 609 -21.49 -12.37 19.30
CA CYS A 609 -22.58 -11.38 19.20
C CYS A 609 -23.30 -11.42 20.53
N ALA A 610 -23.55 -10.27 21.15
CA ALA A 610 -24.24 -10.21 22.46
C ALA A 610 -24.84 -8.82 22.74
N ALA A 611 -25.81 -8.80 23.66
CA ALA A 611 -26.39 -7.60 24.30
C ALA A 611 -25.27 -6.71 24.83
N PRO A 612 -25.42 -5.36 24.79
CA PRO A 612 -24.43 -4.47 25.41
C PRO A 612 -24.40 -4.56 26.94
N PRO A 613 -23.19 -4.50 27.54
CA PRO A 613 -22.99 -4.69 28.98
C PRO A 613 -24.22 -4.45 29.87
N VAL B 53 42.32 53.70 37.24
CA VAL B 53 42.69 53.01 35.95
C VAL B 53 41.64 53.35 34.88
N PRO B 54 42.05 53.95 33.75
CA PRO B 54 41.08 54.38 32.74
C PRO B 54 40.31 53.22 32.08
N LEU B 55 39.01 53.46 31.87
CA LEU B 55 38.09 52.56 31.15
C LEU B 55 38.64 52.24 29.76
N ALA B 56 38.43 51.02 29.28
CA ALA B 56 38.62 50.61 27.87
C ALA B 56 40.10 50.73 27.49
N SER B 57 41.01 50.42 28.42
CA SER B 57 42.48 50.63 28.29
C SER B 57 43.22 49.31 28.44
N ARG B 58 44.47 49.25 27.97
CA ARG B 58 45.43 48.16 28.28
C ARG B 58 45.34 47.81 29.78
N ALA B 59 45.20 48.78 30.67
CA ALA B 59 45.30 48.52 32.12
C ALA B 59 43.97 47.89 32.63
N ALA B 60 42.81 48.41 32.20
CA ALA B 60 41.49 47.80 32.51
C ALA B 60 41.47 46.35 32.01
N CYS B 61 42.06 46.10 30.85
CA CYS B 61 42.21 44.73 30.28
C CYS B 61 43.02 43.86 31.24
N GLU B 62 44.22 44.27 31.60
CA GLU B 62 45.17 43.42 32.36
C GLU B 62 44.55 43.10 33.75
N ALA B 63 43.72 44.01 34.28
CA ALA B 63 43.08 43.97 35.62
C ALA B 63 41.96 42.93 35.71
N LEU B 64 41.54 42.34 34.60
CA LEU B 64 40.46 41.31 34.61
C LEU B 64 41.08 39.95 34.99
N LYS B 65 42.40 39.85 35.13
CA LYS B 65 43.10 38.54 35.25
C LYS B 65 43.05 37.95 36.67
N ASP B 70 40.08 42.84 41.40
CA ASP B 70 38.77 43.09 42.05
C ASP B 70 37.60 43.09 41.02
N MET B 71 37.68 42.33 39.92
CA MET B 71 36.51 42.12 39.03
C MET B 71 35.57 41.13 39.72
N VAL B 72 34.26 41.38 39.69
CA VAL B 72 33.22 40.49 40.30
C VAL B 72 32.45 39.73 39.21
N TRP B 73 32.71 38.44 39.12
CA TRP B 73 32.11 37.49 38.13
C TRP B 73 30.77 37.05 38.67
N PRO B 74 29.69 36.98 37.85
CA PRO B 74 28.38 36.54 38.35
C PRO B 74 28.46 35.10 38.89
N ASN B 75 29.35 34.27 38.33
CA ASN B 75 29.65 32.92 38.83
C ASN B 75 31.03 32.98 39.50
N ALA B 76 31.13 32.60 40.76
CA ALA B 76 32.37 32.68 41.54
C ALA B 76 33.40 31.67 41.01
N ALA B 77 32.98 30.60 40.34
CA ALA B 77 33.93 29.61 39.77
C ALA B 77 34.36 30.04 38.35
N THR B 78 34.54 31.33 38.08
CA THR B 78 35.14 31.83 36.80
C THR B 78 36.66 31.95 37.00
N VAL B 79 37.46 31.32 36.14
CA VAL B 79 38.93 31.57 36.06
C VAL B 79 39.31 32.19 34.72
N VAL B 80 39.95 33.35 34.76
CA VAL B 80 40.54 34.02 33.57
C VAL B 80 41.98 33.54 33.38
N GLU B 81 42.30 32.95 32.23
CA GLU B 81 43.65 32.45 31.83
C GLU B 81 44.39 33.50 30.99
N VAL B 82 43.67 34.28 30.17
CA VAL B 82 44.30 35.28 29.26
C VAL B 82 43.54 36.60 29.36
N ALA B 83 44.24 37.69 29.58
CA ALA B 83 43.69 39.05 29.46
C ALA B 83 44.74 39.91 28.75
N ALA B 84 44.74 39.89 27.41
CA ALA B 84 45.83 40.39 26.56
C ALA B 84 45.29 41.47 25.65
N TRP B 85 46.08 42.52 25.46
CA TRP B 85 45.80 43.66 24.55
C TRP B 85 46.26 43.30 23.15
N ARG B 86 45.39 43.36 22.16
CA ARG B 86 45.77 43.02 20.76
C ARG B 86 45.73 44.30 19.91
N ASP B 87 46.80 44.54 19.16
CA ASP B 87 46.89 45.62 18.15
C ASP B 87 45.83 45.42 17.07
N ALA B 88 45.30 46.52 16.57
CA ALA B 88 44.52 46.55 15.31
C ALA B 88 45.26 45.63 14.31
N ALA B 89 44.51 44.85 13.52
CA ALA B 89 45.08 43.98 12.49
C ALA B 89 44.56 44.41 11.13
N PRO B 90 45.42 44.40 10.09
CA PRO B 90 44.98 44.78 8.75
C PRO B 90 44.03 43.77 8.09
N ALA B 91 43.24 44.21 7.12
CA ALA B 91 42.50 43.36 6.18
C ALA B 91 43.49 42.52 5.38
N THR B 92 43.11 41.25 5.16
CA THR B 92 43.79 40.25 4.31
C THR B 92 42.88 39.91 3.12
N ALA B 93 43.31 39.02 2.25
CA ALA B 93 42.46 38.51 1.14
C ALA B 93 41.20 37.91 1.74
N SER B 94 41.31 37.23 2.89
CA SER B 94 40.23 36.37 3.47
C SER B 94 39.56 37.01 4.69
N ALA B 95 40.02 38.14 5.25
CA ALA B 95 39.41 38.68 6.50
C ALA B 95 39.35 40.23 6.52
N ALA B 96 38.32 40.78 7.15
CA ALA B 96 38.21 42.24 7.35
C ALA B 96 39.19 42.67 8.43
N ALA B 97 39.53 43.96 8.44
CA ALA B 97 40.39 44.62 9.44
C ALA B 97 39.76 44.39 10.83
N LEU B 98 40.57 44.00 11.81
CA LEU B 98 40.14 43.83 13.24
C LEU B 98 40.63 45.02 14.04
N PRO B 99 39.77 45.63 14.86
CA PRO B 99 40.17 46.73 15.72
C PRO B 99 41.09 46.30 16.85
N GLU B 100 41.77 47.29 17.44
CA GLU B 100 42.48 47.17 18.74
C GLU B 100 41.48 46.66 19.78
N HIS B 101 41.81 45.63 20.55
CA HIS B 101 40.87 45.15 21.58
C HIS B 101 41.53 44.36 22.69
N CYS B 102 40.77 44.16 23.77
CA CYS B 102 41.08 43.28 24.91
C CYS B 102 40.54 41.88 24.57
N GLU B 103 41.42 40.89 24.56
CA GLU B 103 41.03 39.45 24.51
C GLU B 103 41.05 38.88 25.92
N VAL B 104 39.89 38.43 26.40
CA VAL B 104 39.79 37.67 27.66
C VAL B 104 39.33 36.26 27.34
N SER B 105 39.97 35.32 27.98
CA SER B 105 39.77 33.86 27.82
C SER B 105 39.71 33.20 29.19
N GLY B 106 38.92 32.15 29.33
CA GLY B 106 39.02 31.30 30.51
C GLY B 106 37.93 30.27 30.52
N ALA B 107 37.59 29.84 31.72
CA ALA B 107 36.67 28.71 31.95
C ALA B 107 35.82 28.98 33.20
N ILE B 108 34.57 28.51 33.21
CA ILE B 108 33.63 28.59 34.37
C ILE B 108 33.34 27.17 34.84
N ALA B 109 33.26 26.95 36.15
CA ALA B 109 32.76 25.71 36.81
C ALA B 109 33.58 24.49 36.36
N LYS B 110 34.91 24.58 36.43
CA LYS B 110 35.85 23.44 36.34
C LYS B 110 35.45 22.37 37.37
N ARG B 111 35.40 21.11 36.93
CA ARG B 111 34.95 19.99 37.79
C ARG B 111 35.29 18.66 37.11
N THR B 112 34.92 17.58 37.78
CA THR B 112 35.12 16.18 37.39
C THR B 112 33.73 15.63 37.12
N GLY B 113 33.51 15.07 35.93
CA GLY B 113 32.22 14.42 35.62
C GLY B 113 32.14 13.06 36.30
N ILE B 114 30.99 12.39 36.23
CA ILE B 114 30.75 11.07 36.87
C ILE B 114 31.53 10.00 36.10
N ASP B 115 32.05 10.34 34.91
CA ASP B 115 32.86 9.48 34.02
C ASP B 115 34.34 9.62 34.40
N GLY B 116 34.66 10.49 35.36
CA GLY B 116 36.05 10.76 35.77
C GLY B 116 36.77 11.69 34.79
N TYR B 117 36.10 12.25 33.76
CA TYR B 117 36.73 13.26 32.86
C TYR B 117 36.59 14.66 33.45
N PRO B 118 37.55 15.57 33.18
CA PRO B 118 37.42 16.98 33.53
C PRO B 118 36.43 17.70 32.60
N TYR B 119 35.72 18.69 33.13
CA TYR B 119 34.75 19.51 32.36
C TYR B 119 34.84 20.94 32.85
N GLU B 120 34.69 21.88 31.93
CA GLU B 120 34.54 23.32 32.26
C GLU B 120 33.86 24.03 31.11
N ILE B 121 33.33 25.20 31.36
CA ILE B 121 32.72 26.00 30.27
C ILE B 121 33.77 27.03 29.86
N LYS B 122 34.36 26.82 28.70
CA LYS B 122 35.37 27.75 28.18
C LYS B 122 34.65 28.91 27.51
N PHE B 123 35.29 30.06 27.52
CA PHE B 123 34.85 31.25 26.76
C PHE B 123 36.07 32.07 26.30
N ARG B 124 35.88 32.76 25.19
CA ARG B 124 36.81 33.79 24.69
C ARG B 124 35.97 35.02 24.36
N LEU B 125 36.36 36.18 24.90
CA LEU B 125 35.65 37.47 24.78
C LEU B 125 36.61 38.47 24.12
N ARG B 126 36.14 39.26 23.16
CA ARG B 126 36.96 40.32 22.53
C ARG B 126 36.22 41.65 22.67
N MET B 127 36.80 42.62 23.38
CA MET B 127 36.18 43.94 23.66
C MET B 127 36.99 45.01 22.95
N PRO B 128 36.49 45.64 21.90
CA PRO B 128 37.28 46.64 21.19
C PRO B 128 37.53 47.88 22.06
N ALA B 129 38.68 48.52 21.88
CA ALA B 129 38.98 49.81 22.56
C ALA B 129 37.89 50.83 22.21
N GLU B 130 37.45 50.84 20.96
CA GLU B 130 36.42 51.74 20.39
C GLU B 130 35.24 50.85 20.05
N TRP B 131 34.16 51.11 20.74
CA TRP B 131 33.02 50.19 20.93
C TRP B 131 31.76 50.83 20.40
N ASN B 132 30.97 50.13 19.58
CA ASN B 132 29.63 50.58 19.13
C ASN B 132 28.56 50.36 20.24
N GLY B 133 28.89 49.79 21.39
CA GLY B 133 27.96 49.65 22.53
C GLY B 133 27.07 48.42 22.44
N ARG B 134 27.41 47.48 21.59
CA ARG B 134 26.59 46.28 21.35
C ARG B 134 27.40 45.03 21.73
N PHE B 135 26.73 44.08 22.33
CA PHE B 135 27.28 42.76 22.68
C PHE B 135 26.83 41.78 21.60
N PHE B 136 27.67 40.79 21.26
CA PHE B 136 27.35 39.83 20.19
C PHE B 136 27.85 38.45 20.59
N MET B 137 27.06 37.39 20.41
CA MET B 137 27.57 36.02 20.67
C MET B 137 27.34 35.17 19.42
N GLU B 138 28.38 34.43 18.99
CA GLU B 138 28.28 33.46 17.88
C GLU B 138 27.85 32.12 18.47
N GLY B 139 27.01 31.40 17.74
CA GLY B 139 26.52 30.06 18.09
C GLY B 139 27.55 29.01 17.77
N GLY B 140 27.34 27.80 18.24
CA GLY B 140 28.26 26.68 18.02
C GLY B 140 27.94 25.95 16.72
N SER B 141 28.47 24.73 16.65
CA SER B 141 28.53 23.84 15.47
C SER B 141 28.71 22.38 15.95
N GLY B 142 27.93 21.47 15.38
CA GLY B 142 28.05 20.02 15.65
C GLY B 142 27.70 19.73 17.08
N THR B 143 28.58 19.04 17.79
CA THR B 143 28.43 18.79 19.24
C THR B 143 29.26 19.78 20.05
N ASN B 144 29.62 20.94 19.45
CA ASN B 144 30.49 21.95 20.08
C ASN B 144 31.80 21.29 20.52
N GLY B 145 32.39 21.73 21.63
CA GLY B 145 33.66 21.22 22.17
C GLY B 145 34.92 21.93 21.63
N SER B 146 34.79 22.93 20.75
CA SER B 146 35.90 23.81 20.31
C SER B 146 35.61 25.28 20.63
N LEU B 147 36.67 25.98 20.95
CA LEU B 147 36.61 27.42 21.26
C LEU B 147 37.20 28.12 20.04
N SER B 148 36.34 28.76 19.26
CA SER B 148 36.72 29.47 18.01
C SER B 148 37.53 30.73 18.37
N ALA B 149 37.94 31.46 17.35
CA ALA B 149 38.67 32.74 17.51
C ALA B 149 37.77 33.80 18.17
N ALA B 150 36.43 33.66 18.15
CA ALA B 150 35.50 34.57 18.85
C ALA B 150 35.62 36.00 18.30
N THR B 151 35.73 36.16 16.99
CA THR B 151 35.58 37.48 16.33
C THR B 151 34.11 37.71 15.94
N GLY B 152 33.22 36.77 16.22
CA GLY B 152 31.79 36.93 15.95
C GLY B 152 31.47 36.73 14.48
N SER B 153 31.40 35.49 14.07
CA SER B 153 30.95 35.08 12.74
C SER B 153 29.46 35.45 12.60
N ILE B 154 29.03 35.91 11.43
CA ILE B 154 27.61 36.30 11.23
C ILE B 154 26.96 35.34 10.23
N GLY B 155 27.66 34.28 9.81
CA GLY B 155 27.14 33.28 8.85
C GLY B 155 26.98 33.88 7.45
N GLY B 156 26.14 33.26 6.62
CA GLY B 156 25.86 33.67 5.21
C GLY B 156 27.11 33.91 4.37
N GLY B 157 28.21 33.19 4.63
CA GLY B 157 29.49 33.25 3.89
C GLY B 157 30.10 34.64 3.83
N GLN B 158 29.83 35.51 4.82
CA GLN B 158 30.39 36.89 4.95
C GLN B 158 31.82 36.85 5.48
N ILE B 159 32.63 37.78 4.98
CA ILE B 159 34.06 38.04 5.31
C ILE B 159 34.12 38.81 6.63
N ALA B 160 33.33 39.87 6.76
CA ALA B 160 33.27 40.75 7.95
C ALA B 160 32.74 39.98 9.17
N SER B 161 33.49 39.95 10.25
CA SER B 161 33.07 39.54 11.62
C SER B 161 32.37 40.70 12.36
N ALA B 162 31.65 40.38 13.42
CA ALA B 162 31.03 41.38 14.33
C ALA B 162 32.14 42.21 14.98
N LEU B 163 33.28 41.61 15.35
CA LEU B 163 34.39 42.41 15.94
C LEU B 163 34.89 43.41 14.88
N SER B 164 34.92 43.06 13.59
CA SER B 164 35.36 44.01 12.54
C SER B 164 34.36 45.17 12.48
N ARG B 165 33.12 44.99 12.94
CA ARG B 165 32.16 46.12 13.02
C ARG B 165 32.08 46.71 14.43
N ASN B 166 33.02 46.36 15.31
CA ASN B 166 33.24 47.08 16.60
C ASN B 166 32.23 46.62 17.65
N PHE B 167 31.65 45.45 17.48
CA PHE B 167 30.93 44.76 18.57
C PHE B 167 31.93 44.18 19.57
N ALA B 168 31.55 44.08 20.85
CA ALA B 168 32.20 43.13 21.80
C ALA B 168 31.62 41.72 21.54
N THR B 169 32.46 40.72 21.35
CA THR B 169 32.08 39.41 20.76
C THR B 169 32.47 38.30 21.73
N ILE B 170 31.65 37.23 21.82
CA ILE B 170 31.97 36.09 22.71
C ILE B 170 31.63 34.76 22.05
N ALA B 171 32.34 33.71 22.43
CA ALA B 171 32.10 32.32 22.00
C ALA B 171 32.29 31.35 23.17
N THR B 172 31.73 30.15 23.08
CA THR B 172 31.89 29.09 24.10
C THR B 172 32.18 27.77 23.44
N ASP B 173 32.76 26.82 24.17
CA ASP B 173 32.93 25.42 23.70
C ASP B 173 31.72 24.61 24.16
N GLY B 174 30.84 25.24 24.92
CA GLY B 174 29.54 24.65 25.29
C GLY B 174 29.66 23.66 26.43
N GLY B 175 30.85 23.54 27.03
CA GLY B 175 31.02 22.86 28.35
C GLY B 175 31.85 21.60 28.28
N HIS B 176 32.39 21.26 27.13
CA HIS B 176 33.37 20.14 26.97
C HIS B 176 34.40 20.58 25.93
N ASP B 177 35.47 19.80 25.77
CA ASP B 177 36.67 20.13 24.95
C ASP B 177 36.98 18.90 24.10
N ASN B 178 37.05 19.05 22.78
CA ASN B 178 37.29 17.91 21.85
C ASN B 178 38.66 17.24 22.11
N ALA B 179 39.66 17.99 22.59
CA ALA B 179 41.05 17.51 22.87
C ALA B 179 41.04 16.64 24.14
N VAL B 180 40.24 16.98 25.15
CA VAL B 180 40.22 16.33 26.49
C VAL B 180 39.03 15.34 26.58
N ASN B 181 37.82 15.70 26.14
CA ASN B 181 36.59 14.89 26.35
C ASN B 181 36.38 13.98 25.12
N ASP B 182 37.40 13.18 24.83
CA ASP B 182 37.55 12.27 23.67
C ASP B 182 37.79 10.88 24.25
N ASN B 183 36.75 10.10 24.38
CA ASN B 183 36.80 8.81 25.09
C ASN B 183 36.64 7.73 24.01
N PRO B 184 37.67 6.87 23.84
CA PRO B 184 37.64 5.81 22.82
C PRO B 184 36.60 4.73 23.15
N ASP B 185 36.09 4.64 24.37
CA ASP B 185 34.99 3.67 24.70
C ASP B 185 33.61 4.35 24.53
N ALA B 186 33.53 5.66 24.24
CA ALA B 186 32.24 6.39 24.16
C ALA B 186 32.12 7.24 22.88
N LEU B 187 32.66 6.75 21.77
CA LEU B 187 32.49 7.30 20.39
C LEU B 187 33.18 8.66 20.28
N GLY B 188 34.32 8.81 20.97
CA GLY B 188 35.24 9.92 20.76
C GLY B 188 34.68 11.24 21.26
N THR B 189 34.57 12.24 20.41
CA THR B 189 34.29 13.64 20.85
C THR B 189 32.82 13.83 21.25
N VAL B 190 31.95 12.84 21.08
CA VAL B 190 30.58 12.89 21.66
C VAL B 190 30.58 12.37 23.10
N ALA B 191 31.71 12.02 23.68
CA ALA B 191 31.77 11.27 24.97
C ALA B 191 31.26 12.08 26.17
N PHE B 192 31.15 13.38 26.07
CA PHE B 192 30.63 14.27 27.14
C PHE B 192 29.20 13.84 27.52
N GLY B 193 28.51 13.17 26.61
CA GLY B 193 27.15 12.70 26.91
C GLY B 193 27.11 11.77 28.11
N LEU B 194 28.20 11.15 28.52
CA LEU B 194 28.22 10.28 29.73
C LEU B 194 28.04 11.10 31.02
N ASP B 195 28.32 12.40 31.00
CA ASP B 195 28.18 13.26 32.21
C ASP B 195 26.89 14.06 32.15
N PRO B 196 25.95 13.83 33.08
CA PRO B 196 24.70 14.60 33.12
C PRO B 196 24.84 16.12 33.13
N GLN B 197 25.74 16.69 33.93
CA GLN B 197 25.90 18.17 33.96
C GLN B 197 26.40 18.66 32.58
N ALA B 198 27.25 17.90 31.91
CA ALA B 198 27.82 18.25 30.60
C ALA B 198 26.68 18.32 29.58
N ARG B 199 25.65 17.48 29.74
CA ARG B 199 24.44 17.53 28.89
C ARG B 199 23.75 18.87 29.13
N LEU B 200 23.55 19.24 30.40
CA LEU B 200 22.76 20.45 30.73
C LEU B 200 23.56 21.65 30.18
N ASP B 201 24.89 21.58 30.26
CA ASP B 201 25.82 22.63 29.80
C ASP B 201 25.67 22.80 28.29
N MET B 202 25.69 21.70 27.54
CA MET B 202 25.60 21.67 26.07
C MET B 202 24.23 22.19 25.59
N GLY B 203 23.18 21.83 26.31
CA GLY B 203 21.81 22.21 25.98
C GLY B 203 21.52 23.67 26.29
N TYR B 204 21.80 24.16 27.50
CA TYR B 204 21.32 25.52 27.86
C TYR B 204 22.30 26.26 28.78
N ASN B 205 22.97 25.58 29.71
CA ASN B 205 23.63 26.27 30.86
C ASN B 205 24.92 27.02 30.43
N SER B 206 25.74 26.44 29.56
CA SER B 206 26.97 27.12 29.06
C SER B 206 26.61 28.50 28.48
N TYR B 207 25.59 28.58 27.62
CA TYR B 207 25.26 29.83 26.86
C TYR B 207 24.83 30.91 27.87
N ASP B 208 24.13 30.47 28.90
CA ASP B 208 23.68 31.30 30.04
C ASP B 208 24.89 31.85 30.79
N GLN B 209 25.72 30.95 31.33
CA GLN B 209 26.93 31.28 32.12
C GLN B 209 27.83 32.24 31.28
N VAL B 210 28.03 31.96 30.02
CA VAL B 210 28.98 32.76 29.20
C VAL B 210 28.35 34.11 28.88
N THR B 211 27.05 34.18 28.61
CA THR B 211 26.36 35.46 28.35
C THR B 211 26.51 36.36 29.57
N GLN B 212 26.25 35.83 30.75
CA GLN B 212 26.31 36.61 31.99
C GLN B 212 27.77 37.02 32.22
N ALA B 213 28.74 36.12 32.05
CA ALA B 213 30.16 36.46 32.29
C ALA B 213 30.59 37.57 31.30
N GLY B 214 30.15 37.48 30.06
CA GLY B 214 30.50 38.46 29.02
C GLY B 214 29.98 39.84 29.35
N LYS B 215 28.73 39.94 29.76
CA LYS B 215 28.12 41.27 30.04
C LYS B 215 28.77 41.83 31.30
N ALA B 216 29.10 41.01 32.27
CA ALA B 216 29.77 41.55 33.48
C ALA B 216 31.15 42.13 33.06
N ALA B 217 31.91 41.45 32.21
CA ALA B 217 33.24 41.92 31.74
C ALA B 217 33.05 43.25 30.99
N VAL B 218 32.05 43.32 30.11
CA VAL B 218 31.75 44.53 29.30
C VAL B 218 31.42 45.68 30.25
N ALA B 219 30.59 45.49 31.25
CA ALA B 219 30.21 46.59 32.18
C ALA B 219 31.44 47.12 32.96
N ARG B 220 32.34 46.25 33.37
CA ARG B 220 33.56 46.67 34.09
C ARG B 220 34.54 47.37 33.12
N PHE B 221 34.84 46.79 31.96
CA PHE B 221 35.82 47.32 30.98
C PHE B 221 35.40 48.71 30.45
N TYR B 222 34.12 48.93 30.13
CA TYR B 222 33.64 50.16 29.46
C TYR B 222 32.97 51.12 30.45
N GLY B 223 32.66 50.67 31.66
CA GLY B 223 31.94 51.49 32.65
C GLY B 223 30.50 51.70 32.23
N ARG B 224 29.99 50.87 31.31
CA ARG B 224 28.53 50.88 30.99
C ARG B 224 28.10 49.57 30.36
N ALA B 225 26.81 49.25 30.43
CA ALA B 225 26.24 47.97 29.94
C ALA B 225 25.99 48.11 28.43
N ALA B 226 25.98 47.01 27.69
CA ALA B 226 25.65 47.02 26.25
C ALA B 226 24.27 47.65 26.05
N ASP B 227 24.11 48.57 25.09
CA ASP B 227 22.77 49.13 24.74
C ASP B 227 21.88 47.98 24.26
N LYS B 228 22.41 47.08 23.43
CA LYS B 228 21.65 45.95 22.85
C LYS B 228 22.56 44.74 22.77
N SER B 229 21.98 43.56 22.78
CA SER B 229 22.72 42.28 22.64
C SER B 229 22.20 41.49 21.45
N TYR B 230 23.11 40.87 20.68
CA TYR B 230 22.77 40.13 19.45
C TYR B 230 23.39 38.76 19.50
N PHE B 231 22.68 37.76 18.96
CA PHE B 231 23.14 36.37 18.85
C PHE B 231 22.89 35.84 17.43
N ILE B 232 23.88 35.22 16.81
CA ILE B 232 23.74 34.67 15.44
C ILE B 232 24.37 33.29 15.44
N GLY B 233 23.63 32.31 14.95
CA GLY B 233 24.14 30.93 14.83
C GLY B 233 23.37 30.17 13.77
N CYS B 234 24.00 29.12 13.24
CA CYS B 234 23.39 28.21 12.25
C CYS B 234 23.49 26.80 12.81
N SER B 235 22.52 25.95 12.51
CA SER B 235 22.48 24.51 12.92
C SER B 235 22.38 24.35 14.46
N GLU B 236 23.33 23.71 15.11
CA GLU B 236 23.41 23.70 16.59
C GLU B 236 23.29 25.14 17.09
N GLY B 237 23.93 26.06 16.39
CA GLY B 237 23.92 27.49 16.75
C GLY B 237 22.53 28.07 16.61
N GLY B 238 21.76 27.59 15.63
CA GLY B 238 20.36 28.02 15.42
C GLY B 238 19.46 27.49 16.51
N ARG B 239 19.68 26.24 16.93
CA ARG B 239 19.04 25.66 18.12
C ARG B 239 19.28 26.58 19.31
N GLU B 240 20.55 26.94 19.59
CA GLU B 240 20.94 27.81 20.75
C GLU B 240 20.09 29.09 20.71
N GLY B 241 19.97 29.72 19.55
CA GLY B 241 19.26 30.99 19.42
C GLY B 241 17.80 30.82 19.76
N MET B 242 17.19 29.77 19.26
CA MET B 242 15.76 29.50 19.57
C MET B 242 15.63 29.19 21.06
N MET B 243 16.57 28.44 21.61
CA MET B 243 16.55 28.15 23.08
C MET B 243 16.67 29.48 23.85
N LEU B 244 17.48 30.46 23.39
CA LEU B 244 17.65 31.75 24.12
C LEU B 244 16.35 32.54 24.06
N SER B 245 15.65 32.60 22.93
CA SER B 245 14.32 33.25 22.84
C SER B 245 13.32 32.63 23.82
N GLN B 246 13.40 31.31 24.08
CA GLN B 246 12.33 30.56 24.80
C GLN B 246 12.65 30.52 26.30
N ARG B 247 13.90 30.27 26.69
CA ARG B 247 14.35 30.04 28.09
C ARG B 247 14.97 31.29 28.70
N PHE B 248 15.65 32.13 27.91
CA PHE B 248 16.33 33.33 28.46
C PHE B 248 15.97 34.53 27.61
N PRO B 249 14.68 34.93 27.63
CA PRO B 249 14.19 35.94 26.68
C PRO B 249 14.96 37.26 26.80
N SER B 250 15.50 37.60 27.97
CA SER B 250 16.15 38.92 28.11
C SER B 250 17.65 38.88 27.80
N HIS B 251 18.24 37.71 27.54
CA HIS B 251 19.70 37.63 27.29
C HIS B 251 20.06 38.39 26.00
N TYR B 252 19.24 38.27 24.96
CA TYR B 252 19.53 38.82 23.62
C TYR B 252 18.29 39.51 23.08
N ASP B 253 18.50 40.66 22.48
CA ASP B 253 17.47 41.52 21.85
C ASP B 253 17.24 41.07 20.42
N GLY B 254 18.31 40.67 19.72
CA GLY B 254 18.21 40.23 18.32
C GLY B 254 18.81 38.87 18.18
N ILE B 255 18.09 37.95 17.57
CA ILE B 255 18.58 36.56 17.35
C ILE B 255 18.40 36.22 15.89
N VAL B 256 19.43 35.68 15.27
CA VAL B 256 19.35 35.03 13.94
C VAL B 256 19.63 33.55 14.21
N ALA B 257 18.64 32.71 13.90
CA ALA B 257 18.73 31.25 14.01
C ALA B 257 18.67 30.69 12.58
N GLY B 258 19.81 30.20 12.10
CA GLY B 258 19.87 29.54 10.81
C GLY B 258 19.70 28.03 10.97
N ALA B 259 19.04 27.40 9.99
CA ALA B 259 18.89 25.94 9.87
C ALA B 259 18.83 25.31 11.28
N PRO B 260 17.86 25.74 12.11
CA PRO B 260 17.92 25.47 13.54
C PRO B 260 17.57 24.00 13.89
N GLY B 261 18.50 23.37 14.59
CA GLY B 261 18.32 22.03 15.14
C GLY B 261 17.47 22.05 16.39
N TYR B 262 16.26 22.60 16.28
CA TYR B 262 15.40 22.84 17.46
C TYR B 262 14.82 21.53 18.00
N GLN B 263 14.95 20.43 17.24
CA GLN B 263 14.51 19.08 17.65
C GLN B 263 15.68 18.10 17.49
N LEU B 264 16.89 18.55 17.80
CA LEU B 264 18.17 17.88 17.43
C LEU B 264 18.12 16.43 17.91
N PRO B 265 17.52 16.10 19.08
CA PRO B 265 17.48 14.68 19.49
C PRO B 265 16.65 13.77 18.59
N LYS B 266 15.82 14.31 17.70
CA LYS B 266 15.11 13.48 16.69
C LYS B 266 16.01 13.20 15.45
N ALA B 267 17.11 13.92 15.27
CA ALA B 267 17.97 13.77 14.07
C ALA B 267 18.44 12.31 13.91
N GLY B 268 18.84 11.67 15.01
CA GLY B 268 19.30 10.26 14.99
C GLY B 268 18.20 9.31 14.57
N ILE B 269 16.95 9.67 14.85
CA ILE B 269 15.75 8.85 14.49
C ILE B 269 15.55 8.97 12.96
N SER B 270 15.49 10.18 12.44
CA SER B 270 15.52 10.44 10.98
C SER B 270 16.69 9.67 10.36
N GLY B 271 17.85 9.63 11.01
CA GLY B 271 19.05 8.99 10.44
C GLY B 271 18.90 7.47 10.33
N ALA B 272 18.44 6.82 11.41
CA ALA B 272 18.10 5.39 11.43
C ALA B 272 17.06 5.13 10.32
N TRP B 273 16.10 6.03 10.20
CA TRP B 273 15.04 5.87 9.19
C TRP B 273 15.62 5.93 7.77
N THR B 274 16.35 7.00 7.44
CA THR B 274 16.95 7.17 6.09
C THR B 274 17.93 6.02 5.88
N THR B 275 18.71 5.68 6.89
CA THR B 275 19.62 4.52 6.76
C THR B 275 18.83 3.25 6.38
N GLN B 276 17.74 2.93 7.08
CA GLN B 276 16.98 1.68 6.83
C GLN B 276 16.20 1.82 5.51
N SER B 277 15.70 3.02 5.18
CA SER B 277 15.01 3.29 3.89
C SER B 277 15.97 3.11 2.72
N LEU B 278 17.23 3.52 2.86
CA LEU B 278 18.16 3.52 1.70
C LEU B 278 18.83 2.16 1.48
N ALA B 279 18.87 1.29 2.49
CA ALA B 279 19.65 0.02 2.49
C ALA B 279 19.23 -0.94 1.38
N PRO B 280 17.93 -1.17 1.12
CA PRO B 280 17.53 -2.08 0.04
C PRO B 280 18.15 -1.64 -1.30
N ALA B 281 18.48 -0.36 -1.46
CA ALA B 281 19.09 0.17 -2.70
C ALA B 281 20.63 0.06 -2.67
N ALA B 282 21.23 -0.22 -1.52
CA ALA B 282 22.69 -0.30 -1.38
C ALA B 282 23.24 -1.42 -2.25
N VAL B 283 24.48 -1.26 -2.68
CA VAL B 283 25.26 -2.23 -3.50
C VAL B 283 26.55 -2.47 -2.73
N GLY B 284 26.63 -3.63 -2.08
CA GLY B 284 27.84 -4.06 -1.36
C GLY B 284 27.68 -3.93 0.15
N LEU B 285 28.66 -4.45 0.87
CA LEU B 285 28.70 -4.54 2.34
C LEU B 285 30.01 -3.92 2.80
N ASP B 286 30.06 -3.23 3.93
CA ASP B 286 31.34 -2.77 4.54
C ASP B 286 32.00 -3.93 5.28
N ALA B 287 33.15 -3.66 5.90
CA ALA B 287 33.90 -4.64 6.72
C ALA B 287 32.97 -5.37 7.73
N GLN B 288 31.91 -4.74 8.26
CA GLN B 288 31.08 -5.33 9.34
C GLN B 288 29.81 -5.93 8.74
N GLY B 289 29.66 -5.96 7.42
CA GLY B 289 28.51 -6.65 6.82
C GLY B 289 27.25 -5.81 6.82
N VAL B 290 27.40 -4.48 6.95
CA VAL B 290 26.28 -3.51 6.83
C VAL B 290 26.22 -3.01 5.39
N PRO B 291 25.02 -2.88 4.79
CA PRO B 291 24.92 -2.33 3.44
C PRO B 291 25.60 -0.97 3.28
N LEU B 292 26.31 -0.80 2.16
CA LEU B 292 27.00 0.46 1.76
C LEU B 292 25.98 1.47 1.24
N ILE B 293 25.49 2.29 2.17
CA ILE B 293 24.39 3.25 1.92
C ILE B 293 24.92 4.27 0.91
N ASN B 294 26.23 4.51 0.92
CA ASN B 294 26.90 5.47 -0.01
C ASN B 294 26.74 5.00 -1.48
N LYS B 295 26.45 3.72 -1.72
CA LYS B 295 26.35 3.16 -3.09
C LYS B 295 24.89 3.09 -3.57
N SER B 296 23.90 3.44 -2.75
CA SER B 296 22.48 3.41 -3.15
C SER B 296 22.21 4.37 -4.32
N PHE B 297 22.97 5.46 -4.42
CA PHE B 297 22.86 6.44 -5.53
C PHE B 297 24.26 6.91 -5.92
N SER B 298 24.58 6.88 -7.21
CA SER B 298 25.81 7.54 -7.75
C SER B 298 25.55 9.06 -7.75
N ASP B 299 26.58 9.88 -7.94
CA ASP B 299 26.44 11.35 -8.14
C ASP B 299 25.52 11.62 -9.34
N ALA B 300 25.66 10.83 -10.42
CA ALA B 300 24.89 10.92 -11.69
C ALA B 300 23.42 10.63 -11.41
N ASP B 301 23.14 9.64 -10.54
CA ASP B 301 21.76 9.26 -10.15
C ASP B 301 21.09 10.42 -9.40
N LEU B 302 21.76 11.05 -8.44
CA LEU B 302 21.18 12.21 -7.71
C LEU B 302 21.00 13.37 -8.67
N HIS B 303 21.86 13.48 -9.68
CA HIS B 303 21.74 14.53 -10.72
C HIS B 303 20.48 14.30 -11.55
N LEU B 304 20.14 13.04 -11.90
CA LEU B 304 18.87 12.76 -12.62
C LEU B 304 17.69 13.26 -11.79
N LEU B 305 17.70 12.95 -10.49
CA LEU B 305 16.56 13.27 -9.57
C LEU B 305 16.43 14.80 -9.48
N SER B 306 17.52 15.53 -9.25
CA SER B 306 17.43 17.02 -9.23
C SER B 306 16.97 17.53 -10.60
N GLN B 307 17.45 16.96 -11.71
CA GLN B 307 17.01 17.39 -13.07
C GLN B 307 15.50 17.13 -13.22
N ALA B 308 15.02 16.00 -12.69
CA ALA B 308 13.58 15.65 -12.77
C ALA B 308 12.80 16.63 -11.88
N ILE B 309 13.34 16.99 -10.70
CA ILE B 309 12.65 17.92 -9.77
C ILE B 309 12.49 19.26 -10.47
N LEU B 310 13.52 19.71 -11.17
CA LEU B 310 13.50 20.95 -11.99
C LEU B 310 12.47 20.83 -13.12
N GLY B 311 12.45 19.71 -13.86
CA GLY B 311 11.45 19.48 -14.91
C GLY B 311 10.02 19.66 -14.41
N THR B 312 9.70 19.13 -13.24
CA THR B 312 8.35 19.26 -12.62
C THR B 312 8.15 20.64 -11.99
N CYS B 313 9.14 21.21 -11.32
CA CYS B 313 8.93 22.27 -10.29
C CYS B 313 9.49 23.65 -10.70
N ASP B 314 10.59 23.69 -11.44
CA ASP B 314 11.35 24.93 -11.73
C ASP B 314 10.43 26.08 -12.19
N ALA B 315 9.51 25.80 -13.13
CA ALA B 315 8.62 26.78 -13.80
C ALA B 315 7.34 27.07 -13.00
N LEU B 316 7.12 26.46 -11.85
CA LEU B 316 5.89 26.74 -11.04
C LEU B 316 6.02 28.12 -10.37
N ASP B 317 7.23 28.69 -10.37
CA ASP B 317 7.61 30.08 -10.03
C ASP B 317 7.10 31.12 -11.01
N GLY B 318 6.94 30.69 -12.26
CA GLY B 318 6.83 31.61 -13.41
C GLY B 318 8.12 31.72 -14.19
N LEU B 319 9.22 31.05 -13.83
CA LEU B 319 10.55 31.23 -14.49
C LEU B 319 11.46 29.97 -14.41
N ALA B 320 11.86 29.42 -15.56
CA ALA B 320 12.85 28.32 -15.67
C ALA B 320 14.26 28.90 -15.47
N ASP B 321 14.86 28.74 -14.29
CA ASP B 321 16.18 29.31 -13.93
C ASP B 321 17.02 28.38 -13.03
N GLY B 322 16.64 27.12 -12.86
CA GLY B 322 17.41 26.19 -12.00
C GLY B 322 17.09 26.34 -10.50
N ILE B 323 16.02 27.09 -10.16
CA ILE B 323 15.59 27.45 -8.77
C ILE B 323 14.08 27.23 -8.60
N VAL B 324 13.71 26.46 -7.55
CA VAL B 324 12.32 26.14 -7.14
C VAL B 324 11.96 27.10 -6.03
N ASP B 325 11.46 28.27 -6.41
CA ASP B 325 10.98 29.34 -5.49
C ASP B 325 9.64 28.89 -4.91
N ASN B 326 8.83 28.18 -5.69
CA ASN B 326 7.47 27.76 -5.27
C ASN B 326 7.53 26.35 -4.69
N TYR B 327 8.08 26.24 -3.48
CA TYR B 327 8.42 24.95 -2.84
C TYR B 327 7.13 24.19 -2.49
N ARG B 328 6.08 24.88 -2.03
CA ARG B 328 4.79 24.18 -1.72
C ARG B 328 4.26 23.52 -2.98
N ALA B 329 4.16 24.24 -4.10
CA ALA B 329 3.61 23.68 -5.35
C ALA B 329 4.48 22.48 -5.76
N CYS B 330 5.79 22.58 -5.59
CA CYS B 330 6.71 21.45 -5.89
C CYS B 330 6.29 20.21 -5.10
N GLN B 331 5.97 20.33 -3.79
CA GLN B 331 5.74 19.11 -2.96
C GLN B 331 4.41 18.46 -3.38
N ALA B 332 3.44 19.29 -3.80
CA ALA B 332 2.13 18.88 -4.31
C ALA B 332 2.28 18.16 -5.66
N ALA B 333 3.29 18.45 -6.47
CA ALA B 333 3.35 17.95 -7.87
C ALA B 333 4.40 16.86 -8.06
N PHE B 334 5.43 16.77 -7.22
CA PHE B 334 6.59 15.90 -7.57
C PHE B 334 6.40 14.54 -6.91
N ASP B 335 6.37 13.49 -7.73
CA ASP B 335 6.54 12.07 -7.34
C ASP B 335 7.57 11.47 -8.28
N PRO B 336 8.74 11.00 -7.79
CA PRO B 336 9.75 10.42 -8.68
C PRO B 336 9.25 9.14 -9.36
N ALA B 337 8.26 8.45 -8.79
CA ALA B 337 7.71 7.21 -9.41
C ALA B 337 6.94 7.55 -10.69
N THR B 338 6.52 8.79 -10.91
CA THR B 338 5.75 9.16 -12.13
C THR B 338 6.44 10.26 -12.95
N ALA B 339 7.36 11.04 -12.38
CA ALA B 339 7.95 12.21 -13.07
C ALA B 339 8.73 11.77 -14.32
N ALA B 340 8.80 12.66 -15.33
CA ALA B 340 9.64 12.53 -16.56
C ALA B 340 11.11 12.90 -16.29
N ASN B 341 12.06 12.19 -16.94
CA ASN B 341 13.46 12.65 -17.18
C ASN B 341 13.36 13.70 -18.28
N PRO B 342 13.62 15.01 -18.01
CA PRO B 342 13.45 16.05 -19.03
C PRO B 342 14.32 15.80 -20.27
N ALA B 343 15.56 15.32 -20.07
CA ALA B 343 16.64 15.10 -21.09
C ALA B 343 16.23 14.09 -22.20
N ASN B 344 15.31 13.14 -21.95
CA ASN B 344 14.87 12.12 -22.95
C ASN B 344 13.34 12.06 -23.17
N GLY B 345 12.49 12.74 -22.39
CA GLY B 345 11.01 12.62 -22.47
C GLY B 345 10.45 11.33 -21.86
N GLN B 346 11.28 10.45 -21.30
CA GLN B 346 10.83 9.17 -20.69
C GLN B 346 10.76 9.29 -19.15
N ALA B 347 10.16 8.29 -18.49
CA ALA B 347 10.00 8.26 -17.02
C ALA B 347 11.39 8.30 -16.35
N LEU B 348 11.51 9.07 -15.27
CA LEU B 348 12.69 8.95 -14.38
C LEU B 348 12.85 7.48 -13.93
N GLN B 349 11.75 6.80 -13.61
CA GLN B 349 11.80 5.42 -13.07
C GLN B 349 12.05 4.41 -14.20
N CYS B 350 13.11 3.60 -14.08
CA CYS B 350 13.49 2.49 -14.99
C CYS B 350 12.28 1.64 -15.39
N VAL B 351 12.06 1.47 -16.68
CA VAL B 351 10.93 0.63 -17.16
C VAL B 351 11.44 -0.82 -17.25
N GLY B 352 12.76 -1.01 -17.35
CA GLY B 352 13.46 -2.30 -17.39
C GLY B 352 14.70 -2.31 -16.51
N ALA B 353 15.82 -2.78 -17.04
CA ALA B 353 17.12 -2.81 -16.32
C ALA B 353 17.57 -1.40 -15.94
N LYS B 354 18.08 -1.26 -14.71
CA LYS B 354 18.87 -0.11 -14.21
C LYS B 354 19.93 0.29 -15.22
N THR B 355 19.88 1.57 -15.63
CA THR B 355 20.75 2.28 -16.59
C THR B 355 21.12 3.65 -15.99
N ALA B 356 22.24 4.25 -16.38
CA ALA B 356 22.66 5.57 -15.84
C ALA B 356 21.66 6.69 -16.26
N ASP B 357 20.70 6.45 -17.16
CA ASP B 357 19.67 7.43 -17.59
C ASP B 357 18.32 7.23 -16.90
N CYS B 358 18.25 6.33 -15.92
CA CYS B 358 16.99 6.03 -15.22
C CYS B 358 17.30 5.76 -13.72
N LEU B 359 16.33 5.90 -12.81
CA LEU B 359 16.47 5.38 -11.40
C LEU B 359 15.68 4.08 -11.26
N SER B 360 16.24 3.06 -10.62
CA SER B 360 15.56 1.75 -10.45
C SER B 360 14.35 1.96 -9.54
N PRO B 361 13.34 1.07 -9.58
CA PRO B 361 12.22 1.20 -8.64
C PRO B 361 12.65 1.10 -7.15
N VAL B 362 13.65 0.28 -6.84
CA VAL B 362 14.19 0.25 -5.45
C VAL B 362 14.66 1.66 -5.07
N GLN B 363 15.45 2.27 -5.94
CA GLN B 363 16.03 3.61 -5.72
C GLN B 363 14.87 4.58 -5.43
N VAL B 364 13.83 4.55 -6.25
CA VAL B 364 12.69 5.49 -6.12
C VAL B 364 11.95 5.23 -4.80
N THR B 365 11.60 3.98 -4.50
CA THR B 365 10.90 3.60 -3.24
C THR B 365 11.77 4.04 -2.07
N ALA B 366 13.08 3.79 -2.16
CA ALA B 366 14.02 4.08 -1.06
C ALA B 366 13.99 5.60 -0.77
N ILE B 367 14.18 6.46 -1.78
CA ILE B 367 14.39 7.92 -1.53
C ILE B 367 13.03 8.47 -1.08
N LYS B 368 11.92 7.98 -1.62
CA LYS B 368 10.56 8.41 -1.22
C LYS B 368 10.30 8.11 0.25
N ARG B 369 10.65 6.91 0.75
CA ARG B 369 10.41 6.49 2.15
C ARG B 369 11.33 7.36 3.01
N ALA B 370 12.55 7.68 2.55
CA ALA B 370 13.49 8.49 3.36
C ALA B 370 12.94 9.91 3.53
N MET B 371 12.39 10.49 2.47
CA MET B 371 11.88 11.88 2.47
C MET B 371 10.52 11.97 3.16
N ALA B 372 9.80 10.85 3.35
CA ALA B 372 8.46 10.85 4.00
C ALA B 372 8.62 11.08 5.52
N GLY B 373 9.79 10.72 6.04
CA GLY B 373 10.16 10.86 7.45
C GLY B 373 9.69 9.68 8.28
N PRO B 374 10.26 9.49 9.48
CA PRO B 374 9.98 8.31 10.29
C PRO B 374 8.60 8.30 10.95
N VAL B 375 8.06 7.09 11.10
CA VAL B 375 6.81 6.81 11.87
C VAL B 375 7.04 5.58 12.74
N ASN B 376 6.37 5.47 13.89
CA ASN B 376 6.28 4.23 14.71
C ASN B 376 5.20 3.29 14.10
N SER B 377 4.81 2.23 14.79
CA SER B 377 3.78 1.23 14.32
C SER B 377 2.36 1.80 14.33
N ALA B 378 2.04 2.74 15.22
CA ALA B 378 0.77 3.52 15.19
C ALA B 378 0.76 4.56 14.05
N GLY B 379 1.86 4.69 13.32
CA GLY B 379 1.96 5.69 12.25
C GLY B 379 2.00 7.13 12.77
N THR B 380 2.39 7.38 14.02
CA THR B 380 2.73 8.75 14.52
C THR B 380 4.03 9.17 13.87
N PRO B 381 4.06 10.36 13.25
CA PRO B 381 5.29 10.93 12.72
C PRO B 381 6.20 11.23 13.92
N LEU B 382 7.46 10.81 13.83
CA LEU B 382 8.51 10.97 14.85
C LEU B 382 9.40 12.16 14.50
N TYR B 383 9.35 12.71 13.29
CA TYR B 383 10.13 13.93 12.98
C TYR B 383 9.30 14.78 12.03
N ASN B 384 9.53 14.66 10.74
CA ASN B 384 8.76 15.44 9.74
C ASN B 384 9.15 14.90 8.37
N ARG B 385 8.50 15.37 7.35
CA ARG B 385 8.89 15.05 5.95
C ARG B 385 9.93 16.08 5.50
N TRP B 386 10.55 15.83 4.36
CA TRP B 386 11.60 16.69 3.76
C TRP B 386 11.12 17.14 2.39
N ALA B 387 11.63 18.24 1.90
CA ALA B 387 11.22 18.82 0.62
C ALA B 387 12.09 18.27 -0.51
N TRP B 388 11.45 17.85 -1.59
CA TRP B 388 12.08 17.71 -2.94
C TRP B 388 12.63 19.08 -3.33
N ASP B 389 13.90 19.14 -3.75
CA ASP B 389 14.52 20.38 -4.26
C ASP B 389 15.74 20.06 -5.10
N ALA B 390 16.06 20.98 -6.03
CA ALA B 390 17.20 20.92 -6.97
C ALA B 390 18.54 20.87 -6.22
N GLY B 391 18.60 21.36 -4.99
CA GLY B 391 19.87 21.34 -4.24
C GLY B 391 20.24 19.97 -3.72
N MET B 392 19.47 18.91 -4.00
CA MET B 392 19.90 17.53 -3.62
C MET B 392 21.16 17.14 -4.42
N SER B 393 21.35 17.78 -5.57
CA SER B 393 22.57 17.65 -6.40
C SER B 393 22.89 19.04 -6.96
N GLY B 394 23.32 19.07 -8.22
CA GLY B 394 23.75 20.25 -8.97
C GLY B 394 25.14 20.01 -9.52
N LEU B 395 25.39 20.58 -10.69
CA LEU B 395 26.68 20.51 -11.43
C LEU B 395 27.21 21.92 -11.62
N SER B 396 28.46 22.16 -11.24
CA SER B 396 29.23 23.40 -11.50
C SER B 396 30.50 22.99 -12.25
N GLY B 397 30.58 23.27 -13.54
CA GLY B 397 31.57 22.68 -14.45
C GLY B 397 31.40 21.17 -14.50
N THR B 398 32.31 20.44 -13.88
CA THR B 398 32.34 18.94 -13.84
C THR B 398 32.24 18.42 -12.39
N THR B 399 32.00 19.30 -11.40
CA THR B 399 31.94 18.96 -9.96
C THR B 399 30.49 18.79 -9.52
N TYR B 400 30.12 17.58 -9.10
CA TYR B 400 28.81 17.30 -8.44
C TYR B 400 28.80 17.89 -7.01
N ASN B 401 27.71 18.58 -6.70
CA ASN B 401 27.38 19.04 -5.33
C ASN B 401 27.35 17.81 -4.39
N GLN B 402 28.25 17.76 -3.41
CA GLN B 402 28.29 16.72 -2.35
C GLN B 402 27.47 17.14 -1.12
N GLY B 403 27.03 18.40 -1.07
CA GLY B 403 26.48 19.04 0.13
C GLY B 403 25.10 18.54 0.59
N TRP B 404 24.32 17.83 -0.24
CA TRP B 404 23.09 17.14 0.21
C TRP B 404 23.43 15.69 0.60
N ARG B 405 24.21 14.98 -0.22
CA ARG B 405 24.36 13.50 -0.12
C ARG B 405 25.22 13.13 1.09
N SER B 406 26.09 14.00 1.58
CA SER B 406 27.03 13.68 2.71
C SER B 406 26.27 13.29 3.98
N TRP B 407 25.07 13.78 4.16
CA TRP B 407 24.28 13.59 5.40
C TRP B 407 23.74 12.16 5.49
N TRP B 408 22.94 11.75 4.51
CA TRP B 408 22.23 10.43 4.55
C TRP B 408 23.04 9.35 3.84
N LEU B 409 23.81 9.65 2.78
CA LEU B 409 24.45 8.60 1.92
C LEU B 409 25.95 8.49 2.24
N GLY B 410 26.65 9.62 2.28
CA GLY B 410 28.13 9.58 2.33
C GLY B 410 28.69 9.66 0.92
N SER B 411 29.99 9.70 0.78
CA SER B 411 30.71 9.75 -0.50
C SER B 411 30.52 8.42 -1.21
N PHE B 412 30.14 8.44 -2.50
CA PHE B 412 30.03 7.23 -3.36
C PHE B 412 31.36 6.48 -3.38
N ASN B 413 32.45 7.19 -3.64
CA ASN B 413 33.77 6.61 -3.99
C ASN B 413 34.45 6.11 -2.69
N SER B 414 33.92 5.09 -2.02
CA SER B 414 34.52 4.58 -0.76
C SER B 414 33.95 3.20 -0.40
N SER B 415 34.78 2.34 0.22
CA SER B 415 34.44 0.92 0.51
C SER B 415 33.93 0.77 1.94
N ALA B 416 33.60 1.89 2.59
CA ALA B 416 33.00 1.95 3.95
C ALA B 416 31.89 3.02 3.97
N ASN B 417 30.93 2.88 4.90
CA ASN B 417 29.91 3.92 5.23
C ASN B 417 30.62 5.13 5.85
N ASN B 418 30.29 6.35 5.45
CA ASN B 418 30.92 7.59 5.98
C ASN B 418 29.83 8.67 6.19
N ALA B 419 28.57 8.40 5.85
CA ALA B 419 27.47 9.37 6.06
C ALA B 419 27.37 9.70 7.55
N GLN B 420 27.04 10.96 7.82
CA GLN B 420 26.74 11.52 9.15
C GLN B 420 25.69 10.65 9.87
N ARG B 421 24.63 10.28 9.17
CA ARG B 421 23.44 9.64 9.77
C ARG B 421 23.59 8.11 9.86
N VAL B 422 24.64 7.51 9.28
CA VAL B 422 24.81 6.04 9.19
C VAL B 422 25.80 5.62 10.27
N SER B 423 26.98 6.20 10.24
CA SER B 423 28.11 5.80 11.10
C SER B 423 28.84 7.04 11.65
N GLY B 424 28.52 8.25 11.15
CA GLY B 424 29.20 9.52 11.46
C GLY B 424 28.76 10.20 12.77
N PHE B 425 29.24 11.41 12.98
N PHE B 425 29.21 11.43 12.97
CA PHE B 425 29.08 12.20 14.23
CA PHE B 425 29.08 12.20 14.25
C PHE B 425 27.60 12.21 14.63
C PHE B 425 27.60 12.23 14.64
N SER B 426 26.69 12.37 13.68
CA SER B 426 25.24 12.47 13.97
C SER B 426 24.70 11.20 14.66
N ALA B 427 24.94 10.02 14.11
CA ALA B 427 24.52 8.73 14.70
C ALA B 427 25.22 8.51 16.06
N ARG B 428 26.52 8.80 16.14
CA ARG B 428 27.28 8.64 17.42
C ARG B 428 26.67 9.50 18.51
N SER B 429 26.37 10.74 18.17
CA SER B 429 25.85 11.79 19.08
C SER B 429 24.49 11.36 19.58
N TRP B 430 23.64 10.79 18.74
CA TRP B 430 22.31 10.29 19.18
C TRP B 430 22.54 9.23 20.28
N LEU B 431 23.44 8.28 20.01
CA LEU B 431 23.66 7.14 20.93
C LEU B 431 24.21 7.62 22.27
N VAL B 432 25.07 8.62 22.31
CA VAL B 432 25.76 8.96 23.58
C VAL B 432 25.21 10.26 24.15
N ASP B 433 24.73 11.18 23.33
CA ASP B 433 24.31 12.53 23.80
C ASP B 433 22.80 12.55 24.08
N PHE B 434 21.96 11.86 23.28
CA PHE B 434 20.51 12.14 23.27
C PHE B 434 19.70 10.95 23.81
N ALA B 435 20.14 9.72 23.56
CA ALA B 435 19.59 8.51 24.24
C ALA B 435 19.87 8.61 25.73
N THR B 436 18.87 8.33 26.55
CA THR B 436 18.97 8.22 28.03
C THR B 436 18.41 6.85 28.43
N PRO B 437 19.20 6.00 29.10
CA PRO B 437 20.60 6.27 29.39
C PRO B 437 21.43 6.19 28.11
N PRO B 438 22.68 6.71 28.14
CA PRO B 438 23.58 6.66 26.99
C PRO B 438 23.99 5.21 26.66
N GLU B 439 24.28 4.99 25.38
CA GLU B 439 24.63 3.68 24.79
C GLU B 439 26.00 3.80 24.16
N PRO B 440 27.07 3.91 24.96
CA PRO B 440 28.42 3.82 24.40
C PRO B 440 28.61 2.45 23.73
N MET B 441 29.44 2.42 22.68
CA MET B 441 29.82 1.19 21.92
C MET B 441 31.03 1.51 21.03
N PRO B 442 31.74 0.48 20.54
CA PRO B 442 32.86 0.72 19.64
C PRO B 442 32.32 1.39 18.37
N MET B 443 33.09 2.27 17.73
CA MET B 443 32.74 3.01 16.48
C MET B 443 32.31 2.07 15.34
N THR B 444 32.87 0.87 15.24
CA THR B 444 32.55 -0.09 14.15
C THR B 444 31.12 -0.64 14.28
N GLN B 445 30.44 -0.49 15.42
CA GLN B 445 29.09 -1.09 15.67
C GLN B 445 27.94 -0.11 15.38
N VAL B 446 28.24 1.19 15.16
CA VAL B 446 27.28 2.31 15.04
C VAL B 446 26.36 2.11 13.81
N ALA B 447 26.92 1.74 12.66
CA ALA B 447 26.14 1.49 11.43
C ALA B 447 25.16 0.33 11.66
N ALA B 448 25.59 -0.77 12.27
CA ALA B 448 24.70 -1.94 12.50
C ALA B 448 23.57 -1.50 13.42
N ARG B 449 23.89 -0.60 14.37
CA ARG B 449 22.94 -0.12 15.41
C ARG B 449 21.88 0.75 14.75
N MET B 450 22.27 1.60 13.80
CA MET B 450 21.29 2.38 13.00
C MET B 450 20.44 1.41 12.16
N MET B 451 21.01 0.32 11.62
CA MET B 451 20.17 -0.68 10.89
C MET B 451 19.22 -1.40 11.88
N LYS B 452 19.63 -1.64 13.13
CA LYS B 452 18.83 -2.44 14.13
C LYS B 452 17.72 -1.58 14.72
N PHE B 453 17.82 -0.27 14.64
CA PHE B 453 17.00 0.72 15.39
C PHE B 453 15.50 0.39 15.30
N ASP B 454 14.80 0.49 16.42
CA ASP B 454 13.37 0.09 16.55
C ASP B 454 12.55 1.36 16.81
N PHE B 455 11.62 1.68 15.92
CA PHE B 455 10.90 2.97 15.92
C PHE B 455 9.82 2.97 17.00
N ASP B 456 9.61 1.85 17.71
CA ASP B 456 8.66 1.83 18.86
C ASP B 456 9.40 2.00 20.18
N ILE B 457 10.65 1.53 20.28
CA ILE B 457 11.43 1.42 21.55
C ILE B 457 12.44 2.56 21.60
N ASP B 458 13.26 2.68 20.56
CA ASP B 458 14.42 3.60 20.54
C ASP B 458 13.96 5.06 20.66
N PRO B 459 12.94 5.54 19.93
CA PRO B 459 12.57 6.95 20.03
C PRO B 459 12.12 7.40 21.41
N LEU B 460 11.72 6.50 22.32
CA LEU B 460 11.29 6.89 23.70
C LEU B 460 12.52 7.41 24.50
N LYS B 461 13.74 7.06 24.10
CA LYS B 461 14.96 7.36 24.90
C LYS B 461 15.33 8.86 24.88
N ILE B 462 14.72 9.68 24.02
CA ILE B 462 14.92 11.14 23.98
C ILE B 462 13.88 11.81 24.87
N TRP B 463 12.90 11.05 25.37
CA TRP B 463 11.90 11.55 26.37
C TRP B 463 12.20 11.02 27.77
N ALA B 464 13.11 10.05 27.92
CA ALA B 464 13.29 9.32 29.19
C ALA B 464 14.30 10.07 30.06
N THR B 465 14.12 9.91 31.37
CA THR B 465 15.10 10.21 32.43
C THR B 465 15.56 8.87 32.98
N SER B 466 16.72 8.84 33.62
CA SER B 466 17.31 7.60 34.17
C SER B 466 18.40 7.98 35.16
N GLY B 467 18.17 7.64 36.44
CA GLY B 467 19.19 7.69 37.49
C GLY B 467 19.69 9.12 37.62
N GLN B 468 20.98 9.33 37.36
CA GLN B 468 21.60 10.67 37.49
C GLN B 468 21.28 11.54 36.28
N PHE B 469 20.79 10.96 35.16
CA PHE B 469 20.28 11.73 33.99
C PHE B 469 18.86 12.22 34.28
N THR B 470 18.78 13.36 34.93
CA THR B 470 17.56 13.84 35.61
C THR B 470 16.67 14.58 34.62
N GLN B 471 17.18 14.95 33.44
CA GLN B 471 16.38 15.61 32.37
C GLN B 471 16.50 14.80 31.06
N SER B 472 15.42 14.73 30.28
CA SER B 472 15.46 14.12 28.92
C SER B 472 16.25 15.00 27.96
N SER B 473 16.80 14.43 26.92
CA SER B 473 17.50 15.24 25.89
C SER B 473 16.51 16.23 25.26
N MET B 474 15.23 15.88 25.13
CA MET B 474 14.28 16.90 24.62
C MET B 474 14.13 18.05 25.62
N ASP B 475 14.16 17.79 26.92
CA ASP B 475 14.12 18.83 27.98
C ASP B 475 15.37 19.73 27.85
N TRP B 476 16.58 19.20 27.91
CA TRP B 476 17.77 20.09 27.92
C TRP B 476 18.15 20.61 26.51
N HIS B 477 17.90 19.86 25.43
CA HIS B 477 18.44 20.23 24.09
C HIS B 477 17.33 20.75 23.21
N GLY B 478 16.15 20.14 23.25
CA GLY B 478 14.99 20.62 22.49
C GLY B 478 14.70 22.08 22.79
N ALA B 479 14.21 22.79 21.78
CA ALA B 479 13.76 24.19 21.90
C ALA B 479 12.51 24.36 21.03
N THR B 480 11.42 23.74 21.46
CA THR B 480 10.13 23.62 20.71
C THR B 480 9.08 24.58 21.28
N SER B 481 9.38 25.34 22.30
CA SER B 481 8.34 26.22 22.89
C SER B 481 8.03 27.33 21.87
N THR B 482 6.74 27.59 21.68
CA THR B 482 6.22 28.76 20.94
C THR B 482 5.82 29.88 21.91
N ASP B 483 6.15 29.78 23.19
CA ASP B 483 5.86 30.88 24.12
C ASP B 483 6.98 31.93 24.01
N LEU B 484 6.83 32.90 23.13
CA LEU B 484 7.87 33.94 22.88
C LEU B 484 7.35 35.32 23.31
N ALA B 485 6.30 35.39 24.10
CA ALA B 485 5.64 36.64 24.50
C ALA B 485 6.61 37.53 25.30
N ALA B 486 7.31 36.96 26.27
CA ALA B 486 8.27 37.78 27.05
C ALA B 486 9.33 38.36 26.11
N PHE B 487 9.85 37.55 25.18
CA PHE B 487 10.87 37.96 24.17
C PHE B 487 10.30 39.13 23.34
N ARG B 488 9.14 38.92 22.74
CA ARG B 488 8.42 39.89 21.89
C ARG B 488 8.20 41.19 22.68
N ASP B 489 7.73 41.12 23.91
CA ASP B 489 7.19 42.34 24.59
C ASP B 489 8.35 43.14 25.21
N ARG B 490 9.54 42.57 25.39
CA ARG B 490 10.84 43.28 25.63
C ARG B 490 11.38 44.05 24.38
N GLY B 491 10.86 43.80 23.19
CA GLY B 491 11.40 44.35 21.93
C GLY B 491 12.26 43.36 21.18
N GLY B 492 12.23 42.08 21.57
CA GLY B 492 13.01 41.03 20.89
C GLY B 492 12.60 40.86 19.43
N LYS B 493 13.57 40.61 18.57
CA LYS B 493 13.32 40.25 17.16
C LYS B 493 14.11 38.99 16.86
N MET B 494 13.57 38.17 15.99
CA MET B 494 14.23 36.93 15.55
C MET B 494 14.09 36.79 14.04
N ILE B 495 15.20 36.55 13.35
CA ILE B 495 15.22 36.19 11.92
C ILE B 495 15.59 34.72 11.87
N LEU B 496 14.81 33.91 11.21
CA LEU B 496 15.15 32.49 10.98
C LEU B 496 15.39 32.37 9.48
N TYR B 497 16.27 31.46 9.09
CA TYR B 497 16.48 31.09 7.68
C TYR B 497 16.82 29.61 7.62
N HIS B 498 16.60 29.00 6.47
CA HIS B 498 16.83 27.56 6.28
C HIS B 498 16.95 27.29 4.77
N GLY B 499 17.98 26.60 4.35
CA GLY B 499 18.09 26.08 2.98
C GLY B 499 17.15 24.92 2.75
N MET B 500 16.45 24.97 1.64
CA MET B 500 15.42 23.99 1.28
C MET B 500 16.07 22.61 1.02
N SER B 501 17.35 22.55 0.66
CA SER B 501 18.05 21.27 0.37
C SER B 501 18.98 20.93 1.51
N ASP B 502 18.56 21.27 2.73
CA ASP B 502 19.32 20.99 3.98
C ASP B 502 18.92 19.57 4.41
N ALA B 503 19.90 18.66 4.50
CA ALA B 503 19.69 17.24 4.83
C ALA B 503 20.01 16.98 6.31
N ALA B 504 20.55 17.96 7.03
CA ALA B 504 20.70 17.85 8.50
C ALA B 504 19.34 17.98 9.17
N PHE B 505 18.63 19.08 8.92
CA PHE B 505 17.34 19.48 9.54
C PHE B 505 16.41 19.94 8.43
N SER B 506 15.15 19.55 8.50
CA SER B 506 14.20 19.74 7.40
C SER B 506 13.68 21.16 7.49
N ALA B 507 13.79 21.91 6.40
CA ALA B 507 13.24 23.28 6.29
C ALA B 507 11.74 23.21 6.58
N LEU B 508 11.09 22.11 6.24
CA LEU B 508 9.62 22.04 6.39
C LEU B 508 9.34 21.97 7.89
N ASP B 509 10.28 21.40 8.66
CA ASP B 509 10.15 21.31 10.15
C ASP B 509 10.28 22.70 10.78
N THR B 510 11.26 23.49 10.32
CA THR B 510 11.34 24.94 10.69
C THR B 510 10.03 25.67 10.30
N ALA B 511 9.53 25.48 9.08
CA ALA B 511 8.27 26.14 8.61
C ALA B 511 7.10 25.73 9.52
N ASP B 512 7.02 24.47 9.91
CA ASP B 512 5.96 23.98 10.83
C ASP B 512 6.06 24.71 12.19
N TYR B 513 7.29 24.92 12.73
CA TYR B 513 7.47 25.66 14.00
C TYR B 513 6.92 27.09 13.82
N TYR B 514 7.25 27.71 12.71
CA TYR B 514 6.87 29.11 12.43
C TYR B 514 5.34 29.17 12.33
N GLU B 515 4.69 28.25 11.61
CA GLU B 515 3.22 28.17 11.56
C GLU B 515 2.65 28.02 12.99
N ARG B 516 3.25 27.17 13.83
CA ARG B 516 2.76 26.97 15.20
C ARG B 516 2.94 28.26 15.99
N LEU B 517 3.99 29.00 15.70
CA LEU B 517 4.33 30.28 16.38
C LEU B 517 3.28 31.34 16.03
N GLY B 518 2.97 31.45 14.73
CA GLY B 518 1.98 32.39 14.19
C GLY B 518 0.60 32.13 14.75
N ALA B 519 0.26 30.88 15.01
CA ALA B 519 -1.05 30.47 15.58
C ALA B 519 -1.13 30.82 17.08
N ALA B 520 -0.09 30.52 17.85
CA ALA B 520 0.01 30.81 19.30
C ALA B 520 0.18 32.31 19.54
N MET B 521 0.71 33.09 18.59
CA MET B 521 1.02 34.53 18.82
C MET B 521 0.58 35.33 17.60
N PRO B 522 -0.67 35.79 17.53
CA PRO B 522 -1.13 36.43 16.30
C PRO B 522 -0.31 37.70 16.05
N GLY B 523 -0.03 38.04 14.79
CA GLY B 523 0.84 39.15 14.38
C GLY B 523 2.32 38.84 14.59
N ALA B 524 2.68 37.56 14.67
CA ALA B 524 4.05 37.11 14.93
C ALA B 524 5.09 37.80 14.02
N ALA B 525 4.72 38.16 12.79
CA ALA B 525 5.61 38.68 11.74
C ALA B 525 6.13 40.07 12.15
N GLY B 526 5.51 40.70 13.15
CA GLY B 526 5.94 41.94 13.80
C GLY B 526 7.25 41.77 14.58
N PHE B 527 7.55 40.54 15.02
CA PHE B 527 8.81 40.29 15.77
C PHE B 527 9.59 39.06 15.25
N ALA B 528 9.03 38.18 14.40
CA ALA B 528 9.77 36.96 13.97
C ALA B 528 9.45 36.62 12.52
N ARG B 529 10.46 36.37 11.71
CA ARG B 529 10.24 36.11 10.27
C ARG B 529 11.18 35.04 9.82
N LEU B 530 10.69 34.28 8.84
CA LEU B 530 11.39 33.09 8.33
C LEU B 530 11.74 33.29 6.86
N PHE B 531 12.98 33.01 6.50
CA PHE B 531 13.52 33.12 5.15
C PHE B 531 13.99 31.75 4.70
N LEU B 532 13.16 31.11 3.87
CA LEU B 532 13.59 29.83 3.24
C LEU B 532 14.43 30.17 2.03
N VAL B 533 15.47 29.39 1.81
CA VAL B 533 16.45 29.63 0.73
C VAL B 533 16.38 28.45 -0.21
N PRO B 534 15.70 28.59 -1.36
CA PRO B 534 15.71 27.53 -2.37
C PRO B 534 17.14 27.12 -2.77
N GLY B 535 17.40 25.83 -2.97
CA GLY B 535 18.65 25.27 -3.54
C GLY B 535 19.78 25.16 -2.53
N MET B 536 19.65 25.80 -1.37
CA MET B 536 20.74 25.90 -0.39
C MET B 536 20.82 24.60 0.41
N ASN B 537 22.04 24.11 0.65
CA ASN B 537 22.32 22.98 1.56
C ASN B 537 22.32 23.50 3.02
N HIS B 538 23.15 22.91 3.88
CA HIS B 538 23.08 23.10 5.34
C HIS B 538 23.97 24.28 5.70
N CYS B 539 23.38 25.45 6.04
CA CYS B 539 24.06 26.72 6.44
C CYS B 539 24.75 27.42 5.27
N SER B 540 25.12 26.67 4.22
CA SER B 540 25.82 27.21 3.03
C SER B 540 25.83 26.16 1.90
N GLY B 541 26.28 26.57 0.70
CA GLY B 541 26.55 25.66 -0.43
C GLY B 541 25.29 25.39 -1.21
N GLY B 542 25.46 24.87 -2.42
CA GLY B 542 24.38 24.38 -3.28
C GLY B 542 23.91 25.42 -4.30
N PRO B 543 23.05 25.00 -5.24
CA PRO B 543 22.52 25.88 -6.28
C PRO B 543 21.45 26.81 -5.74
N GLY B 544 21.90 27.77 -4.94
CA GLY B 544 21.02 28.86 -4.48
C GLY B 544 21.81 30.06 -4.03
N THR B 545 21.07 31.08 -3.61
CA THR B 545 21.62 32.35 -3.09
C THR B 545 21.87 32.16 -1.60
N ASP B 546 23.01 31.54 -1.28
CA ASP B 546 23.38 31.06 0.07
C ASP B 546 24.11 32.15 0.89
N ARG B 547 24.38 33.34 0.33
CA ARG B 547 25.19 34.40 0.99
C ARG B 547 24.36 35.66 1.22
N PHE B 548 24.51 36.26 2.40
CA PHE B 548 23.63 37.35 2.89
C PHE B 548 24.22 37.93 4.16
N ASP B 549 23.91 39.20 4.41
CA ASP B 549 24.22 39.95 5.66
C ASP B 549 22.95 39.98 6.50
N MET B 550 22.87 39.07 7.46
CA MET B 550 21.72 38.98 8.38
C MET B 550 21.89 39.99 9.51
N LEU B 551 23.13 40.40 9.84
CA LEU B 551 23.30 41.28 11.02
C LEU B 551 22.63 42.66 10.77
N THR B 552 22.88 43.28 9.63
CA THR B 552 22.38 44.65 9.37
C THR B 552 20.85 44.73 9.54
N PRO B 553 20.04 43.85 8.90
CA PRO B 553 18.59 43.90 9.09
C PRO B 553 18.14 43.58 10.53
N LEU B 554 18.90 42.74 11.23
CA LEU B 554 18.58 42.40 12.63
C LEU B 554 18.72 43.67 13.47
N VAL B 555 19.78 44.42 13.26
CA VAL B 555 20.03 45.70 13.99
C VAL B 555 18.92 46.66 13.60
N ALA B 556 18.53 46.70 12.34
CA ALA B 556 17.50 47.67 11.91
C ALA B 556 16.15 47.34 12.59
N TRP B 557 15.87 46.06 12.77
CA TRP B 557 14.61 45.58 13.35
C TRP B 557 14.57 45.90 14.84
N VAL B 558 15.62 45.54 15.56
CA VAL B 558 15.68 45.71 17.05
C VAL B 558 15.64 47.19 17.40
N GLU B 559 16.44 47.99 16.70
CA GLU B 559 16.76 49.37 17.11
C GLU B 559 15.79 50.37 16.46
N ARG B 560 15.19 50.05 15.31
CA ARG B 560 14.41 51.08 14.57
C ARG B 560 13.00 50.57 14.31
N GLY B 561 12.66 49.32 14.66
CA GLY B 561 11.34 48.72 14.34
C GLY B 561 11.15 48.47 12.83
N GLU B 562 12.20 48.53 12.01
CA GLU B 562 12.15 48.25 10.54
C GLU B 562 12.31 46.72 10.34
N ALA B 563 11.19 46.10 10.05
CA ALA B 563 11.04 44.66 9.83
C ALA B 563 11.62 44.37 8.46
N PRO B 564 12.34 43.26 8.24
CA PRO B 564 12.85 42.95 6.91
C PRO B 564 11.74 42.45 5.95
N ASP B 565 11.37 43.24 4.93
CA ASP B 565 10.34 42.80 3.94
C ASP B 565 11.05 41.94 2.88
N GLN B 566 12.37 42.03 2.80
CA GLN B 566 13.24 41.18 1.95
C GLN B 566 14.66 41.28 2.51
N ILE B 567 15.44 40.23 2.27
CA ILE B 567 16.91 40.26 2.49
C ILE B 567 17.60 39.84 1.20
N SER B 568 18.51 40.69 0.76
CA SER B 568 19.40 40.53 -0.39
C SER B 568 20.32 39.33 -0.17
N ALA B 569 20.39 38.46 -1.15
CA ALA B 569 21.23 37.26 -1.10
C ALA B 569 21.88 37.04 -2.47
N TRP B 570 23.09 36.47 -2.49
CA TRP B 570 23.77 36.12 -3.76
C TRP B 570 24.33 34.71 -3.66
N SER B 571 24.62 34.09 -4.81
CA SER B 571 25.19 32.72 -4.85
C SER B 571 26.70 32.70 -4.61
N GLY B 572 27.17 31.78 -3.78
CA GLY B 572 28.62 31.55 -3.62
C GLY B 572 29.18 30.74 -4.77
N THR B 573 28.33 29.98 -5.46
CA THR B 573 28.75 29.10 -6.59
C THR B 573 27.80 29.37 -7.76
N PRO B 574 27.79 30.58 -8.35
CA PRO B 574 26.88 30.87 -9.44
C PRO B 574 27.22 29.96 -10.64
N GLY B 575 28.40 29.35 -10.61
CA GLY B 575 28.77 28.24 -11.52
C GLY B 575 27.60 27.30 -11.78
N TYR B 576 26.75 27.03 -10.78
CA TYR B 576 25.61 26.09 -10.90
C TYR B 576 24.66 26.56 -11.98
N PHE B 577 24.57 27.87 -12.30
CA PHE B 577 23.61 28.38 -13.33
C PHE B 577 24.38 28.87 -14.56
N GLY B 578 25.68 28.62 -14.61
CA GLY B 578 26.55 29.03 -15.71
C GLY B 578 26.73 30.54 -15.83
N VAL B 579 26.72 31.28 -14.71
CA VAL B 579 26.87 32.76 -14.72
C VAL B 579 27.93 33.18 -13.69
N ALA B 580 28.29 34.46 -13.75
CA ALA B 580 29.38 35.03 -12.93
C ALA B 580 28.81 35.39 -11.54
N ALA B 581 27.51 35.65 -11.48
CA ALA B 581 26.83 36.15 -10.26
C ALA B 581 25.34 35.86 -10.38
N ARG B 582 24.68 35.66 -9.24
CA ARG B 582 23.20 35.68 -9.15
C ARG B 582 22.83 36.27 -7.78
N THR B 583 21.98 37.29 -7.79
CA THR B 583 21.49 38.03 -6.60
C THR B 583 19.97 38.02 -6.74
N ARG B 584 19.25 37.74 -5.65
CA ARG B 584 17.78 37.52 -5.60
C ARG B 584 17.31 37.91 -4.20
N PRO B 585 16.07 38.38 -4.03
CA PRO B 585 15.53 38.59 -2.70
C PRO B 585 15.21 37.25 -2.01
N LEU B 586 15.57 37.14 -0.72
CA LEU B 586 14.96 36.17 0.22
C LEU B 586 13.66 36.81 0.70
N CYS B 587 12.62 36.02 0.80
CA CYS B 587 11.26 36.52 1.08
C CYS B 587 10.76 35.97 2.40
N PRO B 588 10.07 36.81 3.20
CA PRO B 588 9.55 36.39 4.48
C PRO B 588 8.39 35.45 4.23
N TYR B 589 8.48 34.24 4.80
CA TYR B 589 7.46 33.19 4.82
C TYR B 589 6.08 33.79 5.00
N PRO B 590 5.04 33.39 4.24
CA PRO B 590 5.14 32.35 3.20
C PRO B 590 5.37 32.85 1.76
N GLN B 591 5.93 34.04 1.59
CA GLN B 591 6.12 34.65 0.26
C GLN B 591 7.33 34.01 -0.42
N ILE B 592 7.41 34.17 -1.75
CA ILE B 592 8.51 33.61 -2.60
C ILE B 592 8.98 34.68 -3.57
N ALA B 593 10.17 34.52 -4.14
CA ALA B 593 10.68 35.44 -5.17
C ALA B 593 9.87 35.24 -6.45
N ARG B 594 9.41 36.32 -7.05
CA ARG B 594 8.55 36.39 -8.25
C ARG B 594 9.28 37.28 -9.27
N TYR B 595 9.68 36.69 -10.42
CA TYR B 595 10.26 37.40 -11.59
C TYR B 595 9.24 38.41 -12.12
N LYS B 596 9.67 39.65 -12.37
CA LYS B 596 8.79 40.76 -12.79
C LYS B 596 8.41 40.61 -14.28
N GLY B 597 9.08 39.76 -15.06
CA GLY B 597 8.69 39.39 -16.44
C GLY B 597 9.68 39.88 -17.47
N SER B 598 10.65 40.72 -17.08
CA SER B 598 11.68 41.31 -17.96
C SER B 598 12.96 41.60 -17.16
N GLY B 599 14.09 41.75 -17.86
CA GLY B 599 15.42 42.07 -17.30
C GLY B 599 16.24 40.81 -17.10
N ASP B 600 17.53 40.98 -16.77
CA ASP B 600 18.47 39.88 -16.44
C ASP B 600 17.87 39.06 -15.29
N ILE B 601 17.86 37.73 -15.44
CA ILE B 601 17.30 36.78 -14.44
C ILE B 601 18.30 36.59 -13.25
N ASN B 602 19.50 37.15 -13.33
CA ASN B 602 20.56 37.03 -12.29
C ASN B 602 20.68 38.31 -11.47
N THR B 603 19.79 39.28 -11.70
CA THR B 603 19.78 40.62 -11.07
C THR B 603 18.57 40.69 -10.16
N GLU B 604 18.82 41.00 -8.90
CA GLU B 604 17.82 41.12 -7.83
C GLU B 604 16.68 42.11 -8.18
N ALA B 605 16.98 43.19 -8.89
CA ALA B 605 16.02 44.30 -9.07
C ALA B 605 14.81 43.83 -9.89
N ASN B 606 14.96 42.70 -10.62
CA ASN B 606 13.89 42.15 -11.50
C ASN B 606 13.02 41.14 -10.75
N PHE B 607 13.07 41.10 -9.41
CA PHE B 607 12.32 40.13 -8.57
C PHE B 607 11.64 40.90 -7.45
N ALA B 608 10.44 40.49 -7.06
CA ALA B 608 9.72 41.03 -5.90
C ALA B 608 9.23 39.84 -5.06
N CYS B 609 9.11 40.05 -3.77
CA CYS B 609 8.54 39.06 -2.85
C CYS B 609 7.04 39.07 -3.06
N ALA B 610 6.42 37.91 -3.16
CA ALA B 610 4.98 37.81 -3.43
C ALA B 610 4.42 36.50 -2.91
N ALA B 611 3.11 36.46 -2.66
CA ALA B 611 2.38 35.21 -2.40
C ALA B 611 2.58 34.31 -3.61
N PRO B 612 2.62 32.97 -3.43
CA PRO B 612 2.71 32.05 -4.57
C PRO B 612 1.50 32.12 -5.50
N PRO B 613 1.61 31.96 -6.85
CA PRO B 613 0.42 31.95 -7.72
C PRO B 613 -0.77 31.11 -7.22
N LEU B 614 -2.00 31.52 -7.56
CA LEU B 614 -3.29 30.91 -7.14
C LEU B 614 -3.96 30.26 -8.37
N VAL C 53 -36.07 -42.01 -1.87
CA VAL C 53 -34.65 -41.45 -1.73
C VAL C 53 -34.34 -40.55 -2.92
N PRO C 54 -34.68 -39.23 -2.89
CA PRO C 54 -34.50 -38.39 -4.07
C PRO C 54 -33.00 -38.16 -4.39
N LEU C 55 -32.72 -37.94 -5.68
CA LEU C 55 -31.37 -37.68 -6.23
C LEU C 55 -30.81 -36.36 -5.66
N ALA C 56 -29.49 -36.22 -5.55
CA ALA C 56 -28.83 -34.93 -5.26
C ALA C 56 -29.37 -34.35 -3.95
N SER C 57 -29.64 -35.19 -2.94
CA SER C 57 -30.28 -34.85 -1.64
C SER C 57 -29.41 -35.27 -0.45
N ARG C 58 -29.73 -34.70 0.72
CA ARG C 58 -29.15 -35.07 2.05
C ARG C 58 -29.24 -36.60 2.17
N ALA C 59 -30.34 -37.25 1.79
CA ALA C 59 -30.54 -38.72 1.92
C ALA C 59 -29.63 -39.52 0.96
N ALA C 60 -29.56 -39.10 -0.31
CA ALA C 60 -28.70 -39.73 -1.33
C ALA C 60 -27.23 -39.65 -0.90
N CYS C 61 -26.88 -38.53 -0.25
CA CYS C 61 -25.53 -38.28 0.29
C CYS C 61 -25.20 -39.29 1.39
N GLU C 62 -26.05 -39.38 2.41
CA GLU C 62 -25.76 -40.23 3.60
C GLU C 62 -25.77 -41.70 3.17
N ALA C 63 -26.60 -42.05 2.19
CA ALA C 63 -26.74 -43.44 1.66
C ALA C 63 -25.41 -43.97 1.09
N LEU C 64 -24.45 -43.13 0.70
CA LEU C 64 -23.14 -43.60 0.19
C LEU C 64 -22.25 -44.19 1.32
N LYS C 65 -22.64 -44.17 2.61
CA LYS C 65 -21.80 -44.63 3.77
C LYS C 65 -21.93 -46.13 4.10
N ASP C 70 -26.13 -49.83 -0.52
CA ASP C 70 -26.08 -50.48 -1.87
C ASP C 70 -25.50 -49.53 -2.96
N MET C 71 -24.55 -48.67 -2.62
CA MET C 71 -23.66 -48.05 -3.64
C MET C 71 -22.72 -49.17 -4.10
N VAL C 72 -22.49 -49.26 -5.41
CA VAL C 72 -21.55 -50.25 -6.00
C VAL C 72 -20.34 -49.52 -6.52
N TRP C 73 -19.19 -49.73 -5.88
CA TRP C 73 -17.90 -49.12 -6.28
C TRP C 73 -17.27 -50.00 -7.35
N PRO C 74 -16.57 -49.40 -8.32
CA PRO C 74 -15.78 -50.14 -9.30
C PRO C 74 -14.72 -51.01 -8.62
N ASN C 75 -14.13 -50.53 -7.53
CA ASN C 75 -13.19 -51.32 -6.69
C ASN C 75 -13.91 -51.77 -5.41
N ALA C 76 -14.08 -53.07 -5.21
CA ALA C 76 -14.76 -53.62 -4.01
C ALA C 76 -14.06 -53.18 -2.72
N ALA C 77 -12.76 -52.91 -2.73
CA ALA C 77 -12.02 -52.47 -1.52
C ALA C 77 -12.16 -50.96 -1.36
N THR C 78 -13.35 -50.39 -1.56
CA THR C 78 -13.60 -48.93 -1.33
C THR C 78 -14.35 -48.78 -0.01
N VAL C 79 -13.81 -48.04 0.94
CA VAL C 79 -14.42 -47.83 2.28
C VAL C 79 -14.66 -46.33 2.39
N VAL C 80 -15.90 -45.95 2.67
CA VAL C 80 -16.32 -44.55 2.88
C VAL C 80 -16.30 -44.24 4.38
N GLU C 81 -15.49 -43.28 4.83
CA GLU C 81 -15.43 -42.89 6.26
C GLU C 81 -16.41 -41.74 6.49
N VAL C 82 -16.51 -40.78 5.56
CA VAL C 82 -17.33 -39.54 5.72
C VAL C 82 -18.31 -39.44 4.55
N ALA C 83 -19.58 -39.17 4.85
CA ALA C 83 -20.61 -38.82 3.84
C ALA C 83 -21.53 -37.78 4.44
N ALA C 84 -21.07 -36.55 4.49
CA ALA C 84 -21.70 -35.44 5.23
C ALA C 84 -22.24 -34.39 4.25
N TRP C 85 -23.41 -33.84 4.57
CA TRP C 85 -24.05 -32.68 3.90
C TRP C 85 -23.43 -31.40 4.45
N ARG C 86 -23.11 -30.44 3.60
CA ARG C 86 -22.41 -29.19 3.97
C ARG C 86 -23.26 -28.01 3.49
N ASP C 87 -23.55 -27.05 4.37
CA ASP C 87 -24.31 -25.86 3.93
C ASP C 87 -23.42 -25.06 2.99
N ALA C 88 -24.03 -24.37 2.04
CA ALA C 88 -23.39 -23.25 1.32
C ALA C 88 -22.63 -22.39 2.36
N ALA C 89 -21.37 -22.09 2.09
CA ALA C 89 -20.48 -21.17 2.87
C ALA C 89 -20.29 -19.86 2.11
N PRO C 90 -20.32 -18.69 2.79
CA PRO C 90 -20.04 -17.41 2.15
C PRO C 90 -18.64 -17.20 1.55
N ALA C 91 -18.50 -16.24 0.64
CA ALA C 91 -17.19 -15.76 0.16
C ALA C 91 -16.43 -15.22 1.36
N THR C 92 -15.10 -15.36 1.37
CA THR C 92 -14.15 -14.74 2.32
C THR C 92 -13.20 -13.87 1.49
N ALA C 93 -12.20 -13.25 2.12
CA ALA C 93 -11.16 -12.47 1.40
C ALA C 93 -10.31 -13.42 0.54
N SER C 94 -10.24 -14.71 0.89
CA SER C 94 -9.26 -15.69 0.34
C SER C 94 -9.95 -16.75 -0.55
N ALA C 95 -11.29 -16.89 -0.54
CA ALA C 95 -12.00 -17.93 -1.34
C ALA C 95 -13.41 -17.47 -1.77
N ALA C 96 -13.84 -17.92 -2.95
CA ALA C 96 -15.21 -17.71 -3.47
C ALA C 96 -16.21 -18.55 -2.67
N ALA C 97 -17.48 -18.11 -2.66
CA ALA C 97 -18.64 -18.79 -2.06
C ALA C 97 -18.61 -20.25 -2.51
N LEU C 98 -18.87 -21.18 -1.59
CA LEU C 98 -18.99 -22.64 -1.85
C LEU C 98 -20.45 -23.02 -1.78
N PRO C 99 -20.97 -23.71 -2.82
CA PRO C 99 -22.36 -24.10 -2.84
C PRO C 99 -22.65 -25.22 -1.83
N GLU C 100 -23.92 -25.43 -1.57
CA GLU C 100 -24.38 -26.52 -0.67
C GLU C 100 -23.91 -27.83 -1.32
N HIS C 101 -23.37 -28.81 -0.59
CA HIS C 101 -22.85 -30.01 -1.30
C HIS C 101 -22.72 -31.21 -0.37
N CYS C 102 -22.54 -32.38 -0.96
CA CYS C 102 -22.23 -33.68 -0.30
C CYS C 102 -20.71 -33.82 -0.30
N GLU C 103 -20.10 -33.92 0.88
CA GLU C 103 -18.67 -34.27 1.04
C GLU C 103 -18.55 -35.77 1.30
N VAL C 104 -17.94 -36.50 0.38
CA VAL C 104 -17.62 -37.93 0.59
C VAL C 104 -16.10 -38.09 0.69
N SER C 105 -15.59 -38.73 1.74
CA SER C 105 -14.15 -39.14 1.82
C SER C 105 -14.00 -40.59 2.28
N GLY C 106 -12.87 -41.17 1.96
CA GLY C 106 -12.54 -42.55 2.30
C GLY C 106 -11.28 -43.04 1.63
N ALA C 107 -11.21 -44.35 1.42
CA ALA C 107 -9.94 -45.00 1.05
C ALA C 107 -10.21 -46.24 0.20
N ILE C 108 -9.31 -46.50 -0.72
CA ILE C 108 -9.33 -47.66 -1.64
C ILE C 108 -8.06 -48.47 -1.37
N ALA C 109 -8.23 -49.79 -1.24
CA ALA C 109 -7.14 -50.80 -1.29
C ALA C 109 -6.24 -50.65 -0.04
N LYS C 110 -6.85 -50.43 1.16
CA LYS C 110 -6.24 -50.55 2.51
C LYS C 110 -5.42 -51.85 2.50
N ARG C 111 -4.09 -51.78 2.68
CA ARG C 111 -3.17 -52.95 2.66
C ARG C 111 -1.92 -52.66 3.51
N THR C 112 -0.99 -53.61 3.52
CA THR C 112 0.31 -53.47 4.23
C THR C 112 1.41 -53.61 3.18
N GLY C 113 2.38 -52.70 3.19
CA GLY C 113 3.55 -52.75 2.29
C GLY C 113 4.52 -53.83 2.71
N ILE C 114 5.39 -54.22 1.81
CA ILE C 114 6.54 -55.13 2.06
C ILE C 114 7.47 -54.52 3.13
N ASP C 115 7.41 -53.19 3.34
CA ASP C 115 8.16 -52.42 4.37
C ASP C 115 7.43 -52.48 5.73
N GLY C 116 6.24 -53.06 5.81
CA GLY C 116 5.51 -53.18 7.09
C GLY C 116 4.59 -51.98 7.36
N TYR C 117 4.62 -50.94 6.51
CA TYR C 117 3.79 -49.75 6.74
C TYR C 117 2.41 -49.98 6.12
N PRO C 118 1.35 -49.35 6.65
CA PRO C 118 0.06 -49.31 5.97
C PRO C 118 0.06 -48.39 4.74
N TYR C 119 -0.75 -48.72 3.75
CA TYR C 119 -0.98 -47.92 2.53
C TYR C 119 -2.47 -47.99 2.17
N GLU C 120 -2.96 -46.84 1.70
CA GLU C 120 -4.30 -46.73 1.08
C GLU C 120 -4.30 -45.56 0.11
N ILE C 121 -5.21 -45.60 -0.85
CA ILE C 121 -5.51 -44.45 -1.74
C ILE C 121 -6.67 -43.69 -1.11
N LYS C 122 -6.38 -42.56 -0.49
CA LYS C 122 -7.41 -41.67 0.10
C LYS C 122 -8.00 -40.82 -1.00
N PHE C 123 -9.28 -40.47 -0.85
CA PHE C 123 -9.96 -39.50 -1.74
C PHE C 123 -10.89 -38.61 -0.91
N ARG C 124 -11.13 -37.41 -1.44
CA ARG C 124 -12.21 -36.50 -0.95
C ARG C 124 -12.95 -35.97 -2.18
N LEU C 125 -14.27 -36.14 -2.21
CA LEU C 125 -15.18 -35.80 -3.32
C LEU C 125 -16.22 -34.80 -2.77
N ARG C 126 -16.46 -33.72 -3.49
CA ARG C 126 -17.51 -32.72 -3.15
C ARG C 126 -18.46 -32.66 -4.34
N MET C 127 -19.73 -32.96 -4.11
CA MET C 127 -20.77 -33.04 -5.16
C MET C 127 -21.84 -32.02 -4.83
N PRO C 128 -21.82 -30.82 -5.44
CA PRO C 128 -22.79 -29.80 -5.09
C PRO C 128 -24.21 -30.27 -5.44
N ALA C 129 -25.20 -29.80 -4.68
CA ALA C 129 -26.64 -30.10 -4.81
C ALA C 129 -27.14 -29.58 -6.14
N GLU C 130 -26.66 -28.41 -6.53
CA GLU C 130 -26.87 -27.74 -7.83
C GLU C 130 -25.57 -27.83 -8.63
N TRP C 131 -25.62 -28.63 -9.68
CA TRP C 131 -24.49 -29.17 -10.44
C TRP C 131 -24.55 -28.70 -11.88
N ASN C 132 -23.39 -28.43 -12.47
CA ASN C 132 -23.22 -27.94 -13.86
C ASN C 132 -22.97 -29.15 -14.78
N GLY C 133 -23.06 -30.37 -14.27
CA GLY C 133 -22.94 -31.60 -15.08
C GLY C 133 -21.49 -31.95 -15.38
N ARG C 134 -20.54 -31.32 -14.70
CA ARG C 134 -19.12 -31.51 -15.03
C ARG C 134 -18.40 -32.09 -13.82
N PHE C 135 -17.41 -32.94 -14.11
CA PHE C 135 -16.53 -33.58 -13.10
C PHE C 135 -15.16 -32.95 -13.21
N PHE C 136 -14.55 -32.67 -12.07
CA PHE C 136 -13.26 -31.96 -11.98
C PHE C 136 -12.33 -32.69 -11.02
N MET C 137 -11.09 -32.93 -11.42
CA MET C 137 -10.07 -33.49 -10.51
C MET C 137 -8.85 -32.56 -10.43
N GLU C 138 -8.38 -32.24 -9.22
CA GLU C 138 -7.13 -31.46 -8.99
C GLU C 138 -5.93 -32.43 -8.90
N GLY C 139 -4.81 -32.04 -9.47
CA GLY C 139 -3.58 -32.83 -9.36
C GLY C 139 -2.89 -32.56 -8.04
N GLY C 140 -1.86 -33.35 -7.76
CA GLY C 140 -1.06 -33.26 -6.55
C GLY C 140 0.10 -32.29 -6.67
N SER C 141 1.07 -32.48 -5.80
CA SER C 141 2.17 -31.56 -5.47
C SER C 141 3.25 -32.34 -4.71
N GLY C 142 4.50 -32.08 -5.06
CA GLY C 142 5.67 -32.77 -4.49
C GLY C 142 5.57 -34.26 -4.77
N THR C 143 5.66 -35.04 -3.69
CA THR C 143 5.54 -36.50 -3.66
C THR C 143 4.14 -36.85 -3.13
N ASN C 144 3.19 -35.88 -3.14
CA ASN C 144 1.77 -36.09 -2.72
C ASN C 144 1.79 -36.49 -1.24
N GLY C 145 0.91 -37.41 -0.82
CA GLY C 145 0.81 -37.91 0.56
C GLY C 145 -0.01 -37.01 1.46
N SER C 146 -0.63 -35.96 0.93
CA SER C 146 -1.60 -35.10 1.67
C SER C 146 -2.93 -35.08 0.91
N LEU C 147 -4.03 -34.96 1.65
CA LEU C 147 -5.39 -34.94 1.08
C LEU C 147 -5.93 -33.54 1.31
N SER C 148 -6.18 -32.82 0.24
CA SER C 148 -6.53 -31.39 0.29
C SER C 148 -8.01 -31.30 0.63
N ALA C 149 -8.46 -30.07 0.83
CA ALA C 149 -9.88 -29.72 1.06
C ALA C 149 -10.75 -30.20 -0.12
N ALA C 150 -10.19 -30.25 -1.35
CA ALA C 150 -10.76 -30.83 -2.60
C ALA C 150 -11.94 -30.01 -3.07
N THR C 151 -11.78 -28.68 -3.06
CA THR C 151 -12.76 -27.75 -3.67
C THR C 151 -12.41 -27.56 -5.16
N GLY C 152 -11.32 -28.14 -5.63
CA GLY C 152 -10.93 -28.05 -7.05
C GLY C 152 -10.09 -26.82 -7.33
N SER C 153 -8.81 -26.91 -7.04
CA SER C 153 -7.86 -25.81 -7.29
C SER C 153 -7.66 -25.72 -8.81
N ILE C 154 -7.67 -24.52 -9.37
CA ILE C 154 -7.49 -24.38 -10.84
C ILE C 154 -6.14 -23.75 -11.13
N GLY C 155 -5.26 -23.61 -10.13
CA GLY C 155 -3.93 -22.99 -10.30
C GLY C 155 -4.04 -21.54 -10.76
N GLY C 156 -2.93 -20.96 -11.19
CA GLY C 156 -2.88 -19.63 -11.79
C GLY C 156 -3.29 -18.53 -10.82
N GLY C 157 -3.16 -18.80 -9.51
CA GLY C 157 -3.34 -17.84 -8.39
C GLY C 157 -4.79 -17.44 -8.22
N GLN C 158 -5.75 -18.25 -8.69
CA GLN C 158 -7.20 -17.94 -8.70
C GLN C 158 -7.83 -18.15 -7.32
N ILE C 159 -8.63 -17.17 -6.92
CA ILE C 159 -9.57 -17.10 -5.76
C ILE C 159 -10.62 -18.24 -5.91
N ALA C 160 -11.24 -18.37 -7.07
CA ALA C 160 -12.37 -19.31 -7.29
C ALA C 160 -11.86 -20.76 -7.44
N SER C 161 -12.52 -21.70 -6.79
CA SER C 161 -12.34 -23.16 -6.97
C SER C 161 -13.37 -23.66 -7.99
N ALA C 162 -13.15 -24.83 -8.58
CA ALA C 162 -14.14 -25.50 -9.44
C ALA C 162 -15.45 -25.75 -8.68
N LEU C 163 -15.38 -26.09 -7.38
CA LEU C 163 -16.60 -26.34 -6.60
C LEU C 163 -17.41 -25.04 -6.59
N SER C 164 -16.75 -23.87 -6.47
CA SER C 164 -17.46 -22.57 -6.42
C SER C 164 -18.14 -22.29 -7.75
N ARG C 165 -17.67 -22.89 -8.84
CA ARG C 165 -18.40 -22.85 -10.16
C ARG C 165 -19.35 -24.05 -10.33
N ASN C 166 -19.63 -24.82 -9.28
CA ASN C 166 -20.71 -25.83 -9.26
C ASN C 166 -20.27 -27.11 -9.99
N PHE C 167 -18.96 -27.35 -10.16
CA PHE C 167 -18.40 -28.68 -10.54
C PHE C 167 -18.45 -29.62 -9.33
N ALA C 168 -18.54 -30.92 -9.58
CA ALA C 168 -18.20 -31.99 -8.60
C ALA C 168 -16.70 -32.22 -8.67
N THR C 169 -16.03 -32.18 -7.54
CA THR C 169 -14.55 -32.03 -7.45
C THR C 169 -13.97 -33.18 -6.63
N ILE C 170 -12.79 -33.65 -6.98
CA ILE C 170 -12.14 -34.76 -6.24
C ILE C 170 -10.64 -34.48 -6.15
N ALA C 171 -10.01 -35.03 -5.11
CA ALA C 171 -8.56 -35.04 -4.89
C ALA C 171 -8.19 -36.36 -4.24
N THR C 172 -6.93 -36.75 -4.37
CA THR C 172 -6.36 -38.01 -3.82
C THR C 172 -5.07 -37.68 -3.09
N ASP C 173 -4.57 -38.57 -2.27
CA ASP C 173 -3.24 -38.41 -1.62
C ASP C 173 -2.21 -39.16 -2.47
N GLY C 174 -2.66 -39.93 -3.46
CA GLY C 174 -1.74 -40.68 -4.35
C GLY C 174 -1.31 -42.03 -3.81
N GLY C 175 -1.82 -42.47 -2.65
CA GLY C 175 -1.65 -43.85 -2.16
C GLY C 175 -0.72 -43.98 -0.97
N HIS C 176 -0.26 -42.86 -0.43
CA HIS C 176 0.46 -42.81 0.87
C HIS C 176 0.06 -41.55 1.61
N ASP C 177 0.44 -41.50 2.89
CA ASP C 177 -0.02 -40.49 3.87
C ASP C 177 1.24 -39.97 4.56
N ASN C 178 1.56 -38.69 4.40
CA ASN C 178 2.77 -38.07 4.99
C ASN C 178 2.78 -38.16 6.53
N ALA C 179 1.66 -38.37 7.20
CA ALA C 179 1.54 -38.46 8.68
C ALA C 179 1.86 -39.88 9.19
N VAL C 180 1.67 -40.91 8.36
CA VAL C 180 1.74 -42.37 8.67
C VAL C 180 2.94 -42.99 7.92
N ASN C 181 3.22 -42.55 6.68
CA ASN C 181 4.25 -43.12 5.78
C ASN C 181 5.51 -42.23 5.88
N ASP C 182 5.98 -42.02 7.11
CA ASP C 182 7.10 -41.15 7.52
C ASP C 182 8.13 -42.03 8.24
N ASN C 183 9.08 -42.60 7.49
CA ASN C 183 10.06 -43.60 7.99
C ASN C 183 11.40 -42.87 8.20
N PRO C 184 11.84 -42.75 9.47
CA PRO C 184 13.09 -42.04 9.78
C PRO C 184 14.33 -42.74 9.19
N ASP C 185 14.23 -43.97 8.72
CA ASP C 185 15.35 -44.73 8.06
C ASP C 185 15.31 -44.61 6.53
N ALA C 186 14.25 -44.03 5.94
CA ALA C 186 14.09 -43.89 4.47
C ALA C 186 13.74 -42.44 4.10
N LEU C 187 14.35 -41.48 4.77
CA LEU C 187 14.32 -40.01 4.47
C LEU C 187 12.90 -39.43 4.56
N GLY C 188 12.08 -39.90 5.49
CA GLY C 188 10.87 -39.17 5.88
C GLY C 188 9.69 -39.45 4.97
N THR C 189 9.13 -38.41 4.39
CA THR C 189 7.83 -38.48 3.68
C THR C 189 8.06 -39.03 2.28
N VAL C 190 9.28 -39.31 1.88
CA VAL C 190 9.53 -40.03 0.60
C VAL C 190 9.56 -41.56 0.79
N ALA C 191 9.29 -42.06 1.99
CA ALA C 191 9.50 -43.48 2.40
C ALA C 191 8.60 -44.46 1.66
N PHE C 192 7.46 -44.02 1.12
CA PHE C 192 6.54 -44.84 0.27
C PHE C 192 7.35 -45.58 -0.81
N GLY C 193 8.41 -44.95 -1.35
CA GLY C 193 9.29 -45.54 -2.38
C GLY C 193 9.79 -46.93 -2.03
N LEU C 194 9.80 -47.29 -0.75
CA LEU C 194 10.26 -48.63 -0.26
C LEU C 194 9.24 -49.71 -0.64
N ASP C 195 7.97 -49.35 -0.87
CA ASP C 195 6.90 -50.31 -1.24
C ASP C 195 6.64 -50.22 -2.75
N PRO C 196 6.90 -51.27 -3.56
CA PRO C 196 6.57 -51.28 -5.00
C PRO C 196 5.14 -50.90 -5.46
N GLN C 197 4.09 -51.42 -4.84
CA GLN C 197 2.67 -51.01 -5.17
C GLN C 197 2.48 -49.50 -4.87
N ALA C 198 3.07 -48.96 -3.81
CA ALA C 198 2.96 -47.51 -3.48
C ALA C 198 3.58 -46.68 -4.62
N ARG C 199 4.63 -47.20 -5.26
CA ARG C 199 5.27 -46.52 -6.41
C ARG C 199 4.25 -46.50 -7.54
N LEU C 200 3.67 -47.65 -7.87
CA LEU C 200 2.71 -47.73 -8.99
C LEU C 200 1.54 -46.80 -8.67
N ASP C 201 1.05 -46.79 -7.42
CA ASP C 201 -0.06 -45.94 -6.95
C ASP C 201 0.30 -44.46 -7.13
N MET C 202 1.53 -44.07 -6.82
CA MET C 202 2.00 -42.67 -6.94
C MET C 202 2.13 -42.31 -8.44
N GLY C 203 2.53 -43.30 -9.22
CA GLY C 203 2.78 -43.14 -10.68
C GLY C 203 1.50 -42.97 -11.46
N TYR C 204 0.56 -43.89 -11.30
CA TYR C 204 -0.63 -43.89 -12.20
C TYR C 204 -1.88 -44.41 -11.50
N ASN C 205 -1.75 -45.35 -10.56
CA ASN C 205 -2.88 -46.23 -10.17
C ASN C 205 -3.84 -45.43 -9.29
N SER C 206 -3.31 -44.63 -8.36
CA SER C 206 -4.14 -43.80 -7.45
C SER C 206 -5.16 -42.99 -8.26
N TYR C 207 -4.72 -42.20 -9.24
CA TYR C 207 -5.55 -41.23 -10.02
C TYR C 207 -6.59 -42.03 -10.82
N ASP C 208 -6.19 -43.22 -11.24
CA ASP C 208 -7.11 -44.10 -12.00
C ASP C 208 -8.24 -44.56 -11.08
N GLN C 209 -7.90 -45.15 -9.94
CA GLN C 209 -8.92 -45.64 -8.99
C GLN C 209 -9.78 -44.48 -8.53
N VAL C 210 -9.19 -43.35 -8.21
CA VAL C 210 -9.98 -42.21 -7.67
C VAL C 210 -10.89 -41.67 -8.78
N THR C 211 -10.45 -41.53 -10.02
CA THR C 211 -11.36 -41.08 -11.10
C THR C 211 -12.55 -42.04 -11.24
N GLN C 212 -12.32 -43.35 -11.34
CA GLN C 212 -13.41 -44.35 -11.47
C GLN C 212 -14.38 -44.19 -10.28
N ALA C 213 -13.90 -44.12 -9.04
CA ALA C 213 -14.71 -44.06 -7.81
C ALA C 213 -15.56 -42.79 -7.79
N GLY C 214 -14.96 -41.64 -8.11
CA GLY C 214 -15.65 -40.34 -8.23
C GLY C 214 -16.73 -40.38 -9.29
N LYS C 215 -16.47 -40.97 -10.47
CA LYS C 215 -17.47 -40.96 -11.56
C LYS C 215 -18.61 -41.90 -11.17
N ALA C 216 -18.29 -42.98 -10.48
CA ALA C 216 -19.34 -43.91 -10.04
C ALA C 216 -20.19 -43.21 -8.97
N ALA C 217 -19.60 -42.44 -8.07
CA ALA C 217 -20.33 -41.74 -6.98
C ALA C 217 -21.24 -40.68 -7.59
N VAL C 218 -20.70 -39.90 -8.51
CA VAL C 218 -21.46 -38.86 -9.24
C VAL C 218 -22.70 -39.49 -9.89
N ALA C 219 -22.54 -40.62 -10.59
CA ALA C 219 -23.62 -41.22 -11.40
C ALA C 219 -24.77 -41.65 -10.47
N ARG C 220 -24.43 -42.28 -9.35
CA ARG C 220 -25.38 -42.69 -8.32
C ARG C 220 -26.11 -41.46 -7.74
N PHE C 221 -25.37 -40.53 -7.15
CA PHE C 221 -25.88 -39.31 -6.45
C PHE C 221 -26.81 -38.48 -7.35
N TYR C 222 -26.46 -38.28 -8.63
CA TYR C 222 -27.20 -37.35 -9.51
C TYR C 222 -28.15 -38.09 -10.46
N GLY C 223 -27.93 -39.39 -10.71
CA GLY C 223 -28.78 -40.22 -11.61
C GLY C 223 -28.41 -40.02 -13.07
N ARG C 224 -27.23 -39.45 -13.31
CA ARG C 224 -26.69 -39.30 -14.69
C ARG C 224 -25.16 -39.18 -14.59
N ALA C 225 -24.44 -39.52 -15.65
CA ALA C 225 -22.97 -39.42 -15.69
C ALA C 225 -22.62 -37.96 -15.97
N ALA C 226 -21.42 -37.53 -15.58
CA ALA C 226 -20.86 -36.23 -15.98
C ALA C 226 -20.90 -36.14 -17.50
N ASP C 227 -21.35 -35.00 -18.03
CA ASP C 227 -21.27 -34.66 -19.48
C ASP C 227 -19.79 -34.60 -19.87
N LYS C 228 -18.94 -33.96 -19.07
CA LYS C 228 -17.51 -33.80 -19.38
C LYS C 228 -16.69 -33.85 -18.09
N SER C 229 -15.43 -34.21 -18.24
CA SER C 229 -14.51 -34.38 -17.10
C SER C 229 -13.25 -33.55 -17.34
N TYR C 230 -12.80 -32.81 -16.34
CA TYR C 230 -11.63 -31.93 -16.46
C TYR C 230 -10.63 -32.21 -15.33
N PHE C 231 -9.35 -32.16 -15.68
CA PHE C 231 -8.21 -32.31 -14.76
C PHE C 231 -7.29 -31.12 -14.91
N ILE C 232 -6.87 -30.52 -13.79
CA ILE C 232 -5.89 -29.41 -13.76
C ILE C 232 -4.90 -29.68 -12.66
N GLY C 233 -3.62 -29.54 -13.01
CA GLY C 233 -2.52 -29.83 -12.09
C GLY C 233 -1.30 -29.06 -12.51
N CYS C 234 -0.47 -28.74 -11.52
CA CYS C 234 0.82 -28.08 -11.81
C CYS C 234 1.92 -28.99 -11.28
N SER C 235 3.09 -29.02 -11.93
CA SER C 235 4.32 -29.66 -11.37
C SER C 235 4.09 -31.18 -11.38
N GLU C 236 4.06 -31.85 -10.23
CA GLU C 236 3.67 -33.28 -10.15
C GLU C 236 2.26 -33.47 -10.74
N GLY C 237 1.39 -32.48 -10.52
CA GLY C 237 0.01 -32.44 -11.01
C GLY C 237 0.00 -32.29 -12.50
N GLY C 238 1.01 -31.64 -13.08
CA GLY C 238 1.16 -31.55 -14.54
C GLY C 238 1.66 -32.87 -15.12
N ARG C 239 2.54 -33.57 -14.42
CA ARG C 239 2.94 -34.93 -14.85
C ARG C 239 1.67 -35.81 -14.87
N GLU C 240 0.85 -35.72 -13.84
CA GLU C 240 -0.43 -36.48 -13.72
C GLU C 240 -1.30 -36.25 -14.99
N GLY C 241 -1.48 -35.00 -15.39
CA GLY C 241 -2.35 -34.67 -16.53
C GLY C 241 -1.79 -35.28 -17.80
N MET C 242 -0.48 -35.22 -17.97
CA MET C 242 0.17 -35.78 -19.18
C MET C 242 0.05 -37.30 -19.12
N MET C 243 0.26 -37.90 -17.94
CA MET C 243 0.08 -39.36 -17.73
C MET C 243 -1.38 -39.71 -18.14
N LEU C 244 -2.36 -38.88 -17.77
CA LEU C 244 -3.79 -39.17 -18.07
C LEU C 244 -4.07 -39.14 -19.56
N SER C 245 -3.49 -38.18 -20.32
CA SER C 245 -3.61 -38.12 -21.80
C SER C 245 -3.01 -39.38 -22.45
N GLN C 246 -1.93 -39.92 -21.89
CA GLN C 246 -1.10 -40.97 -22.55
C GLN C 246 -1.65 -42.35 -22.19
N ARG C 247 -2.02 -42.55 -20.93
CA ARG C 247 -2.34 -43.87 -20.35
C ARG C 247 -3.85 -44.07 -20.20
N PHE C 248 -4.63 -43.02 -19.93
CA PHE C 248 -6.08 -43.11 -19.63
C PHE C 248 -6.84 -42.09 -20.47
N PRO C 249 -6.77 -42.22 -21.81
CA PRO C 249 -7.26 -41.19 -22.72
C PRO C 249 -8.73 -40.82 -22.46
N SER C 250 -9.55 -41.71 -21.93
CA SER C 250 -11.00 -41.37 -21.80
C SER C 250 -11.37 -40.91 -20.39
N HIS C 251 -10.44 -40.87 -19.44
CA HIS C 251 -10.79 -40.41 -18.06
C HIS C 251 -11.21 -38.94 -18.11
N TYR C 252 -10.44 -38.09 -18.79
CA TYR C 252 -10.64 -36.62 -18.83
C TYR C 252 -10.69 -36.16 -20.27
N ASP C 253 -11.64 -35.25 -20.52
CA ASP C 253 -11.89 -34.62 -21.83
C ASP C 253 -10.97 -33.41 -21.99
N GLY C 254 -10.77 -32.66 -20.91
CA GLY C 254 -9.93 -31.46 -20.86
C GLY C 254 -8.88 -31.59 -19.78
N ILE C 255 -7.62 -31.35 -20.15
CA ILE C 255 -6.47 -31.45 -19.23
C ILE C 255 -5.69 -30.13 -19.28
N VAL C 256 -5.39 -29.57 -18.09
CA VAL C 256 -4.39 -28.49 -17.95
C VAL C 256 -3.23 -29.11 -17.19
N ALA C 257 -2.04 -29.04 -17.76
CA ALA C 257 -0.78 -29.55 -17.19
C ALA C 257 0.24 -28.39 -17.11
N GLY C 258 0.33 -27.75 -15.96
CA GLY C 258 1.33 -26.69 -15.75
C GLY C 258 2.65 -27.31 -15.37
N ALA C 259 3.74 -26.69 -15.82
CA ALA C 259 5.13 -26.97 -15.40
C ALA C 259 5.30 -28.45 -15.11
N PRO C 260 5.00 -29.33 -16.09
CA PRO C 260 4.83 -30.76 -15.83
C PRO C 260 6.15 -31.53 -15.69
N GLY C 261 6.26 -32.28 -14.61
CA GLY C 261 7.46 -33.10 -14.37
C GLY C 261 7.32 -34.42 -15.09
N TYR C 262 7.22 -34.39 -16.43
CA TYR C 262 6.93 -35.57 -17.28
C TYR C 262 8.19 -36.46 -17.35
N GLN C 263 9.34 -35.97 -16.87
CA GLN C 263 10.60 -36.75 -16.72
C GLN C 263 11.09 -36.62 -15.28
N LEU C 264 10.17 -36.59 -14.35
CA LEU C 264 10.49 -36.30 -12.95
C LEU C 264 11.68 -37.13 -12.48
N PRO C 265 11.81 -38.43 -12.84
CA PRO C 265 12.93 -39.24 -12.32
C PRO C 265 14.35 -38.80 -12.73
N LYS C 266 14.42 -37.89 -13.68
CA LYS C 266 15.65 -37.23 -14.15
C LYS C 266 15.98 -35.97 -13.32
N ALA C 267 15.04 -35.46 -12.51
CA ALA C 267 15.23 -34.17 -11.79
C ALA C 267 16.44 -34.30 -10.85
N GLY C 268 16.52 -35.41 -10.13
CA GLY C 268 17.61 -35.72 -9.18
C GLY C 268 18.97 -35.80 -9.88
N ILE C 269 19.00 -36.26 -11.13
CA ILE C 269 20.20 -36.24 -11.99
C ILE C 269 20.55 -34.77 -12.30
N SER C 270 19.57 -33.97 -12.72
CA SER C 270 19.79 -32.52 -12.92
C SER C 270 20.33 -31.94 -11.60
N GLY C 271 19.78 -32.41 -10.49
CA GLY C 271 20.10 -31.89 -9.15
C GLY C 271 21.54 -32.16 -8.78
N ALA C 272 22.00 -33.41 -8.98
CA ALA C 272 23.38 -33.87 -8.71
C ALA C 272 24.32 -33.01 -9.58
N TRP C 273 23.90 -32.70 -10.79
CA TRP C 273 24.76 -31.98 -11.74
C TRP C 273 24.86 -30.53 -11.29
N THR C 274 23.72 -29.92 -10.98
CA THR C 274 23.68 -28.49 -10.56
C THR C 274 24.52 -28.39 -9.30
N THR C 275 24.45 -29.40 -8.44
CA THR C 275 25.14 -29.36 -7.12
C THR C 275 26.65 -29.38 -7.36
N GLN C 276 27.12 -30.30 -8.22
CA GLN C 276 28.57 -30.50 -8.49
C GLN C 276 29.06 -29.30 -9.28
N SER C 277 28.18 -28.70 -10.08
CA SER C 277 28.54 -27.54 -10.92
C SER C 277 28.81 -26.29 -10.06
N LEU C 278 28.07 -26.16 -8.95
CA LEU C 278 28.11 -24.96 -8.09
C LEU C 278 29.13 -25.14 -6.94
N ALA C 279 29.60 -26.35 -6.69
CA ALA C 279 30.52 -26.64 -5.55
C ALA C 279 31.79 -25.80 -5.63
N PRO C 280 32.46 -25.65 -6.79
CA PRO C 280 33.68 -24.85 -6.84
C PRO C 280 33.48 -23.36 -6.48
N ALA C 281 32.28 -22.81 -6.56
CA ALA C 281 31.95 -21.42 -6.13
C ALA C 281 31.47 -21.41 -4.67
N ALA C 282 31.26 -22.59 -4.09
CA ALA C 282 30.87 -22.75 -2.68
C ALA C 282 31.91 -22.05 -1.81
N VAL C 283 31.46 -21.47 -0.68
CA VAL C 283 32.32 -20.83 0.35
C VAL C 283 31.94 -21.47 1.70
N GLY C 284 32.88 -22.18 2.32
CA GLY C 284 32.64 -22.85 3.60
C GLY C 284 32.06 -24.24 3.39
N LEU C 285 31.84 -24.95 4.49
CA LEU C 285 31.40 -26.36 4.50
C LEU C 285 30.27 -26.48 5.52
N ASP C 286 29.36 -27.43 5.33
CA ASP C 286 28.33 -27.71 6.37
C ASP C 286 29.00 -28.64 7.40
N ALA C 287 28.24 -29.03 8.42
CA ALA C 287 28.61 -29.96 9.50
C ALA C 287 29.19 -31.28 8.95
N GLN C 288 28.80 -31.74 7.76
CA GLN C 288 29.27 -33.06 7.22
C GLN C 288 30.48 -32.83 6.32
N GLY C 289 30.91 -31.58 6.17
CA GLY C 289 32.09 -31.25 5.35
C GLY C 289 31.78 -31.20 3.88
N VAL C 290 30.51 -30.90 3.53
CA VAL C 290 30.03 -30.71 2.12
C VAL C 290 29.99 -29.22 1.82
N PRO C 291 30.46 -28.78 0.63
CA PRO C 291 30.46 -27.35 0.30
C PRO C 291 29.07 -26.72 0.42
N LEU C 292 29.02 -25.48 0.93
CA LEU C 292 27.76 -24.69 1.09
C LEU C 292 27.38 -24.08 -0.27
N ILE C 293 26.67 -24.89 -1.04
CA ILE C 293 26.13 -24.56 -2.40
C ILE C 293 25.38 -23.23 -2.27
N ASN C 294 24.68 -23.01 -1.14
CA ASN C 294 23.83 -21.82 -0.91
C ASN C 294 24.69 -20.55 -0.88
N LYS C 295 25.99 -20.65 -0.53
CA LYS C 295 26.91 -19.49 -0.48
C LYS C 295 27.56 -19.22 -1.84
N SER C 296 27.37 -20.10 -2.83
CA SER C 296 27.93 -19.97 -4.20
C SER C 296 27.56 -18.61 -4.79
N PHE C 297 26.37 -18.12 -4.48
CA PHE C 297 25.79 -16.84 -5.00
C PHE C 297 24.94 -16.14 -3.95
N SER C 298 25.17 -14.86 -3.78
CA SER C 298 24.32 -14.03 -2.89
C SER C 298 23.07 -13.67 -3.69
N ASP C 299 22.00 -13.24 -3.02
CA ASP C 299 20.78 -12.74 -3.69
C ASP C 299 21.17 -11.60 -4.65
N ALA C 300 22.04 -10.69 -4.21
CA ALA C 300 22.55 -9.53 -4.99
C ALA C 300 23.27 -10.04 -6.25
N ASP C 301 24.08 -11.10 -6.12
CA ASP C 301 24.78 -11.76 -7.26
C ASP C 301 23.74 -12.23 -8.30
N LEU C 302 22.68 -12.90 -7.85
CA LEU C 302 21.60 -13.39 -8.75
C LEU C 302 20.89 -12.20 -9.38
N HIS C 303 20.66 -11.11 -8.64
CA HIS C 303 20.00 -9.90 -9.19
C HIS C 303 20.84 -9.33 -10.32
N LEU C 304 22.16 -9.38 -10.18
CA LEU C 304 23.15 -8.91 -11.16
C LEU C 304 23.00 -9.69 -12.47
N LEU C 305 22.97 -11.02 -12.35
CA LEU C 305 22.79 -11.98 -13.45
C LEU C 305 21.48 -11.63 -14.18
N SER C 306 20.36 -11.46 -13.48
CA SER C 306 19.08 -11.14 -14.17
C SER C 306 19.13 -9.74 -14.77
N GLN C 307 19.77 -8.77 -14.14
CA GLN C 307 19.98 -7.43 -14.80
C GLN C 307 20.78 -7.63 -16.10
N ALA C 308 21.88 -8.39 -16.06
CA ALA C 308 22.69 -8.62 -17.28
C ALA C 308 21.83 -9.29 -18.37
N ILE C 309 21.07 -10.33 -18.00
CA ILE C 309 20.14 -11.02 -18.95
C ILE C 309 19.16 -9.99 -19.56
N LEU C 310 18.57 -9.10 -18.77
CA LEU C 310 17.63 -8.08 -19.33
C LEU C 310 18.42 -7.17 -20.28
N GLY C 311 19.63 -6.79 -19.88
CA GLY C 311 20.50 -5.95 -20.72
C GLY C 311 20.62 -6.55 -22.12
N THR C 312 20.98 -7.84 -22.19
CA THR C 312 21.20 -8.58 -23.46
C THR C 312 19.89 -8.92 -24.18
N CYS C 313 18.80 -9.22 -23.45
CA CYS C 313 17.62 -9.95 -23.99
C CYS C 313 16.29 -9.19 -23.98
N ASP C 314 16.09 -8.22 -23.08
CA ASP C 314 14.75 -7.62 -22.82
C ASP C 314 14.12 -7.10 -24.13
N ALA C 315 14.95 -6.50 -24.99
CA ALA C 315 14.55 -5.61 -26.11
C ALA C 315 14.47 -6.42 -27.43
N LEU C 316 14.94 -7.67 -27.43
CA LEU C 316 14.82 -8.65 -28.55
C LEU C 316 13.35 -8.95 -28.86
N ASP C 317 12.38 -8.50 -28.05
CA ASP C 317 10.94 -8.66 -28.38
C ASP C 317 10.41 -7.35 -28.96
N GLY C 318 11.25 -6.30 -28.98
CA GLY C 318 10.89 -4.94 -29.40
C GLY C 318 10.40 -4.03 -28.26
N LEU C 319 10.46 -4.45 -26.98
CA LEU C 319 10.04 -3.53 -25.87
C LEU C 319 10.88 -3.74 -24.62
N ALA C 320 11.57 -2.70 -24.15
CA ALA C 320 12.34 -2.73 -22.88
C ALA C 320 11.29 -2.63 -21.75
N ASP C 321 11.02 -3.70 -21.01
CA ASP C 321 9.87 -3.71 -20.04
C ASP C 321 10.09 -4.65 -18.86
N GLY C 322 11.27 -5.26 -18.77
CA GLY C 322 11.65 -6.13 -17.65
C GLY C 322 11.19 -7.57 -17.86
N ILE C 323 10.77 -7.87 -19.11
CA ILE C 323 10.26 -9.20 -19.58
C ILE C 323 10.97 -9.65 -20.89
N VAL C 324 11.56 -10.85 -20.86
CA VAL C 324 12.20 -11.45 -22.05
C VAL C 324 11.16 -12.35 -22.75
N ASP C 325 10.36 -11.77 -23.64
CA ASP C 325 9.29 -12.47 -24.41
C ASP C 325 9.92 -13.39 -25.49
N ASN C 326 11.07 -13.01 -26.04
CA ASN C 326 11.78 -13.71 -27.12
C ASN C 326 12.87 -14.52 -26.45
N TYR C 327 12.47 -15.60 -25.78
CA TYR C 327 13.31 -16.56 -25.04
C TYR C 327 14.30 -17.23 -26.01
N ARG C 328 13.93 -17.47 -27.28
CA ARG C 328 14.85 -18.18 -28.22
C ARG C 328 16.03 -17.25 -28.55
N ALA C 329 15.73 -15.98 -28.87
CA ALA C 329 16.76 -14.98 -29.22
C ALA C 329 17.66 -14.77 -27.99
N CYS C 330 17.10 -14.87 -26.79
CA CYS C 330 17.87 -14.70 -25.54
C CYS C 330 18.86 -15.85 -25.43
N GLN C 331 18.44 -17.07 -25.75
CA GLN C 331 19.32 -18.28 -25.57
C GLN C 331 20.47 -18.19 -26.55
N ALA C 332 20.24 -17.64 -27.73
CA ALA C 332 21.26 -17.56 -28.81
C ALA C 332 22.23 -16.39 -28.52
N ALA C 333 21.88 -15.43 -27.66
CA ALA C 333 22.63 -14.15 -27.52
C ALA C 333 23.40 -14.09 -26.20
N PHE C 334 22.86 -14.67 -25.12
CA PHE C 334 23.34 -14.41 -23.74
C PHE C 334 24.48 -15.33 -23.35
N ASP C 335 25.62 -14.76 -22.96
CA ASP C 335 26.73 -15.51 -22.36
C ASP C 335 27.19 -14.69 -21.16
N PRO C 336 27.08 -15.18 -19.92
CA PRO C 336 27.50 -14.37 -18.78
C PRO C 336 29.02 -14.06 -18.77
N ALA C 337 29.84 -14.86 -19.46
CA ALA C 337 31.29 -14.59 -19.57
C ALA C 337 31.56 -13.37 -20.46
N THR C 338 30.60 -12.85 -21.21
CA THR C 338 30.84 -11.74 -22.17
C THR C 338 29.83 -10.60 -22.00
N ALA C 339 28.74 -10.80 -21.29
CA ALA C 339 27.64 -9.82 -21.20
C ALA C 339 28.05 -8.65 -20.29
N ALA C 340 27.42 -7.51 -20.50
CA ALA C 340 27.62 -6.25 -19.76
C ALA C 340 26.64 -6.20 -18.58
N ASN C 341 27.10 -5.68 -17.43
CA ASN C 341 26.27 -5.11 -16.34
C ASN C 341 25.68 -3.80 -16.86
N PRO C 342 24.34 -3.70 -17.07
CA PRO C 342 23.75 -2.48 -17.61
C PRO C 342 23.90 -1.28 -16.66
N ALA C 343 24.11 -1.51 -15.35
CA ALA C 343 24.24 -0.46 -14.30
C ALA C 343 25.52 0.39 -14.49
N ASN C 344 26.63 -0.19 -14.94
CA ASN C 344 27.95 0.49 -15.04
C ASN C 344 28.54 0.39 -16.46
N GLY C 345 27.91 -0.32 -17.41
CA GLY C 345 28.44 -0.49 -18.79
C GLY C 345 29.64 -1.43 -18.88
N GLN C 346 30.07 -2.04 -17.76
CA GLN C 346 31.24 -2.96 -17.65
C GLN C 346 30.88 -4.43 -17.93
N ALA C 347 31.89 -5.29 -18.09
CA ALA C 347 31.70 -6.75 -18.17
C ALA C 347 31.03 -7.23 -16.87
N LEU C 348 30.01 -8.09 -17.01
CA LEU C 348 29.41 -8.83 -15.88
C LEU C 348 30.52 -9.59 -15.14
N GLN C 349 31.43 -10.27 -15.84
CA GLN C 349 32.53 -11.01 -15.18
C GLN C 349 33.62 -10.06 -14.64
N CYS C 350 33.95 -10.21 -13.34
CA CYS C 350 35.03 -9.49 -12.61
C CYS C 350 36.35 -9.62 -13.36
N VAL C 351 37.01 -8.50 -13.68
CA VAL C 351 38.37 -8.57 -14.28
C VAL C 351 39.39 -8.82 -13.16
N GLY C 352 39.24 -8.22 -11.97
CA GLY C 352 40.11 -8.48 -10.81
C GLY C 352 39.39 -9.18 -9.68
N ALA C 353 39.51 -8.68 -8.44
CA ALA C 353 38.83 -9.22 -7.25
C ALA C 353 37.30 -9.04 -7.36
N LYS C 354 36.59 -9.86 -6.60
CA LYS C 354 35.11 -9.87 -6.45
C LYS C 354 34.66 -8.55 -5.81
N THR C 355 33.81 -7.79 -6.49
CA THR C 355 33.04 -6.63 -5.96
C THR C 355 31.55 -6.91 -6.20
N ALA C 356 30.66 -6.12 -5.62
CA ALA C 356 29.21 -6.39 -5.70
C ALA C 356 28.69 -6.06 -7.11
N ASP C 357 29.54 -5.54 -8.00
CA ASP C 357 29.13 -5.10 -9.36
C ASP C 357 29.53 -6.15 -10.39
N CYS C 358 30.12 -7.26 -9.97
CA CYS C 358 30.56 -8.33 -10.93
C CYS C 358 30.45 -9.74 -10.30
N LEU C 359 30.41 -10.78 -11.15
CA LEU C 359 30.44 -12.21 -10.76
C LEU C 359 31.84 -12.76 -11.05
N SER C 360 32.39 -13.58 -10.17
CA SER C 360 33.77 -14.12 -10.37
C SER C 360 33.73 -15.09 -11.56
N PRO C 361 34.88 -15.32 -12.24
CA PRO C 361 34.98 -16.37 -13.28
C PRO C 361 34.54 -17.76 -12.78
N VAL C 362 34.86 -18.09 -11.54
CA VAL C 362 34.44 -19.36 -10.90
C VAL C 362 32.90 -19.40 -10.86
N GLN C 363 32.26 -18.31 -10.43
CA GLN C 363 30.79 -18.16 -10.45
C GLN C 363 30.29 -18.29 -11.89
N VAL C 364 30.89 -17.62 -12.85
CA VAL C 364 30.32 -17.63 -14.21
C VAL C 364 30.41 -19.07 -14.76
N THR C 365 31.54 -19.74 -14.58
CA THR C 365 31.76 -21.12 -15.05
C THR C 365 30.69 -22.00 -14.41
N ALA C 366 30.48 -21.84 -13.10
CA ALA C 366 29.61 -22.74 -12.30
C ALA C 366 28.17 -22.67 -12.81
N ILE C 367 27.60 -21.46 -13.03
CA ILE C 367 26.18 -21.27 -13.42
C ILE C 367 26.02 -21.71 -14.88
N LYS C 368 26.96 -21.37 -15.75
CA LYS C 368 26.97 -21.83 -17.17
C LYS C 368 26.93 -23.36 -17.24
N ARG C 369 27.66 -24.05 -16.35
CA ARG C 369 27.78 -25.53 -16.41
C ARG C 369 26.43 -26.13 -15.97
N ALA C 370 25.89 -25.61 -14.87
CA ALA C 370 24.59 -25.99 -14.29
C ALA C 370 23.47 -25.74 -15.30
N MET C 371 23.49 -24.65 -16.05
CA MET C 371 22.38 -24.32 -16.98
C MET C 371 22.49 -25.19 -18.25
N ALA C 372 23.68 -25.71 -18.60
CA ALA C 372 23.91 -26.56 -19.82
C ALA C 372 23.28 -27.96 -19.60
N GLY C 373 23.13 -28.38 -18.34
CA GLY C 373 22.43 -29.62 -18.03
C GLY C 373 23.35 -30.83 -18.05
N PRO C 374 22.96 -31.93 -17.37
CA PRO C 374 23.85 -33.04 -17.14
C PRO C 374 24.17 -33.82 -18.40
N VAL C 375 25.38 -34.43 -18.37
CA VAL C 375 26.05 -35.16 -19.48
C VAL C 375 26.81 -36.30 -18.81
N ASN C 376 26.94 -37.44 -19.46
CA ASN C 376 27.73 -38.57 -18.92
C ASN C 376 29.17 -38.39 -19.45
N SER C 377 30.06 -39.35 -19.22
CA SER C 377 31.50 -39.23 -19.62
C SER C 377 31.62 -39.08 -21.13
N ALA C 378 30.72 -39.75 -21.88
CA ALA C 378 30.66 -39.69 -23.35
C ALA C 378 30.14 -38.33 -23.83
N GLY C 379 29.47 -37.55 -22.96
CA GLY C 379 28.89 -36.26 -23.34
C GLY C 379 27.44 -36.42 -23.80
N THR C 380 26.79 -37.54 -23.50
CA THR C 380 25.35 -37.73 -23.83
C THR C 380 24.53 -36.93 -22.82
N PRO C 381 23.63 -36.03 -23.29
CA PRO C 381 22.69 -35.32 -22.43
C PRO C 381 21.75 -36.32 -21.75
N LEU C 382 21.52 -36.14 -20.46
CA LEU C 382 20.71 -36.99 -19.56
C LEU C 382 19.40 -36.29 -19.16
N TYR C 383 19.26 -34.98 -19.35
CA TYR C 383 18.01 -34.26 -19.09
C TYR C 383 17.83 -33.26 -20.22
N ASN C 384 18.12 -31.98 -19.99
CA ASN C 384 18.01 -30.91 -21.01
C ASN C 384 18.80 -29.72 -20.49
N ARG C 385 18.88 -28.62 -21.27
CA ARG C 385 19.42 -27.33 -20.80
C ARG C 385 18.27 -26.50 -20.23
N TRP C 386 18.63 -25.42 -19.57
CA TRP C 386 17.70 -24.47 -18.90
C TRP C 386 17.81 -23.14 -19.61
N ALA C 387 16.74 -22.35 -19.60
CA ALA C 387 16.70 -21.01 -20.21
C ALA C 387 17.30 -20.00 -19.26
N TRP C 388 18.16 -19.13 -19.78
CA TRP C 388 18.47 -17.84 -19.13
C TRP C 388 17.21 -16.98 -19.17
N ASP C 389 16.77 -16.46 -18.02
CA ASP C 389 15.57 -15.59 -17.94
C ASP C 389 15.72 -14.68 -16.73
N ALA C 390 15.03 -13.54 -16.76
CA ALA C 390 15.12 -12.47 -15.74
C ALA C 390 14.52 -12.96 -14.42
N GLY C 391 13.65 -13.97 -14.49
CA GLY C 391 13.01 -14.52 -13.29
C GLY C 391 13.96 -15.35 -12.44
N MET C 392 15.24 -15.40 -12.75
CA MET C 392 16.20 -16.11 -11.87
C MET C 392 16.40 -15.29 -10.58
N SER C 393 16.18 -13.99 -10.64
CA SER C 393 16.03 -13.13 -9.44
C SER C 393 14.85 -12.20 -9.65
N GLY C 394 15.04 -10.97 -9.18
CA GLY C 394 14.03 -9.91 -9.24
C GLY C 394 13.83 -9.31 -7.88
N LEU C 395 13.53 -8.01 -7.86
CA LEU C 395 13.29 -7.19 -6.66
C LEU C 395 11.88 -6.62 -6.77
N SER C 396 11.04 -6.89 -5.78
CA SER C 396 9.71 -6.23 -5.62
C SER C 396 9.64 -5.60 -4.24
N GLY C 397 9.42 -4.29 -4.22
CA GLY C 397 9.44 -3.50 -2.99
C GLY C 397 10.86 -3.37 -2.46
N THR C 398 11.21 -4.23 -1.51
CA THR C 398 12.56 -4.31 -0.89
C THR C 398 13.00 -5.76 -0.71
N THR C 399 12.29 -6.71 -1.34
CA THR C 399 12.40 -8.20 -1.18
C THR C 399 12.93 -8.84 -2.48
N TYR C 400 14.00 -9.62 -2.37
CA TYR C 400 14.54 -10.43 -3.49
C TYR C 400 13.65 -11.66 -3.69
N ASN C 401 13.39 -11.99 -4.96
CA ASN C 401 12.72 -13.23 -5.42
C ASN C 401 13.53 -14.45 -4.96
N GLN C 402 12.94 -15.36 -4.16
CA GLN C 402 13.53 -16.66 -3.75
C GLN C 402 13.03 -17.82 -4.64
N GLY C 403 12.01 -17.57 -5.46
CA GLY C 403 11.35 -18.57 -6.33
C GLY C 403 12.27 -19.40 -7.21
N TRP C 404 13.46 -18.93 -7.58
CA TRP C 404 14.40 -19.66 -8.47
C TRP C 404 15.50 -20.34 -7.64
N ARG C 405 16.13 -19.61 -6.71
CA ARG C 405 17.38 -20.05 -6.04
C ARG C 405 17.10 -21.20 -5.05
N SER C 406 15.87 -21.38 -4.57
CA SER C 406 15.54 -22.40 -3.55
C SER C 406 15.77 -23.82 -4.11
N TRP C 407 15.67 -24.01 -5.42
CA TRP C 407 15.82 -25.36 -6.04
C TRP C 407 17.28 -25.84 -6.02
N TRP C 408 18.22 -25.08 -6.62
CA TRP C 408 19.63 -25.54 -6.78
C TRP C 408 20.59 -25.01 -5.70
N LEU C 409 20.33 -23.82 -5.13
CA LEU C 409 21.27 -23.15 -4.19
C LEU C 409 20.78 -23.31 -2.76
N GLY C 410 19.52 -23.00 -2.50
CA GLY C 410 18.97 -22.84 -1.14
C GLY C 410 19.18 -21.44 -0.64
N SER C 411 18.72 -21.15 0.59
CA SER C 411 18.89 -19.86 1.32
C SER C 411 20.38 -19.56 1.61
N PHE C 412 20.86 -18.37 1.20
CA PHE C 412 22.22 -17.83 1.49
C PHE C 412 22.43 -17.74 3.00
N ASN C 413 21.43 -17.26 3.73
CA ASN C 413 21.53 -16.98 5.18
C ASN C 413 21.43 -18.28 5.95
N SER C 414 22.50 -19.08 6.00
CA SER C 414 22.44 -20.42 6.62
C SER C 414 23.82 -21.05 6.60
N SER C 415 24.12 -21.88 7.60
CA SER C 415 25.41 -22.61 7.72
C SER C 415 25.13 -24.08 7.44
N ALA C 416 23.94 -24.41 6.95
CA ALA C 416 23.65 -25.74 6.33
C ALA C 416 23.19 -25.57 4.86
N ASN C 417 23.29 -26.64 4.08
CA ASN C 417 22.69 -26.74 2.73
C ASN C 417 21.19 -26.99 2.92
N ASN C 418 20.33 -26.28 2.19
CA ASN C 418 18.86 -26.52 2.29
C ASN C 418 18.25 -26.56 0.88
N ALA C 419 19.05 -26.64 -0.18
CA ALA C 419 18.49 -26.65 -1.56
C ALA C 419 17.67 -27.94 -1.74
N GLN C 420 16.57 -27.81 -2.48
CA GLN C 420 15.76 -28.95 -2.91
C GLN C 420 16.69 -30.03 -3.48
N ARG C 421 17.61 -29.63 -4.35
CA ARG C 421 18.33 -30.59 -5.23
C ARG C 421 19.65 -31.04 -4.59
N VAL C 422 20.06 -30.39 -3.49
CA VAL C 422 21.31 -30.74 -2.75
C VAL C 422 20.95 -31.71 -1.61
N SER C 423 20.07 -31.33 -0.70
CA SER C 423 19.76 -32.13 0.50
C SER C 423 18.24 -32.24 0.76
N GLY C 424 17.40 -31.47 0.05
CA GLY C 424 15.95 -31.37 0.29
C GLY C 424 15.13 -32.51 -0.30
N PHE C 425 13.82 -32.31 -0.40
N PHE C 425 13.82 -32.32 -0.37
CA PHE C 425 12.81 -33.33 -0.83
CA PHE C 425 12.81 -33.32 -0.78
C PHE C 425 13.20 -33.91 -2.20
C PHE C 425 13.19 -33.90 -2.17
N SER C 426 13.67 -33.11 -3.13
CA SER C 426 13.95 -33.57 -4.52
C SER C 426 15.06 -34.63 -4.52
N ALA C 427 16.22 -34.34 -3.92
CA ALA C 427 17.32 -35.31 -3.79
C ALA C 427 16.86 -36.56 -3.02
N ARG C 428 16.05 -36.39 -1.98
CA ARG C 428 15.65 -37.54 -1.14
C ARG C 428 14.73 -38.46 -1.94
N SER C 429 13.78 -37.83 -2.62
CA SER C 429 12.79 -38.47 -3.52
C SER C 429 13.52 -39.30 -4.57
N TRP C 430 14.54 -38.71 -5.19
CA TRP C 430 15.30 -39.43 -6.24
C TRP C 430 15.84 -40.73 -5.62
N LEU C 431 16.43 -40.64 -4.43
CA LEU C 431 17.20 -41.74 -3.82
C LEU C 431 16.25 -42.86 -3.39
N VAL C 432 15.05 -42.51 -2.90
CA VAL C 432 14.14 -43.56 -2.33
C VAL C 432 12.98 -43.90 -3.28
N ASP C 433 12.52 -42.97 -4.14
CA ASP C 433 11.32 -43.18 -4.98
C ASP C 433 11.69 -43.58 -6.41
N PHE C 434 12.75 -43.01 -6.97
CA PHE C 434 13.04 -43.14 -8.42
C PHE C 434 14.22 -44.11 -8.66
N ALA C 435 15.20 -44.18 -7.77
CA ALA C 435 16.34 -45.11 -7.89
C ALA C 435 15.82 -46.53 -7.64
N THR C 436 16.09 -47.47 -8.53
CA THR C 436 15.73 -48.89 -8.31
C THR C 436 17.01 -49.73 -8.30
N PRO C 437 17.32 -50.52 -7.27
CA PRO C 437 16.61 -50.50 -6.00
C PRO C 437 16.71 -49.18 -5.24
N PRO C 438 15.76 -48.95 -4.32
CA PRO C 438 15.79 -47.77 -3.46
C PRO C 438 17.06 -47.71 -2.60
N GLU C 439 17.55 -46.50 -2.34
CA GLU C 439 18.78 -46.19 -1.55
C GLU C 439 18.38 -45.35 -0.34
N PRO C 440 17.76 -45.97 0.68
CA PRO C 440 17.49 -45.30 1.94
C PRO C 440 18.84 -45.07 2.62
N MET C 441 18.98 -43.94 3.32
CA MET C 441 20.17 -43.53 4.08
C MET C 441 19.75 -42.43 5.04
N PRO C 442 20.56 -42.13 6.08
CA PRO C 442 20.26 -40.99 6.96
C PRO C 442 20.24 -39.66 6.20
N MET C 443 19.42 -38.73 6.66
CA MET C 443 19.27 -37.37 6.05
C MET C 443 20.60 -36.62 5.98
N THR C 444 21.54 -36.85 6.90
CA THR C 444 22.84 -36.10 6.89
C THR C 444 23.71 -36.54 5.71
N GLN C 445 23.45 -37.69 5.07
CA GLN C 445 24.35 -38.24 4.00
C GLN C 445 23.98 -37.75 2.57
N VAL C 446 22.83 -37.07 2.41
CA VAL C 446 22.14 -36.79 1.09
C VAL C 446 22.97 -35.75 0.32
N ALA C 447 23.41 -34.66 0.95
CA ALA C 447 24.26 -33.67 0.25
C ALA C 447 25.49 -34.40 -0.30
N ALA C 448 26.15 -35.22 0.53
CA ALA C 448 27.40 -35.93 0.16
C ALA C 448 27.10 -36.90 -0.98
N ARG C 449 25.95 -37.56 -0.91
CA ARG C 449 25.52 -38.52 -1.94
C ARG C 449 25.35 -37.82 -3.29
N MET C 450 24.79 -36.60 -3.30
CA MET C 450 24.67 -35.76 -4.52
C MET C 450 26.06 -35.34 -5.02
N MET C 451 26.99 -35.04 -4.12
CA MET C 451 28.36 -34.61 -4.52
C MET C 451 29.09 -35.78 -5.20
N LYS C 452 28.92 -37.02 -4.75
CA LYS C 452 29.61 -38.24 -5.27
C LYS C 452 28.85 -38.90 -6.44
N PHE C 453 27.68 -38.41 -6.84
CA PHE C 453 26.82 -39.05 -7.86
C PHE C 453 27.63 -39.30 -9.13
N ASP C 454 27.52 -40.49 -9.70
CA ASP C 454 28.29 -40.91 -10.89
C ASP C 454 27.36 -40.85 -12.11
N PHE C 455 27.66 -40.01 -13.09
CA PHE C 455 26.79 -39.79 -14.27
C PHE C 455 26.90 -40.94 -15.27
N ASP C 456 27.68 -41.97 -14.96
CA ASP C 456 27.77 -43.18 -15.83
C ASP C 456 27.07 -44.35 -15.13
N ILE C 457 26.81 -44.26 -13.83
CA ILE C 457 26.28 -45.43 -13.06
C ILE C 457 24.88 -45.09 -12.56
N ASP C 458 24.75 -43.97 -11.86
CA ASP C 458 23.55 -43.58 -11.07
C ASP C 458 22.34 -43.32 -11.98
N PRO C 459 22.46 -42.66 -13.15
CA PRO C 459 21.32 -42.43 -14.03
C PRO C 459 20.66 -43.70 -14.59
N LEU C 460 21.37 -44.82 -14.65
CA LEU C 460 20.81 -46.10 -15.15
C LEU C 460 19.72 -46.57 -14.20
N LYS C 461 19.71 -46.08 -12.97
CA LYS C 461 18.85 -46.62 -11.90
C LYS C 461 17.38 -46.25 -12.15
N ILE C 462 17.12 -45.25 -12.97
CA ILE C 462 15.73 -44.80 -13.20
C ILE C 462 15.16 -45.69 -14.30
N TRP C 463 16.01 -46.49 -14.95
CA TRP C 463 15.54 -47.35 -16.07
C TRP C 463 15.48 -48.81 -15.60
N ALA C 464 15.98 -49.09 -14.40
CA ALA C 464 16.26 -50.46 -13.92
C ALA C 464 15.03 -51.03 -13.19
N THR C 465 14.92 -52.34 -13.21
CA THR C 465 14.01 -53.12 -12.34
C THR C 465 14.92 -53.89 -11.37
N SER C 466 14.37 -54.35 -10.25
CA SER C 466 15.12 -55.08 -9.22
C SER C 466 14.13 -55.84 -8.35
N GLY C 467 14.28 -57.17 -8.31
CA GLY C 467 13.52 -58.06 -7.44
C GLY C 467 12.05 -57.71 -7.48
N GLN C 468 11.51 -57.13 -6.40
CA GLN C 468 10.05 -56.86 -6.35
C GLN C 468 9.69 -55.53 -7.01
N PHE C 469 10.66 -54.65 -7.33
CA PHE C 469 10.42 -53.39 -8.10
C PHE C 469 10.37 -53.78 -9.57
N THR C 470 9.18 -54.12 -10.07
CA THR C 470 8.97 -54.84 -11.34
C THR C 470 8.88 -53.84 -12.49
N GLN C 471 8.83 -52.55 -12.15
CA GLN C 471 8.69 -51.45 -13.14
C GLN C 471 9.74 -50.41 -12.74
N SER C 472 10.40 -49.82 -13.70
CA SER C 472 11.34 -48.72 -13.49
C SER C 472 10.55 -47.46 -13.08
N SER C 473 11.24 -46.46 -12.57
CA SER C 473 10.60 -45.17 -12.23
C SER C 473 10.21 -44.45 -13.52
N MET C 474 10.91 -44.61 -14.63
CA MET C 474 10.45 -44.04 -15.92
C MET C 474 9.20 -44.78 -16.42
N ASP C 475 9.04 -46.08 -16.15
CA ASP C 475 7.76 -46.80 -16.47
C ASP C 475 6.61 -46.16 -15.68
N TRP C 476 6.66 -46.11 -14.34
CA TRP C 476 5.46 -45.72 -13.59
C TRP C 476 5.28 -44.20 -13.50
N HIS C 477 6.35 -43.41 -13.45
CA HIS C 477 6.26 -41.95 -13.14
C HIS C 477 6.43 -41.16 -14.43
N GLY C 478 7.37 -41.56 -15.27
CA GLY C 478 7.62 -40.91 -16.56
C GLY C 478 6.34 -40.89 -17.35
N ALA C 479 6.11 -39.80 -18.08
CA ALA C 479 4.99 -39.70 -19.02
C ALA C 479 5.52 -39.02 -20.27
N THR C 480 6.25 -39.78 -21.09
CA THR C 480 7.06 -39.24 -22.21
C THR C 480 6.45 -39.58 -23.57
N SER C 481 5.32 -40.28 -23.62
CA SER C 481 4.74 -40.81 -24.87
C SER C 481 4.10 -39.64 -25.63
N THR C 482 4.31 -39.61 -26.94
CA THR C 482 3.66 -38.66 -27.86
C THR C 482 2.46 -39.32 -28.56
N ASP C 483 2.04 -40.51 -28.15
CA ASP C 483 0.88 -41.18 -28.78
C ASP C 483 -0.41 -40.68 -28.14
N LEU C 484 -0.95 -39.55 -28.60
CA LEU C 484 -2.18 -38.95 -28.01
C LEU C 484 -3.35 -39.05 -29.00
N ALA C 485 -3.27 -39.92 -29.99
CA ALA C 485 -4.33 -40.06 -31.01
C ALA C 485 -5.69 -40.32 -30.33
N ALA C 486 -5.76 -41.31 -29.44
CA ALA C 486 -7.02 -41.74 -28.83
C ALA C 486 -7.60 -40.56 -28.04
N PHE C 487 -6.74 -39.81 -27.34
CA PHE C 487 -7.12 -38.58 -26.60
C PHE C 487 -7.71 -37.55 -27.60
N ARG C 488 -6.97 -37.20 -28.63
CA ARG C 488 -7.38 -36.26 -29.69
C ARG C 488 -8.69 -36.76 -30.33
N ASP C 489 -8.80 -38.04 -30.70
CA ASP C 489 -9.86 -38.45 -31.66
C ASP C 489 -11.19 -38.65 -30.93
N ARG C 490 -11.19 -38.75 -29.60
CA ARG C 490 -12.35 -38.58 -28.65
C ARG C 490 -12.82 -37.11 -28.40
N GLY C 491 -12.08 -36.07 -28.84
CA GLY C 491 -12.38 -34.67 -28.46
C GLY C 491 -11.53 -34.13 -27.30
N GLY C 492 -10.49 -34.85 -26.86
CA GLY C 492 -9.61 -34.37 -25.77
C GLY C 492 -8.91 -33.07 -26.13
N LYS C 493 -8.77 -32.15 -25.16
CA LYS C 493 -7.99 -30.90 -25.32
C LYS C 493 -7.01 -30.82 -24.17
N MET C 494 -5.77 -30.43 -24.46
CA MET C 494 -4.74 -30.21 -23.43
C MET C 494 -4.17 -28.79 -23.52
N ILE C 495 -4.22 -28.04 -22.42
CA ILE C 495 -3.46 -26.76 -22.28
C ILE C 495 -2.22 -27.04 -21.42
N LEU C 496 -1.02 -26.88 -21.98
CA LEU C 496 0.26 -26.98 -21.21
C LEU C 496 0.70 -25.54 -20.93
N TYR C 497 1.23 -25.27 -19.75
CA TYR C 497 1.96 -24.01 -19.45
C TYR C 497 3.20 -24.29 -18.63
N HIS C 498 4.11 -23.34 -18.58
CA HIS C 498 5.42 -23.51 -17.92
C HIS C 498 6.07 -22.14 -17.81
N GLY C 499 6.50 -21.77 -16.63
CA GLY C 499 7.26 -20.53 -16.41
C GLY C 499 8.66 -20.67 -16.96
N MET C 500 9.18 -19.66 -17.64
CA MET C 500 10.54 -19.68 -18.18
C MET C 500 11.58 -19.81 -17.07
N SER C 501 11.32 -19.35 -15.84
CA SER C 501 12.30 -19.36 -14.72
C SER C 501 11.97 -20.42 -13.67
N ASP C 502 11.39 -21.54 -14.12
CA ASP C 502 11.19 -22.76 -13.29
C ASP C 502 12.56 -23.39 -13.09
N ALA C 503 12.94 -23.65 -11.85
CA ALA C 503 14.20 -24.34 -11.53
C ALA C 503 13.93 -25.82 -11.19
N ALA C 504 12.67 -26.19 -10.93
CA ALA C 504 12.26 -27.60 -10.72
C ALA C 504 12.33 -28.35 -12.05
N PHE C 505 11.69 -27.85 -13.10
CA PHE C 505 11.71 -28.51 -14.43
C PHE C 505 11.93 -27.45 -15.52
N SER C 506 12.62 -27.84 -16.56
CA SER C 506 13.08 -26.89 -17.60
C SER C 506 11.92 -26.61 -18.57
N ALA C 507 11.55 -25.35 -18.70
CA ALA C 507 10.56 -24.94 -19.71
C ALA C 507 11.05 -25.41 -21.08
N LEU C 508 12.37 -25.47 -21.29
CA LEU C 508 12.87 -25.89 -22.62
C LEU C 508 12.63 -27.39 -22.84
N ASP C 509 12.57 -28.18 -21.78
CA ASP C 509 12.22 -29.63 -21.86
C ASP C 509 10.74 -29.81 -22.23
N THR C 510 9.83 -29.02 -21.66
CA THR C 510 8.40 -29.05 -22.03
C THR C 510 8.25 -28.69 -23.52
N ALA C 511 8.93 -27.65 -23.97
CA ALA C 511 8.91 -27.20 -25.37
C ALA C 511 9.44 -28.33 -26.26
N ASP C 512 10.52 -28.99 -25.87
CA ASP C 512 11.03 -30.12 -26.68
C ASP C 512 9.94 -31.21 -26.73
N TYR C 513 9.21 -31.48 -25.65
CA TYR C 513 8.13 -32.51 -25.72
C TYR C 513 7.12 -32.06 -26.80
N TYR C 514 6.81 -30.77 -26.79
CA TYR C 514 5.75 -30.21 -27.65
C TYR C 514 6.23 -30.28 -29.11
N GLU C 515 7.51 -30.04 -29.39
CA GLU C 515 8.06 -30.22 -30.75
C GLU C 515 7.88 -31.69 -31.18
N ARG C 516 8.17 -32.63 -30.29
CA ARG C 516 8.09 -34.07 -30.61
C ARG C 516 6.62 -34.42 -30.84
N LEU C 517 5.73 -33.82 -30.06
CA LEU C 517 4.29 -34.08 -30.22
C LEU C 517 3.84 -33.62 -31.61
N GLY C 518 4.32 -32.48 -32.11
CA GLY C 518 3.89 -31.88 -33.39
C GLY C 518 4.41 -32.65 -34.59
N ALA C 519 5.65 -33.13 -34.48
CA ALA C 519 6.31 -34.04 -35.44
C ALA C 519 5.54 -35.38 -35.49
N ALA C 520 5.13 -35.96 -34.38
CA ALA C 520 4.46 -37.29 -34.38
C ALA C 520 2.97 -37.16 -34.74
N MET C 521 2.35 -36.03 -34.44
CA MET C 521 0.90 -35.79 -34.68
C MET C 521 0.75 -34.43 -35.35
N PRO C 522 1.07 -34.30 -36.65
CA PRO C 522 0.92 -33.02 -37.36
C PRO C 522 -0.48 -32.43 -37.18
N GLY C 523 -0.60 -31.11 -37.07
CA GLY C 523 -1.89 -30.46 -36.76
C GLY C 523 -2.15 -30.43 -35.24
N ALA C 524 -1.14 -30.80 -34.41
CA ALA C 524 -1.24 -30.98 -32.95
C ALA C 524 -1.92 -29.79 -32.24
N ALA C 525 -1.74 -28.58 -32.74
CA ALA C 525 -2.30 -27.35 -32.13
C ALA C 525 -3.83 -27.31 -32.21
N GLY C 526 -4.49 -28.19 -32.98
CA GLY C 526 -5.96 -28.38 -32.98
C GLY C 526 -6.48 -29.00 -31.69
N PHE C 527 -5.63 -29.68 -30.91
CA PHE C 527 -6.08 -30.29 -29.63
C PHE C 527 -5.06 -30.05 -28.48
N ALA C 528 -3.82 -29.64 -28.73
CA ALA C 528 -2.85 -29.37 -27.62
C ALA C 528 -2.03 -28.11 -27.90
N ARG C 529 -2.02 -27.19 -26.93
CA ARG C 529 -1.19 -25.95 -27.02
C ARG C 529 -0.40 -25.74 -25.74
N LEU C 530 0.77 -25.13 -25.91
CA LEU C 530 1.74 -24.82 -24.84
C LEU C 530 1.84 -23.31 -24.69
N PHE C 531 1.68 -22.80 -23.50
CA PHE C 531 1.83 -21.38 -23.17
C PHE C 531 3.00 -21.20 -22.23
N LEU C 532 4.09 -20.67 -22.76
CA LEU C 532 5.30 -20.36 -21.95
C LEU C 532 5.12 -18.99 -21.31
N VAL C 533 5.49 -18.87 -20.04
CA VAL C 533 5.27 -17.64 -19.25
C VAL C 533 6.64 -17.05 -18.96
N PRO C 534 7.06 -16.00 -19.68
CA PRO C 534 8.34 -15.36 -19.36
C PRO C 534 8.33 -14.85 -17.92
N GLY C 535 9.46 -14.94 -17.21
CA GLY C 535 9.60 -14.37 -15.85
C GLY C 535 9.08 -15.28 -14.76
N MET C 536 8.14 -16.17 -15.05
CA MET C 536 7.44 -16.94 -13.99
C MET C 536 8.36 -18.05 -13.46
N ASN C 537 8.31 -18.29 -12.17
CA ASN C 537 9.05 -19.41 -11.53
C ASN C 537 8.22 -20.72 -11.54
N HIS C 538 8.25 -21.51 -10.46
CA HIS C 538 7.68 -22.88 -10.47
C HIS C 538 6.17 -22.76 -10.18
N CYS C 539 5.32 -22.90 -11.21
CA CYS C 539 3.84 -22.94 -11.05
C CYS C 539 3.25 -21.57 -10.69
N SER C 540 4.04 -20.64 -10.15
CA SER C 540 3.62 -19.25 -9.76
C SER C 540 4.84 -18.41 -9.37
N GLY C 541 4.63 -17.13 -9.07
CA GLY C 541 5.69 -16.25 -8.55
C GLY C 541 6.58 -15.71 -9.65
N GLY C 542 7.35 -14.68 -9.33
CA GLY C 542 8.45 -14.19 -10.19
C GLY C 542 7.98 -13.05 -11.10
N PRO C 543 8.95 -12.39 -11.79
CA PRO C 543 8.66 -11.21 -12.60
C PRO C 543 7.98 -11.63 -13.90
N GLY C 544 6.76 -12.17 -13.80
CA GLY C 544 5.97 -12.39 -15.00
C GLY C 544 4.50 -12.31 -14.72
N THR C 545 3.69 -12.54 -15.76
CA THR C 545 2.21 -12.63 -15.69
C THR C 545 1.83 -14.07 -15.36
N ASP C 546 1.78 -14.38 -14.06
CA ASP C 546 1.68 -15.75 -13.48
C ASP C 546 0.25 -16.06 -13.03
N ARG C 547 -0.67 -15.12 -13.08
CA ARG C 547 -2.10 -15.35 -12.77
C ARG C 547 -2.91 -15.40 -14.05
N PHE C 548 -3.80 -16.37 -14.12
CA PHE C 548 -4.68 -16.64 -15.27
C PHE C 548 -5.76 -17.63 -14.84
N ASP C 549 -6.85 -17.65 -15.61
CA ASP C 549 -7.98 -18.61 -15.54
C ASP C 549 -7.84 -19.59 -16.70
N MET C 550 -7.40 -20.83 -16.42
CA MET C 550 -7.18 -21.84 -17.47
C MET C 550 -8.45 -22.68 -17.63
N LEU C 551 -9.32 -22.74 -16.62
CA LEU C 551 -10.53 -23.60 -16.71
C LEU C 551 -11.44 -23.08 -17.84
N THR C 552 -11.70 -21.78 -17.89
CA THR C 552 -12.63 -21.19 -18.88
C THR C 552 -12.19 -21.57 -20.31
N PRO C 553 -10.95 -21.27 -20.74
CA PRO C 553 -10.55 -21.60 -22.10
C PRO C 553 -10.50 -23.13 -22.31
N LEU C 554 -10.25 -23.90 -21.26
CA LEU C 554 -10.29 -25.37 -21.38
C LEU C 554 -11.73 -25.81 -21.68
N VAL C 555 -12.72 -25.27 -20.98
CA VAL C 555 -14.14 -25.68 -21.17
C VAL C 555 -14.57 -25.26 -22.58
N ALA C 556 -14.09 -24.10 -23.06
CA ALA C 556 -14.42 -23.54 -24.38
C ALA C 556 -13.91 -24.48 -25.49
N TRP C 557 -12.68 -24.94 -25.33
CA TRP C 557 -11.99 -25.83 -26.28
C TRP C 557 -12.71 -27.19 -26.36
N VAL C 558 -12.91 -27.86 -25.23
CA VAL C 558 -13.56 -29.21 -25.21
C VAL C 558 -14.99 -29.12 -25.74
N GLU C 559 -15.77 -28.13 -25.30
CA GLU C 559 -17.25 -28.19 -25.44
C GLU C 559 -17.72 -27.44 -26.69
N ARG C 560 -16.98 -26.42 -27.15
CA ARG C 560 -17.37 -25.60 -28.32
C ARG C 560 -16.31 -25.63 -29.42
N GLY C 561 -15.20 -26.35 -29.27
CA GLY C 561 -14.15 -26.38 -30.32
C GLY C 561 -13.32 -25.11 -30.46
N GLU C 562 -13.47 -24.09 -29.60
CA GLU C 562 -12.69 -22.81 -29.61
C GLU C 562 -11.29 -23.01 -29.01
N ALA C 563 -10.29 -23.08 -29.87
CA ALA C 563 -8.87 -23.16 -29.49
C ALA C 563 -8.46 -21.84 -28.82
N PRO C 564 -7.68 -21.88 -27.74
CA PRO C 564 -7.15 -20.64 -27.20
C PRO C 564 -6.07 -20.05 -28.11
N ASP C 565 -6.34 -18.91 -28.74
CA ASP C 565 -5.32 -18.20 -29.56
C ASP C 565 -4.47 -17.29 -28.67
N GLN C 566 -4.98 -16.97 -27.49
CA GLN C 566 -4.28 -16.18 -26.45
C GLN C 566 -5.01 -16.47 -25.14
N ILE C 567 -4.32 -16.32 -24.03
CA ILE C 567 -4.92 -16.46 -22.68
C ILE C 567 -4.45 -15.26 -21.87
N SER C 568 -5.38 -14.48 -21.33
CA SER C 568 -5.05 -13.28 -20.52
C SER C 568 -4.31 -13.75 -19.27
N ALA C 569 -3.21 -13.08 -18.97
CA ALA C 569 -2.48 -13.28 -17.72
C ALA C 569 -2.21 -11.91 -17.07
N TRP C 570 -2.13 -11.87 -15.76
CA TRP C 570 -1.71 -10.66 -15.03
C TRP C 570 -0.68 -11.06 -13.98
N SER C 571 0.14 -10.12 -13.55
CA SER C 571 1.21 -10.38 -12.54
C SER C 571 0.60 -10.30 -11.13
N GLY C 572 0.91 -11.31 -10.32
CA GLY C 572 0.68 -11.31 -8.87
C GLY C 572 1.59 -10.32 -8.17
N THR C 573 2.73 -10.00 -8.75
CA THR C 573 3.72 -9.12 -8.09
C THR C 573 4.20 -8.09 -9.10
N PRO C 574 3.34 -7.12 -9.48
CA PRO C 574 3.69 -6.13 -10.49
C PRO C 574 4.77 -5.17 -9.99
N GLY C 575 5.03 -5.20 -8.67
CA GLY C 575 6.21 -4.54 -8.08
C GLY C 575 7.52 -4.90 -8.78
N TYR C 576 7.65 -6.10 -9.34
CA TYR C 576 8.88 -6.55 -10.02
C TYR C 576 9.24 -5.59 -11.16
N PHE C 577 8.27 -4.91 -11.76
CA PHE C 577 8.45 -4.00 -12.95
C PHE C 577 8.21 -2.54 -12.57
N GLY C 578 8.09 -2.31 -11.26
CA GLY C 578 7.76 -1.02 -10.64
C GLY C 578 6.42 -0.46 -11.05
N VAL C 579 5.34 -1.26 -11.17
CA VAL C 579 4.00 -0.75 -11.64
C VAL C 579 2.90 -1.36 -10.75
N ALA C 580 1.68 -0.84 -10.90
CA ALA C 580 0.55 -1.17 -10.01
C ALA C 580 -0.13 -2.46 -10.50
N ALA C 581 -0.05 -2.74 -11.79
CA ALA C 581 -0.74 -3.82 -12.53
C ALA C 581 -0.02 -4.07 -13.86
N ARG C 582 0.07 -5.31 -14.31
CA ARG C 582 0.46 -5.68 -15.70
C ARG C 582 -0.34 -6.92 -16.18
N THR C 583 -0.89 -6.77 -17.38
CA THR C 583 -1.79 -7.70 -18.10
C THR C 583 -1.16 -7.84 -19.50
N ARG C 584 -0.86 -9.09 -19.87
CA ARG C 584 -0.23 -9.48 -21.16
C ARG C 584 -0.94 -10.75 -21.63
N PRO C 585 -1.01 -11.02 -22.96
CA PRO C 585 -1.47 -12.32 -23.43
C PRO C 585 -0.34 -13.37 -23.28
N LEU C 586 -0.73 -14.55 -22.85
CA LEU C 586 0.10 -15.75 -23.10
C LEU C 586 -0.19 -16.21 -24.52
N CYS C 587 0.84 -16.64 -25.22
CA CYS C 587 0.75 -16.96 -26.65
C CYS C 587 1.08 -18.43 -26.83
N PRO C 588 0.33 -19.13 -27.72
CA PRO C 588 0.58 -20.53 -28.03
C PRO C 588 1.91 -20.66 -28.77
N TYR C 589 2.80 -21.49 -28.22
CA TYR C 589 4.09 -21.88 -28.82
C TYR C 589 3.94 -22.13 -30.31
N PRO C 590 4.87 -21.65 -31.18
CA PRO C 590 6.04 -20.85 -30.77
C PRO C 590 5.90 -19.30 -30.76
N GLN C 591 4.68 -18.78 -30.62
CA GLN C 591 4.42 -17.32 -30.67
C GLN C 591 4.76 -16.70 -29.30
N ILE C 592 5.04 -15.40 -29.30
CA ILE C 592 5.38 -14.59 -28.11
C ILE C 592 4.58 -13.31 -28.20
N ALA C 593 4.42 -12.62 -27.08
CA ALA C 593 3.75 -11.32 -27.00
C ALA C 593 4.64 -10.29 -27.69
N ARG C 594 4.03 -9.44 -28.49
CA ARG C 594 4.67 -8.38 -29.30
C ARG C 594 3.89 -7.10 -29.01
N TYR C 595 4.54 -6.10 -28.41
CA TYR C 595 3.97 -4.73 -28.23
C TYR C 595 3.53 -4.19 -29.60
N LYS C 596 2.34 -3.59 -29.65
CA LYS C 596 1.74 -3.04 -30.90
C LYS C 596 2.43 -1.73 -31.30
N GLY C 597 3.24 -1.12 -30.44
CA GLY C 597 4.11 0.04 -30.77
C GLY C 597 3.59 1.34 -30.18
N SER C 598 2.45 1.28 -29.47
CA SER C 598 1.78 2.45 -28.82
C SER C 598 0.79 1.98 -27.74
N GLY C 599 0.40 2.88 -26.84
CA GLY C 599 -0.51 2.62 -25.70
C GLY C 599 0.25 2.22 -24.43
N ASP C 600 -0.48 2.05 -23.33
CA ASP C 600 0.07 1.63 -22.01
C ASP C 600 0.74 0.24 -22.17
N ILE C 601 2.02 0.11 -21.79
CA ILE C 601 2.77 -1.18 -21.91
C ILE C 601 2.26 -2.21 -20.88
N ASN C 602 1.32 -1.83 -20.00
CA ASN C 602 0.87 -2.68 -18.88
C ASN C 602 -0.56 -3.15 -19.18
N THR C 603 -1.10 -2.85 -20.35
CA THR C 603 -2.45 -3.26 -20.76
C THR C 603 -2.32 -4.33 -21.85
N GLU C 604 -3.12 -5.38 -21.71
CA GLU C 604 -3.12 -6.54 -22.64
C GLU C 604 -3.50 -6.07 -24.05
N ALA C 605 -4.41 -5.12 -24.18
CA ALA C 605 -5.01 -4.74 -25.49
C ALA C 605 -3.93 -4.19 -26.43
N ASN C 606 -2.76 -3.79 -25.89
CA ASN C 606 -1.67 -3.22 -26.70
C ASN C 606 -0.66 -4.31 -27.09
N PHE C 607 -1.02 -5.57 -26.98
CA PHE C 607 -0.09 -6.67 -27.33
C PHE C 607 -0.82 -7.68 -28.22
N ALA C 608 -0.10 -8.31 -29.14
CA ALA C 608 -0.65 -9.36 -30.00
C ALA C 608 0.33 -10.54 -29.93
N CYS C 609 -0.18 -11.75 -30.20
CA CYS C 609 0.67 -12.97 -30.27
C CYS C 609 1.25 -13.03 -31.68
N ALA C 610 2.53 -13.31 -31.85
CA ALA C 610 3.11 -13.43 -33.20
C ALA C 610 4.40 -14.27 -33.18
N ALA C 611 4.80 -14.78 -34.36
CA ALA C 611 6.14 -15.35 -34.66
C ALA C 611 7.18 -14.37 -34.14
N PRO C 612 8.28 -14.83 -33.53
CA PRO C 612 9.37 -13.92 -33.16
C PRO C 612 9.96 -13.03 -34.27
N PRO C 613 10.28 -11.73 -33.97
CA PRO C 613 10.99 -10.84 -34.91
C PRO C 613 12.36 -11.38 -35.35
#